data_4R4Z
#
_entry.id   4R4Z
#
_cell.length_a   81.8
_cell.length_b   94.2
_cell.length_c   165.8
_cell.angle_alpha   90.0
_cell.angle_beta   91.4
_cell.angle_gamma   90.0
#
_symmetry.space_group_name_H-M   'P 1 21 1'
#
loop_
_entity.id
_entity.type
_entity.pdbx_description
1 polymer PNGF-II
2 water water
#
_entity_poly.entity_id   1
_entity_poly.type   'polypeptide(L)'
_entity_poly.pdbx_seq_one_letter_code
;AQTYEITYQNSFEGKINPNQNHIISITNSDKTLLFNEKIKNKKADFPFEVNEINRKNNEVSQFAFLNNNEIVKTSDNTIL
AKQEFKPTSETGKILGYNVKKAVTSVNSNTIEVWYTNDLKVKGGPSILGQDLGLVLKTVRNGSSVVEATSVKKIKALDDQ
SLFNGKNITEKDALTYKDMIWKSRFITIPVFENETINFSDASKSDQVIQRFGNGTIILKKVKIPEIKQGNTIFVELKQKS
NGDAYDRTGDVFIIPQERAISYYTGLTQGVKSLPVYQNGNGKSYQGVALTPDYLPFIELMRFFTPFGIGHFNEKIQLKGK
NWHNNTPYRQDITELRPQLSGKEILIGAFIGNYDKGGHQISLELSIHPDQQKIVNNNFVLPVFNTTNVMEMAGQDYPTMF
NSDKGVEVEFILTKDLKNAQLRYITTGHGGWGAGDEFVPKENSIYLDGKLAHAFTPWRTDCGSYRLFNPASGNFEDGLSS
SDLSRSNWCPGTITNPVYINLGNLNAGKHTIQVKIPQGAPEGSSQSFWNVSGVLLGQEHHHHHH
;
_entity_poly.pdbx_strand_id   A,B,C,D
#
# COMPACT_ATOMS: atom_id res chain seq x y z
N ALA A 1 -16.71 74.74 -50.65
CA ALA A 1 -16.07 73.47 -50.21
C ALA A 1 -15.49 72.70 -51.40
N GLN A 2 -14.20 72.89 -51.66
CA GLN A 2 -13.49 72.13 -52.67
C GLN A 2 -13.43 70.67 -52.20
N THR A 3 -13.89 69.76 -53.06
CA THR A 3 -13.81 68.33 -52.80
C THR A 3 -12.51 67.80 -53.41
N TYR A 4 -11.78 67.02 -52.64
CA TYR A 4 -10.50 66.38 -53.08
C TYR A 4 -10.59 64.85 -53.08
N GLU A 5 -9.79 64.23 -53.92
CA GLU A 5 -9.70 62.76 -54.02
C GLU A 5 -8.26 62.25 -53.87
N ILE A 6 -8.05 61.49 -52.80
CA ILE A 6 -6.73 60.98 -52.46
C ILE A 6 -6.70 59.48 -52.70
N THR A 7 -5.75 59.05 -53.51
CA THR A 7 -5.50 57.63 -53.73
C THR A 7 -4.27 57.20 -52.93
N TYR A 8 -4.36 56.02 -52.32
CA TYR A 8 -3.28 55.47 -51.49
C TYR A 8 -2.67 54.20 -52.08
N GLN A 9 -1.56 53.78 -51.49
CA GLN A 9 -0.76 52.65 -51.97
C GLN A 9 -0.18 51.89 -50.78
N ASN A 10 -0.30 50.57 -50.80
CA ASN A 10 0.12 49.72 -49.68
C ASN A 10 1.46 49.06 -49.91
N SER A 11 2.38 49.31 -48.98
CA SER A 11 3.68 48.66 -49.01
C SER A 11 3.88 47.86 -47.75
N PHE A 12 4.72 46.82 -47.88
CA PHE A 12 5.10 46.00 -46.72
C PHE A 12 6.58 45.69 -46.76
N GLU A 13 7.34 46.54 -46.06
CA GLU A 13 8.80 46.45 -45.98
C GLU A 13 9.45 46.66 -47.34
N GLY A 14 8.85 47.54 -48.13
CA GLY A 14 9.31 47.79 -49.50
C GLY A 14 8.44 47.13 -50.55
N LYS A 15 7.94 45.93 -50.24
CA LYS A 15 7.11 45.15 -51.18
C LYS A 15 5.79 45.86 -51.47
N ILE A 16 5.74 46.53 -52.62
CA ILE A 16 4.52 47.17 -53.10
C ILE A 16 3.65 46.08 -53.72
N ASN A 17 2.45 45.91 -53.20
CA ASN A 17 1.59 44.83 -53.71
C ASN A 17 1.17 45.05 -55.17
N PRO A 18 1.17 43.97 -55.97
CA PRO A 18 0.99 44.19 -57.41
C PRO A 18 -0.45 44.59 -57.77
N ASN A 19 -1.38 43.66 -57.55
CA ASN A 19 -2.78 43.84 -57.91
C ASN A 19 -3.54 44.19 -56.66
N GLN A 20 -3.13 45.27 -56.03
CA GLN A 20 -3.82 45.74 -54.83
C GLN A 20 -5.04 46.57 -55.17
N ASN A 21 -6.00 46.55 -54.24
CA ASN A 21 -7.20 47.38 -54.34
C ASN A 21 -7.01 48.73 -53.64
N HIS A 22 -6.61 49.72 -54.42
CA HIS A 22 -6.14 50.99 -53.87
C HIS A 22 -7.23 51.63 -53.02
N ILE A 23 -6.85 52.03 -51.81
CA ILE A 23 -7.73 52.79 -50.92
C ILE A 23 -7.91 54.20 -51.47
N ILE A 24 -9.14 54.70 -51.42
CA ILE A 24 -9.49 56.03 -51.92
C ILE A 24 -10.23 56.82 -50.84
N SER A 25 -9.88 58.10 -50.73
CA SER A 25 -10.48 58.98 -49.73
C SER A 25 -10.93 60.28 -50.38
N ILE A 26 -12.23 60.38 -50.64
CA ILE A 26 -12.84 61.63 -51.11
C ILE A 26 -13.18 62.48 -49.90
N THR A 27 -12.95 63.79 -50.01
CA THR A 27 -13.07 64.66 -48.82
C THR A 27 -13.29 66.15 -49.15
N ASN A 28 -14.03 66.83 -48.28
CA ASN A 28 -14.14 68.30 -48.27
C ASN A 28 -14.36 68.77 -46.83
N SER A 29 -14.50 70.07 -46.64
CA SER A 29 -14.71 70.64 -45.28
C SER A 29 -15.96 70.12 -44.55
N ASP A 30 -16.94 69.63 -45.30
CA ASP A 30 -18.19 69.17 -44.70
C ASP A 30 -18.14 67.68 -44.38
N LYS A 31 -18.08 66.86 -45.43
CA LYS A 31 -18.08 65.39 -45.29
C LYS A 31 -16.76 64.81 -45.80
N THR A 32 -16.53 63.54 -45.49
CA THR A 32 -15.42 62.78 -46.08
C THR A 32 -15.87 61.33 -46.24
N LEU A 33 -15.39 60.69 -47.29
CA LEU A 33 -15.80 59.34 -47.66
C LEU A 33 -14.57 58.44 -47.79
N LEU A 34 -14.60 57.29 -47.13
CA LEU A 34 -13.50 56.34 -47.20
C LEU A 34 -13.97 55.03 -47.84
N PHE A 35 -13.24 54.59 -48.86
CA PHE A 35 -13.59 53.36 -49.62
C PHE A 35 -12.42 52.95 -50.52
N ASN A 36 -12.68 52.28 -51.65
CA ASN A 36 -11.61 51.86 -52.56
C ASN A 36 -12.06 51.64 -54.01
N GLU A 37 -11.09 51.32 -54.88
CA GLU A 37 -11.29 51.22 -56.33
C GLU A 37 -12.47 50.33 -56.70
N LYS A 38 -12.49 49.12 -56.16
CA LYS A 38 -13.52 48.15 -56.55
C LYS A 38 -14.91 48.60 -56.09
N ILE A 39 -14.97 49.18 -54.90
CA ILE A 39 -16.21 49.72 -54.38
C ILE A 39 -16.69 50.90 -55.25
N LYS A 40 -15.75 51.72 -55.71
CA LYS A 40 -16.06 52.86 -56.58
C LYS A 40 -16.62 52.40 -57.94
N ASN A 41 -15.97 51.41 -58.54
CA ASN A 41 -16.36 50.90 -59.86
C ASN A 41 -17.31 49.71 -59.80
N LYS A 42 -17.91 49.50 -58.63
CA LYS A 42 -18.94 48.47 -58.42
C LYS A 42 -18.44 47.07 -58.76
N LYS A 43 -17.17 46.82 -58.46
CA LYS A 43 -16.52 45.52 -58.69
C LYS A 43 -16.28 44.77 -57.38
N ALA A 44 -16.75 45.32 -56.27
CA ALA A 44 -16.47 44.75 -54.95
C ALA A 44 -17.33 43.53 -54.63
N ASP A 45 -16.70 42.52 -54.03
CA ASP A 45 -17.41 41.31 -53.56
C ASP A 45 -17.99 41.53 -52.17
N PHE A 46 -19.19 41.04 -51.95
CA PHE A 46 -19.82 41.16 -50.64
C PHE A 46 -19.14 40.23 -49.65
N PRO A 47 -19.02 40.65 -48.40
CA PRO A 47 -19.48 41.93 -47.88
C PRO A 47 -18.36 42.95 -47.98
N PHE A 48 -18.70 44.24 -47.89
CA PHE A 48 -17.70 45.30 -47.86
C PHE A 48 -18.18 46.56 -47.16
N GLU A 49 -17.25 47.24 -46.50
CA GLU A 49 -17.57 48.39 -45.67
C GLU A 49 -17.15 49.71 -46.29
N VAL A 50 -17.87 50.76 -45.89
CA VAL A 50 -17.62 52.12 -46.35
C VAL A 50 -17.83 53.08 -45.19
N ASN A 51 -16.88 53.98 -44.98
CA ASN A 51 -16.98 54.95 -43.89
C ASN A 51 -17.25 56.37 -44.37
N GLU A 52 -18.03 57.10 -43.58
CA GLU A 52 -18.29 58.52 -43.84
C GLU A 52 -18.24 59.28 -42.54
N ILE A 53 -17.57 60.42 -42.58
CA ILE A 53 -17.41 61.25 -41.40
C ILE A 53 -18.09 62.58 -41.68
N ASN A 54 -19.04 62.94 -40.84
CA ASN A 54 -19.65 64.26 -40.93
C ASN A 54 -18.87 65.24 -40.06
N ARG A 55 -18.18 66.18 -40.70
CA ARG A 55 -17.26 67.08 -39.98
C ARG A 55 -17.97 68.11 -39.09
N LYS A 56 -19.24 68.38 -39.37
CA LYS A 56 -20.05 69.28 -38.53
C LYS A 56 -20.15 68.79 -37.06
N ASN A 57 -20.04 67.48 -36.87
CA ASN A 57 -20.15 66.89 -35.54
C ASN A 57 -19.31 65.62 -35.30
N ASN A 58 -18.35 65.38 -36.19
CA ASN A 58 -17.44 64.23 -36.11
C ASN A 58 -18.15 62.90 -35.90
N GLU A 59 -19.31 62.78 -36.56
CA GLU A 59 -20.08 61.55 -36.49
C GLU A 59 -19.56 60.58 -37.53
N VAL A 60 -18.92 59.53 -37.06
CA VAL A 60 -18.35 58.52 -37.94
C VAL A 60 -19.40 57.46 -38.23
N SER A 61 -19.79 57.35 -39.49
CA SER A 61 -20.81 56.39 -39.87
C SER A 61 -20.18 55.30 -40.72
N GLN A 62 -20.23 54.06 -40.26
CA GLN A 62 -19.78 52.91 -41.04
C GLN A 62 -20.96 52.23 -41.72
N PHE A 63 -20.83 52.01 -43.03
CA PHE A 63 -21.88 51.36 -43.84
C PHE A 63 -21.39 50.02 -44.35
N ALA A 64 -22.12 48.96 -44.02
CA ALA A 64 -21.75 47.61 -44.47
C ALA A 64 -22.69 47.13 -45.54
N PHE A 65 -22.12 46.72 -46.66
CA PHE A 65 -22.89 46.21 -47.81
C PHE A 65 -22.87 44.70 -47.75
N LEU A 66 -23.98 44.12 -47.33
CA LEU A 66 -24.06 42.68 -47.10
C LEU A 66 -24.40 41.90 -48.36
N ASN A 67 -25.29 42.46 -49.15
CA ASN A 67 -25.77 41.82 -50.37
C ASN A 67 -26.41 42.86 -51.28
N ASN A 68 -26.98 42.42 -52.39
CA ASN A 68 -27.52 43.32 -53.42
C ASN A 68 -28.65 44.24 -52.97
N ASN A 69 -29.36 43.84 -51.93
CA ASN A 69 -30.52 44.59 -51.45
C ASN A 69 -30.24 45.34 -50.16
N GLU A 70 -29.76 44.62 -49.17
CA GLU A 70 -29.63 45.19 -47.83
C GLU A 70 -28.24 45.76 -47.48
N ILE A 71 -28.28 46.95 -46.89
CA ILE A 71 -27.13 47.64 -46.30
C ILE A 71 -27.45 47.92 -44.83
N VAL A 72 -26.43 47.93 -43.98
CA VAL A 72 -26.59 48.30 -42.56
C VAL A 72 -25.51 49.27 -42.10
N LYS A 73 -25.86 50.14 -41.17
CA LYS A 73 -24.92 51.13 -40.69
C LYS A 73 -24.93 51.32 -39.20
N THR A 74 -23.84 51.87 -38.70
CA THR A 74 -23.72 52.23 -37.31
C THR A 74 -22.95 53.53 -37.22
N SER A 75 -23.42 54.42 -36.36
CA SER A 75 -22.81 55.71 -36.19
C SER A 75 -22.23 55.86 -34.80
N ASP A 76 -21.26 56.73 -34.66
CA ASP A 76 -20.66 57.07 -33.37
C ASP A 76 -19.90 58.40 -33.46
N ASN A 77 -20.20 59.33 -32.56
CA ASN A 77 -19.51 60.66 -32.57
C ASN A 77 -18.45 60.80 -31.50
N THR A 78 -17.99 59.67 -30.97
CA THR A 78 -17.02 59.64 -29.87
C THR A 78 -15.72 58.95 -30.25
N ILE A 79 -15.57 58.55 -31.50
CA ILE A 79 -14.40 57.79 -31.93
C ILE A 79 -13.14 58.67 -32.01
N LEU A 80 -13.26 59.80 -32.70
CA LEU A 80 -12.12 60.66 -32.96
C LEU A 80 -11.57 61.32 -31.71
N ALA A 81 -12.45 61.60 -30.75
CA ALA A 81 -12.03 62.19 -29.47
C ALA A 81 -11.19 61.20 -28.65
N LYS A 82 -11.55 59.93 -28.71
CA LYS A 82 -10.88 58.87 -27.96
C LYS A 82 -9.50 58.49 -28.50
N GLN A 83 -9.19 58.93 -29.72
CA GLN A 83 -7.87 58.71 -30.30
C GLN A 83 -6.81 59.61 -29.66
N GLU A 84 -5.93 59.01 -28.86
CA GLU A 84 -4.88 59.76 -28.20
C GLU A 84 -3.64 59.78 -29.09
N PHE A 85 -3.21 60.98 -29.50
CA PHE A 85 -2.00 61.11 -30.30
C PHE A 85 -0.93 61.92 -29.59
N LYS A 86 0.28 61.37 -29.52
CA LYS A 86 1.43 62.11 -29.01
C LYS A 86 2.07 62.84 -30.19
N PRO A 87 2.33 64.16 -30.06
CA PRO A 87 2.94 64.89 -31.15
C PRO A 87 4.47 64.77 -31.19
N THR A 88 5.06 65.01 -32.36
CA THR A 88 6.51 65.01 -32.55
C THR A 88 6.97 66.20 -33.37
N SER A 89 8.27 66.48 -33.34
CA SER A 89 8.82 67.62 -34.06
C SER A 89 9.12 67.31 -35.51
N GLU A 90 8.98 66.05 -35.91
CA GLU A 90 9.33 65.65 -37.26
C GLU A 90 8.31 66.14 -38.29
N THR A 91 8.84 66.64 -39.41
CA THR A 91 8.04 67.17 -40.52
C THR A 91 8.67 66.84 -41.89
N GLY A 92 7.99 67.19 -42.97
CA GLY A 92 8.49 66.93 -44.32
C GLY A 92 7.50 67.30 -45.42
N LYS A 93 7.65 66.67 -46.58
CA LYS A 93 6.74 66.87 -47.72
C LYS A 93 6.30 65.53 -48.29
N ILE A 94 5.01 65.44 -48.60
CA ILE A 94 4.46 64.29 -49.32
C ILE A 94 3.61 64.88 -50.45
N LEU A 95 3.97 64.56 -51.68
CA LEU A 95 3.31 65.13 -52.87
C LEU A 95 3.20 66.66 -52.86
N GLY A 96 4.26 67.30 -52.37
CA GLY A 96 4.33 68.74 -52.30
C GLY A 96 3.80 69.33 -51.00
N TYR A 97 2.78 68.71 -50.42
CA TYR A 97 2.10 69.27 -49.25
C TYR A 97 2.95 69.05 -48.01
N ASN A 98 2.91 70.03 -47.12
CA ASN A 98 3.66 69.97 -45.87
C ASN A 98 2.97 69.11 -44.83
N VAL A 99 3.77 68.27 -44.18
CA VAL A 99 3.23 67.27 -43.25
C VAL A 99 3.93 67.26 -41.90
N LYS A 100 3.23 66.71 -40.92
CA LYS A 100 3.72 66.61 -39.55
C LYS A 100 3.46 65.21 -39.05
N LYS A 101 4.44 64.61 -38.39
CA LYS A 101 4.27 63.28 -37.83
C LYS A 101 3.62 63.32 -36.45
N ALA A 102 2.75 62.34 -36.20
CA ALA A 102 2.17 62.14 -34.88
C ALA A 102 2.11 60.64 -34.60
N VAL A 103 2.23 60.27 -33.33
CA VAL A 103 2.33 58.87 -32.94
C VAL A 103 1.22 58.43 -32.00
N THR A 104 0.89 57.15 -32.08
CA THR A 104 -0.09 56.56 -31.19
C THR A 104 0.19 55.06 -31.02
N SER A 105 -0.54 54.43 -30.09
CA SER A 105 -0.48 52.97 -29.94
C SER A 105 -1.89 52.38 -29.85
N VAL A 106 -2.18 51.49 -30.77
CA VAL A 106 -3.44 50.76 -30.80
C VAL A 106 -3.14 49.31 -30.40
N ASN A 107 -3.52 48.94 -29.19
CA ASN A 107 -3.27 47.58 -28.70
C ASN A 107 -1.83 47.12 -28.95
N SER A 108 -0.87 47.79 -28.30
CA SER A 108 0.55 47.43 -28.40
C SER A 108 1.15 47.54 -29.81
N ASN A 109 0.50 48.29 -30.69
CA ASN A 109 1.04 48.59 -32.02
C ASN A 109 1.44 50.04 -32.10
N THR A 110 2.59 50.33 -32.71
CA THR A 110 3.02 51.72 -32.89
C THR A 110 2.60 52.21 -34.27
N ILE A 111 1.71 53.20 -34.28
CA ILE A 111 1.26 53.79 -35.53
C ILE A 111 1.78 55.23 -35.66
N GLU A 112 2.54 55.49 -36.74
CA GLU A 112 2.95 56.85 -37.10
C GLU A 112 2.02 57.39 -38.16
N VAL A 113 1.62 58.65 -37.98
CA VAL A 113 0.64 59.29 -38.85
C VAL A 113 1.20 60.60 -39.35
N TRP A 114 1.39 60.69 -40.65
CA TRP A 114 1.84 61.94 -41.28
C TRP A 114 0.66 62.63 -41.91
N TYR A 115 0.38 63.84 -41.45
CA TYR A 115 -0.81 64.61 -41.87
C TYR A 115 -0.46 66.05 -42.28
N THR A 116 -1.28 66.59 -43.17
CA THR A 116 -1.14 67.97 -43.64
C THR A 116 -2.38 68.78 -43.31
N ASN A 117 -2.16 70.04 -42.98
CA ASN A 117 -3.24 70.98 -42.70
C ASN A 117 -3.35 72.03 -43.78
N ASP A 118 -2.66 71.81 -44.89
CA ASP A 118 -2.47 72.85 -45.91
C ASP A 118 -3.78 73.19 -46.63
N LEU A 119 -4.50 72.15 -47.03
CA LEU A 119 -5.75 72.28 -47.77
C LEU A 119 -6.99 72.56 -46.91
N LYS A 120 -6.80 72.61 -45.60
CA LYS A 120 -7.90 72.87 -44.65
C LYS A 120 -9.09 71.92 -44.88
N VAL A 121 -8.76 70.68 -45.19
CA VAL A 121 -9.73 69.58 -45.18
C VAL A 121 -9.07 68.42 -44.44
N LYS A 122 -9.88 67.44 -44.05
CA LYS A 122 -9.38 66.29 -43.31
C LYS A 122 -9.73 64.99 -44.01
N GLY A 123 -8.94 63.97 -43.74
CA GLY A 123 -9.09 62.69 -44.44
C GLY A 123 -8.00 61.73 -44.08
N GLY A 124 -7.96 60.61 -44.79
CA GLY A 124 -6.95 59.58 -44.53
C GLY A 124 -7.36 58.22 -45.08
N PRO A 125 -6.41 57.26 -45.05
CA PRO A 125 -6.66 55.89 -45.50
C PRO A 125 -7.37 55.02 -44.46
N SER A 126 -7.42 55.47 -43.22
CA SER A 126 -8.12 54.74 -42.18
C SER A 126 -8.73 55.71 -41.20
N ILE A 127 -9.51 55.17 -40.29
CA ILE A 127 -10.09 55.97 -39.22
C ILE A 127 -9.02 56.71 -38.40
N LEU A 128 -7.86 56.08 -38.26
CA LEU A 128 -6.77 56.70 -37.48
C LEU A 128 -6.32 58.04 -38.04
N GLY A 129 -6.27 59.03 -37.15
CA GLY A 129 -5.71 60.36 -37.44
C GLY A 129 -6.59 61.26 -38.27
N GLN A 130 -7.86 60.91 -38.37
CA GLN A 130 -8.81 61.67 -39.17
C GLN A 130 -8.99 63.08 -38.62
N ASP A 131 -8.93 63.22 -37.30
CA ASP A 131 -9.17 64.53 -36.70
C ASP A 131 -7.95 65.45 -36.80
N LEU A 132 -6.77 64.89 -36.98
CA LEU A 132 -5.53 65.68 -37.06
C LEU A 132 -5.48 66.57 -38.29
N GLY A 133 -5.79 65.98 -39.42
CA GLY A 133 -5.82 66.69 -40.68
C GLY A 133 -6.01 65.71 -41.81
N LEU A 134 -5.38 65.98 -42.93
CA LEU A 134 -5.40 65.04 -44.08
C LEU A 134 -4.18 64.13 -44.00
N VAL A 135 -4.42 62.89 -43.64
CA VAL A 135 -3.37 61.90 -43.48
C VAL A 135 -2.95 61.41 -44.85
N LEU A 136 -1.69 61.64 -45.18
CA LEU A 136 -1.13 61.18 -46.46
C LEU A 136 -0.28 59.92 -46.35
N LYS A 137 0.12 59.56 -45.14
CA LYS A 137 0.95 58.38 -44.90
C LYS A 137 0.83 57.86 -43.47
N THR A 138 0.56 56.56 -43.36
CA THR A 138 0.59 55.87 -42.06
C THR A 138 1.57 54.68 -42.07
N VAL A 139 2.23 54.48 -40.93
CA VAL A 139 3.24 53.44 -40.76
C VAL A 139 2.91 52.63 -39.52
N ARG A 140 2.43 51.40 -39.72
CA ARG A 140 2.14 50.47 -38.62
C ARG A 140 3.32 49.53 -38.33
N ASN A 141 3.87 49.64 -37.11
CA ASN A 141 5.00 48.82 -36.63
C ASN A 141 6.28 48.95 -37.48
N GLY A 142 6.41 50.07 -38.19
CA GLY A 142 7.54 50.36 -39.09
C GLY A 142 7.45 49.68 -40.46
N SER A 143 6.87 48.50 -40.46
CA SER A 143 6.87 47.61 -41.63
C SER A 143 5.77 47.97 -42.64
N SER A 144 4.53 47.99 -42.17
CA SER A 144 3.37 48.27 -43.04
C SER A 144 3.17 49.75 -43.30
N VAL A 145 3.20 50.12 -44.57
CA VAL A 145 3.08 51.52 -45.00
C VAL A 145 1.86 51.68 -45.91
N VAL A 146 1.20 52.83 -45.76
CA VAL A 146 0.11 53.20 -46.63
C VAL A 146 0.31 54.65 -47.01
N GLU A 147 0.98 54.86 -48.14
CA GLU A 147 1.32 56.19 -48.60
C GLU A 147 0.41 56.64 -49.74
N ALA A 148 0.12 57.94 -49.76
CA ALA A 148 -0.71 58.54 -50.81
C ALA A 148 0.07 58.65 -52.11
N THR A 149 -0.56 58.31 -53.22
CA THR A 149 0.07 58.44 -54.54
C THR A 149 -0.32 59.76 -55.21
N SER A 150 -1.61 60.08 -55.22
CA SER A 150 -2.09 61.30 -55.90
C SER A 150 -3.16 62.01 -55.09
N VAL A 151 -3.33 63.30 -55.35
CA VAL A 151 -4.33 64.14 -54.68
C VAL A 151 -4.97 65.09 -55.69
N LYS A 152 -6.04 64.62 -56.33
CA LYS A 152 -6.72 65.40 -57.39
C LYS A 152 -7.91 66.20 -56.87
N LYS A 153 -8.21 67.31 -57.53
CA LYS A 153 -9.43 68.08 -57.23
C LYS A 153 -10.57 67.52 -58.07
N ILE A 154 -11.73 67.31 -57.46
CA ILE A 154 -12.90 66.78 -58.18
C ILE A 154 -14.15 67.64 -58.01
N LYS A 155 -15.17 67.33 -58.79
CA LYS A 155 -16.37 68.16 -58.91
C LYS A 155 -17.14 68.24 -57.60
N ALA A 156 -17.58 67.10 -57.10
CA ALA A 156 -18.37 67.06 -55.85
C ALA A 156 -18.37 65.67 -55.24
N LEU A 157 -18.55 65.64 -53.92
CA LEU A 157 -18.68 64.38 -53.18
C LEU A 157 -20.13 63.92 -53.34
N ASP A 158 -20.34 62.90 -54.15
CA ASP A 158 -21.68 62.37 -54.38
C ASP A 158 -21.69 60.87 -54.17
N ASP A 159 -22.40 60.44 -53.15
CA ASP A 159 -22.47 59.03 -52.80
C ASP A 159 -23.84 58.44 -53.08
N GLN A 160 -24.68 59.19 -53.80
CA GLN A 160 -26.03 58.74 -54.07
C GLN A 160 -26.01 57.48 -54.96
N SER A 161 -25.20 57.52 -56.01
CA SER A 161 -25.03 56.39 -56.97
C SER A 161 -24.50 55.14 -56.29
N LEU A 162 -23.82 55.34 -55.17
CA LEU A 162 -23.24 54.24 -54.42
C LEU A 162 -24.31 53.45 -53.65
N PHE A 163 -25.35 54.15 -53.18
CA PHE A 163 -26.42 53.54 -52.39
C PHE A 163 -27.69 52.99 -53.04
N ASN A 164 -28.48 53.87 -53.63
CA ASN A 164 -29.79 53.48 -54.12
C ASN A 164 -30.10 52.02 -53.72
N ASN A 167 -31.35 49.45 -49.41
CA ASN A 167 -32.16 49.54 -48.20
C ASN A 167 -31.34 49.59 -46.91
N ILE A 168 -31.14 50.81 -46.41
CA ILE A 168 -30.30 51.04 -45.23
C ILE A 168 -31.08 50.78 -43.94
N THR A 169 -30.43 50.08 -43.02
CA THR A 169 -31.00 49.76 -41.71
C THR A 169 -29.97 50.11 -40.64
N GLU A 170 -30.31 51.01 -39.75
CA GLU A 170 -29.38 51.41 -38.71
C GLU A 170 -29.28 50.35 -37.60
N LYS A 171 -28.06 49.93 -37.29
CA LYS A 171 -27.82 48.97 -36.21
C LYS A 171 -26.83 49.50 -35.19
N ASP A 172 -26.77 48.83 -34.04
CA ASP A 172 -25.76 49.13 -33.01
C ASP A 172 -24.43 48.46 -33.37
N ALA A 173 -23.37 48.94 -32.72
CA ALA A 173 -22.00 48.54 -33.06
C ALA A 173 -21.78 47.04 -33.02
N LEU A 174 -22.24 46.38 -31.96
CA LEU A 174 -22.02 44.94 -31.81
C LEU A 174 -22.73 44.13 -32.88
N THR A 175 -23.99 44.46 -33.12
CA THR A 175 -24.78 43.82 -34.20
C THR A 175 -24.19 44.09 -35.57
N TYR A 176 -23.77 45.33 -35.80
CA TYR A 176 -23.11 45.69 -37.06
C TYR A 176 -21.97 44.70 -37.37
N LYS A 177 -21.03 44.53 -36.43
CA LYS A 177 -19.87 43.62 -36.62
C LYS A 177 -20.32 42.16 -36.83
N ASP A 178 -21.30 41.75 -36.03
CA ASP A 178 -21.81 40.39 -36.06
C ASP A 178 -22.42 40.07 -37.44
N MET A 179 -23.25 40.97 -37.95
CA MET A 179 -23.95 40.71 -39.20
C MET A 179 -23.00 40.61 -40.39
N ILE A 180 -21.90 41.34 -40.32
CA ILE A 180 -20.85 41.25 -41.32
C ILE A 180 -20.20 39.87 -41.26
N TRP A 181 -19.90 39.44 -40.05
CA TRP A 181 -19.28 38.14 -39.83
C TRP A 181 -20.13 37.01 -40.39
N LYS A 182 -21.40 36.99 -40.03
CA LYS A 182 -22.33 35.93 -40.46
C LYS A 182 -22.53 35.85 -41.98
N SER A 183 -22.30 36.98 -42.66
CA SER A 183 -22.39 37.02 -44.13
C SER A 183 -21.19 36.40 -44.87
N ARG A 184 -20.08 36.24 -44.17
CA ARG A 184 -18.85 35.67 -44.78
C ARG A 184 -18.88 34.13 -44.98
N PHE A 185 -19.79 33.47 -44.28
CA PHE A 185 -19.91 32.03 -44.37
C PHE A 185 -21.35 31.61 -44.33
N ILE A 186 -21.57 30.33 -44.63
CA ILE A 186 -22.89 29.74 -44.60
C ILE A 186 -23.17 29.08 -43.25
N THR A 187 -24.35 29.37 -42.69
CA THR A 187 -24.76 28.80 -41.41
C THR A 187 -26.05 28.03 -41.60
N ILE A 188 -26.14 26.86 -41.00
CA ILE A 188 -27.29 25.99 -41.20
C ILE A 188 -27.94 25.68 -39.87
N PRO A 189 -28.99 26.42 -39.54
CA PRO A 189 -29.63 26.12 -38.27
C PRO A 189 -30.20 24.73 -38.27
N VAL A 190 -30.14 24.06 -37.12
CA VAL A 190 -30.69 22.72 -36.98
C VAL A 190 -31.65 22.70 -35.80
N PHE A 191 -31.13 23.05 -34.63
CA PHE A 191 -31.95 23.16 -33.41
C PHE A 191 -31.66 24.44 -32.67
N GLU A 192 -32.69 24.91 -31.96
CA GLU A 192 -32.56 26.10 -31.12
C GLU A 192 -33.39 25.91 -29.83
N ASN A 193 -32.69 25.84 -28.69
CA ASN A 193 -33.31 25.68 -27.36
C ASN A 193 -34.24 24.48 -27.20
N GLU A 194 -33.98 23.45 -27.98
CA GLU A 194 -34.77 22.23 -27.96
C GLU A 194 -34.38 21.41 -26.74
N THR A 195 -35.37 20.93 -26.00
CA THR A 195 -35.09 20.15 -24.82
C THR A 195 -34.99 18.68 -25.21
N ILE A 196 -34.01 17.99 -24.62
CA ILE A 196 -33.87 16.53 -24.73
C ILE A 196 -34.22 15.92 -23.39
N ASN A 197 -35.13 14.96 -23.42
CA ASN A 197 -35.84 14.48 -22.23
C ASN A 197 -35.83 13.01 -22.02
N PHE A 198 -36.47 12.62 -20.92
CA PHE A 198 -37.03 11.28 -20.77
C PHE A 198 -38.44 11.41 -20.19
N SER A 199 -39.43 11.41 -21.08
CA SER A 199 -40.81 11.65 -20.70
C SER A 199 -41.81 10.86 -21.53
N ASP A 200 -42.91 10.49 -20.90
CA ASP A 200 -44.01 9.83 -21.59
C ASP A 200 -44.76 10.83 -22.46
N ALA A 201 -44.71 12.09 -22.05
CA ALA A 201 -45.36 13.20 -22.76
C ALA A 201 -44.57 13.74 -23.94
N SER A 202 -43.35 13.25 -24.11
CA SER A 202 -42.50 13.77 -25.18
C SER A 202 -42.94 13.17 -26.52
N LYS A 203 -43.45 14.01 -27.42
CA LYS A 203 -43.98 13.57 -28.72
C LYS A 203 -43.38 14.38 -29.86
N SER A 204 -43.37 13.79 -31.04
CA SER A 204 -42.89 14.47 -32.24
C SER A 204 -43.92 15.46 -32.78
N ASP A 205 -43.45 16.42 -33.58
CA ASP A 205 -44.33 17.42 -34.22
C ASP A 205 -44.03 17.55 -35.72
N GLN A 206 -44.67 18.50 -36.39
CA GLN A 206 -44.50 18.65 -37.85
C GLN A 206 -43.04 18.88 -38.29
N VAL A 207 -42.29 19.65 -37.50
CA VAL A 207 -40.90 20.03 -37.84
C VAL A 207 -39.88 19.01 -37.33
N ILE A 208 -39.98 18.66 -36.05
CA ILE A 208 -38.98 17.83 -35.38
C ILE A 208 -39.59 16.49 -34.97
N GLN A 209 -38.84 15.42 -35.19
CA GLN A 209 -39.23 14.09 -34.75
C GLN A 209 -38.43 13.67 -33.52
N ARG A 210 -39.13 13.11 -32.55
CA ARG A 210 -38.52 12.73 -31.28
C ARG A 210 -38.74 11.25 -31.03
N PHE A 211 -37.68 10.57 -30.60
CA PHE A 211 -37.72 9.13 -30.34
C PHE A 211 -37.11 8.86 -28.99
N GLY A 212 -37.25 7.61 -28.54
CA GLY A 212 -36.71 7.20 -27.23
C GLY A 212 -37.20 8.02 -26.04
N ASN A 213 -38.48 8.38 -26.02
CA ASN A 213 -39.09 9.19 -24.94
C ASN A 213 -38.43 10.55 -24.84
N GLY A 214 -38.14 11.12 -26.00
CA GLY A 214 -37.57 12.48 -26.07
C GLY A 214 -36.05 12.54 -25.94
N THR A 215 -35.45 11.37 -25.75
CA THR A 215 -34.01 11.24 -25.59
C THR A 215 -33.23 11.42 -26.90
N ILE A 216 -33.94 11.24 -28.03
CA ILE A 216 -33.42 11.42 -29.38
C ILE A 216 -34.24 12.48 -30.12
N ILE A 217 -33.53 13.42 -30.76
CA ILE A 217 -34.11 14.49 -31.57
C ILE A 217 -33.68 14.30 -33.02
N LEU A 218 -34.54 14.65 -33.97
CA LEU A 218 -34.28 14.38 -35.39
C LEU A 218 -34.95 15.37 -36.35
N LYS A 219 -34.24 15.71 -37.42
CA LYS A 219 -34.68 16.68 -38.44
C LYS A 219 -34.16 16.35 -39.81
N LYS A 220 -34.94 16.71 -40.81
CA LYS A 220 -34.51 16.63 -42.18
C LYS A 220 -34.05 18.03 -42.54
N VAL A 221 -32.80 18.19 -42.93
CA VAL A 221 -32.32 19.50 -43.42
C VAL A 221 -31.63 19.37 -44.78
N LYS A 222 -31.73 20.43 -45.59
CA LYS A 222 -31.04 20.47 -46.88
C LYS A 222 -29.69 21.19 -46.76
N ILE A 223 -28.67 20.55 -47.29
CA ILE A 223 -27.32 21.11 -47.32
C ILE A 223 -26.94 21.39 -48.78
N PRO A 224 -26.37 22.57 -49.04
CA PRO A 224 -26.05 22.92 -50.42
C PRO A 224 -24.86 22.13 -50.90
N GLU A 225 -24.60 22.18 -52.20
CA GLU A 225 -23.43 21.50 -52.75
C GLU A 225 -22.21 22.23 -52.21
N ILE A 226 -21.45 21.57 -51.35
CA ILE A 226 -20.25 22.17 -50.77
C ILE A 226 -19.04 21.60 -51.51
N LYS A 227 -18.20 22.48 -52.04
CA LYS A 227 -17.13 22.06 -52.96
C LYS A 227 -15.83 21.68 -52.24
N GLN A 228 -15.01 20.86 -52.89
CA GLN A 228 -13.75 20.39 -52.31
C GLN A 228 -12.89 21.61 -52.00
N GLY A 229 -12.47 21.72 -50.75
CA GLY A 229 -11.62 22.85 -50.33
C GLY A 229 -12.22 23.59 -49.16
N ASN A 230 -13.54 23.61 -49.09
CA ASN A 230 -14.24 24.31 -48.01
C ASN A 230 -14.16 23.47 -46.76
N THR A 231 -14.21 24.14 -45.61
CA THR A 231 -14.21 23.46 -44.30
C THR A 231 -15.61 23.41 -43.70
N ILE A 232 -15.85 22.44 -42.83
CA ILE A 232 -17.16 22.25 -42.19
C ILE A 232 -17.04 22.02 -40.70
N PHE A 233 -17.91 22.67 -39.95
CA PHE A 233 -17.91 22.54 -38.48
C PHE A 233 -19.31 22.25 -37.94
N VAL A 234 -19.36 21.74 -36.72
CA VAL A 234 -20.61 21.43 -36.04
C VAL A 234 -20.58 22.05 -34.67
N GLU A 235 -21.29 23.14 -34.48
CA GLU A 235 -21.37 23.78 -33.17
C GLU A 235 -22.61 23.36 -32.42
N LEU A 236 -22.42 22.97 -31.17
CA LEU A 236 -23.50 22.53 -30.31
C LEU A 236 -23.33 23.20 -28.95
N LYS A 237 -24.40 23.82 -28.46
CA LYS A 237 -24.43 24.38 -27.12
C LYS A 237 -25.36 23.56 -26.26
N GLN A 238 -24.96 23.35 -25.02
CA GLN A 238 -25.70 22.46 -24.13
C GLN A 238 -25.78 23.01 -22.73
N LYS A 239 -26.90 22.70 -22.08
CA LYS A 239 -27.19 23.21 -20.76
C LYS A 239 -28.22 22.30 -20.10
N SER A 240 -28.12 22.11 -18.80
CA SER A 240 -29.04 21.23 -18.08
C SER A 240 -30.34 21.93 -17.71
N ASN A 241 -31.42 21.15 -17.74
CA ASN A 241 -32.78 21.61 -17.42
C ASN A 241 -33.35 20.81 -16.28
N GLY A 242 -32.47 20.17 -15.50
CA GLY A 242 -32.89 19.35 -14.36
C GLY A 242 -31.97 18.17 -14.12
N ASP A 243 -31.51 17.54 -15.19
CA ASP A 243 -30.60 16.40 -15.08
C ASP A 243 -29.22 16.81 -14.56
N ALA A 244 -28.77 16.11 -13.55
CA ALA A 244 -27.53 16.46 -12.86
C ALA A 244 -26.39 15.57 -13.26
N TYR A 245 -26.62 14.74 -14.26
CA TYR A 245 -25.73 13.64 -14.51
C TYR A 245 -24.84 13.81 -15.73
N ASP A 246 -23.92 12.88 -15.76
CA ASP A 246 -22.75 12.90 -16.58
C ASP A 246 -22.97 12.12 -17.87
N ARG A 247 -23.84 12.64 -18.72
CA ARG A 247 -24.45 11.85 -19.80
C ARG A 247 -23.63 11.81 -21.06
N THR A 248 -23.80 10.73 -21.83
CA THR A 248 -23.06 10.55 -23.05
C THR A 248 -23.93 11.06 -24.18
N GLY A 249 -23.45 12.11 -24.82
CA GLY A 249 -24.16 12.76 -25.91
C GLY A 249 -23.61 12.35 -27.26
N ASP A 250 -24.33 12.69 -28.32
CA ASP A 250 -23.91 12.30 -29.66
C ASP A 250 -24.71 12.95 -30.77
N VAL A 251 -24.06 13.79 -31.55
CA VAL A 251 -24.67 14.42 -32.72
C VAL A 251 -24.39 13.52 -33.88
N PHE A 252 -25.44 13.14 -34.60
CA PHE A 252 -25.31 12.06 -35.57
C PHE A 252 -26.05 12.32 -36.85
N ILE A 253 -25.79 11.46 -37.80
CA ILE A 253 -26.32 11.57 -39.15
C ILE A 253 -26.70 10.20 -39.64
N ILE A 254 -27.86 10.09 -40.27
CA ILE A 254 -28.28 8.81 -40.82
C ILE A 254 -28.02 8.79 -42.31
N PRO A 255 -27.16 7.86 -42.76
CA PRO A 255 -26.99 7.62 -44.18
C PRO A 255 -27.99 6.58 -44.77
N GLN A 256 -28.80 7.05 -45.71
CA GLN A 256 -29.84 6.22 -46.31
C GLN A 256 -29.43 5.78 -47.70
N GLU A 257 -28.15 5.43 -47.82
CA GLU A 257 -27.56 5.13 -49.12
C GLU A 257 -28.04 3.75 -49.53
N ARG A 258 -28.21 2.88 -48.53
CA ARG A 258 -28.63 1.48 -48.77
C ARG A 258 -30.03 1.22 -48.29
N ALA A 259 -30.48 -0.01 -48.55
CA ALA A 259 -31.88 -0.46 -48.37
C ALA A 259 -32.39 -0.20 -46.98
N ILE A 260 -31.62 -0.61 -46.00
CA ILE A 260 -31.93 -0.32 -44.61
C ILE A 260 -31.04 0.81 -44.08
N SER A 261 -31.59 1.54 -43.14
CA SER A 261 -30.87 2.61 -42.45
C SER A 261 -31.26 2.61 -40.99
N TYR A 262 -30.53 3.39 -40.21
CA TYR A 262 -30.78 3.51 -38.77
C TYR A 262 -32.16 4.10 -38.53
N TYR A 263 -32.61 4.97 -39.43
CA TYR A 263 -33.97 5.55 -39.39
C TYR A 263 -35.04 4.47 -39.43
N THR A 264 -34.77 3.39 -40.14
CA THR A 264 -35.68 2.24 -40.16
C THR A 264 -35.82 1.72 -38.74
N GLY A 265 -34.70 1.70 -38.03
CA GLY A 265 -34.67 1.30 -36.63
C GLY A 265 -35.50 2.19 -35.73
N LEU A 266 -35.33 3.51 -35.89
CA LEU A 266 -36.08 4.50 -35.09
C LEU A 266 -37.58 4.35 -35.28
N THR A 267 -37.99 4.19 -36.53
CA THR A 267 -39.42 4.15 -36.89
C THR A 267 -40.06 2.80 -36.57
N GLN A 268 -39.46 1.72 -37.06
CA GLN A 268 -40.06 0.37 -36.98
C GLN A 268 -39.54 -0.51 -35.86
N GLY A 269 -38.66 0.04 -35.03
CA GLY A 269 -38.07 -0.70 -33.92
C GLY A 269 -36.75 -1.35 -34.28
N VAL A 270 -36.02 -1.77 -33.26
CA VAL A 270 -34.69 -2.38 -33.44
C VAL A 270 -34.75 -3.78 -34.05
N LYS A 271 -35.96 -4.34 -34.12
CA LYS A 271 -36.17 -5.64 -34.80
C LYS A 271 -35.73 -5.55 -36.26
N SER A 272 -36.05 -4.43 -36.91
CA SER A 272 -35.79 -4.27 -38.35
C SER A 272 -34.31 -4.12 -38.68
N LEU A 273 -33.49 -3.81 -37.68
CA LEU A 273 -32.05 -3.69 -37.87
C LEU A 273 -31.37 -5.05 -37.89
N PRO A 274 -30.27 -5.18 -38.67
CA PRO A 274 -29.53 -6.44 -38.72
C PRO A 274 -28.89 -6.81 -37.38
N VAL A 275 -29.03 -8.08 -37.05
CA VAL A 275 -28.52 -8.62 -35.82
C VAL A 275 -27.06 -8.97 -36.01
N TYR A 276 -26.20 -8.42 -35.18
CA TYR A 276 -24.81 -8.81 -35.12
C TYR A 276 -24.57 -9.76 -33.94
N GLN A 277 -23.91 -10.88 -34.22
CA GLN A 277 -23.60 -11.88 -33.18
C GLN A 277 -22.14 -12.24 -33.19
N ASN A 278 -21.64 -12.49 -32.00
CA ASN A 278 -20.22 -12.54 -31.72
C ASN A 278 -19.79 -13.93 -31.26
N GLY A 279 -20.75 -14.76 -30.87
CA GLY A 279 -20.48 -16.05 -30.23
C GLY A 279 -20.45 -15.92 -28.71
N ASN A 280 -20.39 -14.69 -28.22
CA ASN A 280 -20.38 -14.40 -26.79
C ASN A 280 -21.72 -14.69 -26.09
N GLY A 281 -22.74 -15.08 -26.86
CA GLY A 281 -24.03 -15.49 -26.29
C GLY A 281 -25.10 -14.43 -26.47
N LYS A 282 -24.74 -13.16 -26.30
CA LYS A 282 -25.67 -12.03 -26.51
C LYS A 282 -25.85 -11.76 -28.02
N SER A 283 -26.72 -10.81 -28.32
CA SER A 283 -26.83 -10.28 -29.68
C SER A 283 -27.04 -8.74 -29.67
N TYR A 284 -26.60 -8.09 -30.74
CA TYR A 284 -26.62 -6.61 -30.85
C TYR A 284 -27.23 -6.13 -32.17
N GLN A 285 -27.76 -4.91 -32.16
CA GLN A 285 -28.57 -4.43 -33.29
C GLN A 285 -27.99 -3.20 -33.98
N GLY A 286 -27.92 -3.27 -35.31
CA GLY A 286 -27.53 -2.11 -36.15
C GLY A 286 -26.09 -1.65 -36.00
N VAL A 287 -25.26 -2.55 -35.51
CA VAL A 287 -23.89 -2.25 -35.11
C VAL A 287 -22.93 -2.24 -36.28
N ALA A 288 -23.05 -3.25 -37.14
CA ALA A 288 -22.13 -3.45 -38.26
C ALA A 288 -22.78 -3.18 -39.60
N LEU A 289 -21.94 -2.96 -40.58
CA LEU A 289 -22.37 -2.83 -41.98
C LEU A 289 -22.74 -4.21 -42.56
N THR A 290 -23.76 -4.22 -43.40
CA THR A 290 -24.13 -5.41 -44.18
C THR A 290 -24.24 -5.01 -45.65
N PRO A 291 -24.39 -5.99 -46.55
CA PRO A 291 -24.53 -5.68 -47.96
C PRO A 291 -25.60 -4.63 -48.28
N ASP A 292 -26.66 -4.58 -47.48
CA ASP A 292 -27.71 -3.59 -47.71
C ASP A 292 -28.19 -2.91 -46.41
N TYR A 293 -27.21 -2.50 -45.60
CA TYR A 293 -27.45 -1.67 -44.42
C TYR A 293 -26.21 -0.85 -44.02
N LEU A 294 -26.43 0.38 -43.57
CA LEU A 294 -25.34 1.22 -43.06
C LEU A 294 -25.62 1.73 -41.65
N PRO A 295 -24.65 1.57 -40.74
CA PRO A 295 -24.79 2.18 -39.44
C PRO A 295 -24.65 3.70 -39.49
N PHE A 296 -25.20 4.38 -38.51
CA PHE A 296 -25.20 5.83 -38.52
C PHE A 296 -23.80 6.40 -38.26
N ILE A 297 -23.58 7.61 -38.75
CA ILE A 297 -22.32 8.32 -38.58
C ILE A 297 -22.43 9.32 -37.44
N GLU A 298 -21.43 9.31 -36.57
CA GLU A 298 -21.37 10.26 -35.47
C GLU A 298 -20.61 11.50 -35.90
N LEU A 299 -21.30 12.63 -36.04
CA LEU A 299 -20.61 13.90 -36.31
C LEU A 299 -19.72 14.32 -35.15
N MET A 300 -20.23 14.15 -33.95
CA MET A 300 -19.55 14.63 -32.78
C MET A 300 -20.04 13.86 -31.57
N ARG A 301 -19.15 13.08 -30.96
CA ARG A 301 -19.48 12.44 -29.67
C ARG A 301 -18.98 13.32 -28.55
N PHE A 302 -19.89 13.67 -27.66
CA PHE A 302 -19.59 14.60 -26.58
C PHE A 302 -20.16 14.10 -25.28
N PHE A 303 -19.80 14.78 -24.20
CA PHE A 303 -20.28 14.40 -22.87
C PHE A 303 -20.73 15.60 -22.04
N THR A 304 -21.91 15.51 -21.46
CA THR A 304 -22.45 16.61 -20.69
C THR A 304 -21.77 16.62 -19.34
N PRO A 305 -21.54 17.81 -18.82
CA PRO A 305 -21.11 17.88 -17.45
C PRO A 305 -22.24 17.60 -16.47
N PHE A 306 -21.87 17.58 -15.20
CA PHE A 306 -22.81 17.36 -14.13
C PHE A 306 -23.70 18.59 -13.92
N GLY A 307 -24.79 18.64 -14.68
CA GLY A 307 -25.91 19.57 -14.43
C GLY A 307 -25.59 21.04 -14.49
N ILE A 308 -24.95 21.45 -15.58
CA ILE A 308 -24.54 22.83 -15.74
C ILE A 308 -25.75 23.74 -16.00
N GLY A 309 -25.70 24.92 -15.38
CA GLY A 309 -26.78 25.91 -15.47
C GLY A 309 -27.82 25.72 -14.40
N HIS A 310 -28.53 24.61 -14.51
CA HIS A 310 -29.59 24.31 -13.58
C HIS A 310 -29.12 24.31 -12.12
N PHE A 311 -27.99 23.67 -11.85
CA PHE A 311 -27.52 23.50 -10.47
C PHE A 311 -26.53 24.55 -10.00
N ASN A 312 -26.41 25.66 -10.71
CA ASN A 312 -25.38 26.65 -10.38
C ASN A 312 -25.70 27.42 -9.10
N GLU A 313 -26.95 27.84 -8.97
CA GLU A 313 -27.39 28.55 -7.78
C GLU A 313 -27.59 27.57 -6.63
N LYS A 314 -27.96 26.33 -6.94
CA LYS A 314 -28.26 25.31 -5.91
C LYS A 314 -27.03 24.78 -5.21
N ILE A 315 -25.98 24.54 -5.97
CA ILE A 315 -24.73 24.03 -5.41
C ILE A 315 -23.63 25.09 -5.36
N GLN A 316 -23.30 25.51 -4.15
CA GLN A 316 -22.39 26.63 -3.95
C GLN A 316 -21.15 26.23 -3.21
N LEU A 317 -20.03 26.29 -3.91
CA LEU A 317 -18.74 25.95 -3.33
C LEU A 317 -17.85 27.17 -3.38
N LYS A 318 -17.11 27.38 -2.30
CA LYS A 318 -16.31 28.59 -2.13
C LYS A 318 -15.25 28.69 -3.19
N GLY A 319 -15.18 29.86 -3.82
CA GLY A 319 -14.21 30.13 -4.91
C GLY A 319 -14.44 29.36 -6.21
N LYS A 320 -15.69 29.05 -6.53
CA LYS A 320 -16.05 28.32 -7.76
C LYS A 320 -17.25 28.94 -8.48
N ASN A 321 -16.98 29.80 -9.46
CA ASN A 321 -18.03 30.39 -10.30
C ASN A 321 -18.32 29.50 -11.49
N TRP A 322 -19.47 28.84 -11.46
CA TRP A 322 -19.81 27.87 -12.48
C TRP A 322 -20.07 28.59 -13.79
N HIS A 323 -19.80 27.93 -14.90
CA HIS A 323 -20.18 28.44 -16.22
C HIS A 323 -21.67 28.18 -16.47
N ASN A 324 -22.25 28.92 -17.41
CA ASN A 324 -23.70 28.84 -17.66
C ASN A 324 -24.15 27.78 -18.65
N ASN A 325 -23.28 27.45 -19.60
CA ASN A 325 -23.55 26.41 -20.58
C ASN A 325 -22.26 25.88 -21.19
N THR A 326 -22.37 24.76 -21.87
CA THR A 326 -21.21 24.06 -22.41
C THR A 326 -21.16 24.13 -23.93
N PRO A 327 -20.08 24.68 -24.48
CA PRO A 327 -19.93 24.71 -25.91
C PRO A 327 -19.16 23.50 -26.44
N TYR A 328 -19.51 23.09 -27.66
CA TYR A 328 -18.80 22.04 -28.38
C TYR A 328 -18.77 22.33 -29.89
N ARG A 329 -17.60 22.41 -30.52
CA ARG A 329 -17.53 22.25 -32.00
C ARG A 329 -16.36 21.45 -32.51
N GLN A 330 -16.69 20.66 -33.53
CA GLN A 330 -15.75 19.75 -34.14
C GLN A 330 -15.66 20.06 -35.62
N ASP A 331 -14.44 20.01 -36.12
CA ASP A 331 -14.15 20.15 -37.54
C ASP A 331 -14.49 18.83 -38.22
N ILE A 332 -15.46 18.87 -39.12
CA ILE A 332 -15.88 17.66 -39.82
C ILE A 332 -15.78 17.79 -41.35
N THR A 333 -14.74 18.47 -41.77
CA THR A 333 -14.42 18.61 -43.18
C THR A 333 -14.28 17.25 -43.87
N GLU A 334 -13.77 16.25 -43.14
CA GLU A 334 -13.56 14.89 -43.67
C GLU A 334 -14.82 14.22 -44.13
N LEU A 335 -15.95 14.71 -43.64
CA LEU A 335 -17.25 14.13 -43.94
C LEU A 335 -17.96 14.82 -45.10
N ARG A 336 -17.22 15.60 -45.86
CA ARG A 336 -17.81 16.38 -46.94
C ARG A 336 -18.68 15.55 -47.88
N PRO A 337 -18.15 14.43 -48.41
CA PRO A 337 -18.92 13.65 -49.40
C PRO A 337 -20.29 13.18 -48.95
N GLN A 338 -20.44 12.81 -47.67
CA GLN A 338 -21.77 12.41 -47.16
C GLN A 338 -22.73 13.58 -46.98
N LEU A 339 -22.19 14.78 -46.85
CA LEU A 339 -23.01 15.96 -46.58
C LEU A 339 -23.38 16.75 -47.82
N SER A 340 -22.39 16.95 -48.69
CA SER A 340 -22.50 17.87 -49.83
C SER A 340 -23.73 17.56 -50.69
N GLY A 341 -24.54 18.59 -50.93
CA GLY A 341 -25.68 18.54 -51.86
C GLY A 341 -26.72 17.49 -51.49
N LYS A 342 -26.97 17.38 -50.20
CA LYS A 342 -27.69 16.24 -49.66
C LYS A 342 -28.83 16.75 -48.81
N GLU A 343 -29.91 15.99 -48.77
CA GLU A 343 -31.03 16.27 -47.88
C GLU A 343 -30.94 15.30 -46.69
N ILE A 344 -29.90 15.46 -45.90
CA ILE A 344 -29.57 14.51 -44.85
C ILE A 344 -30.40 14.67 -43.57
N LEU A 345 -30.61 13.55 -42.88
CA LEU A 345 -31.28 13.49 -41.56
C LEU A 345 -30.30 13.67 -40.42
N ILE A 346 -30.37 14.82 -39.76
CA ILE A 346 -29.50 15.12 -38.64
C ILE A 346 -30.28 14.93 -37.38
N GLY A 347 -29.59 14.48 -36.35
CA GLY A 347 -30.17 14.32 -35.04
C GLY A 347 -29.19 14.52 -33.89
N ALA A 348 -29.77 14.54 -32.70
CA ALA A 348 -29.02 14.72 -31.46
C ALA A 348 -29.54 13.73 -30.44
N PHE A 349 -28.63 13.15 -29.67
CA PHE A 349 -28.98 12.17 -28.63
C PHE A 349 -28.31 12.53 -27.34
N ILE A 350 -29.04 12.41 -26.24
CA ILE A 350 -28.42 12.45 -24.94
C ILE A 350 -29.06 11.41 -24.03
N GLY A 351 -28.29 10.38 -23.72
CA GLY A 351 -28.73 9.28 -22.81
C GLY A 351 -29.15 9.83 -21.47
N ASN A 352 -30.44 9.72 -21.18
CA ASN A 352 -31.06 10.54 -20.13
C ASN A 352 -32.22 9.84 -19.45
N TYR A 353 -32.39 10.10 -18.15
CA TYR A 353 -33.51 9.54 -17.35
C TYR A 353 -34.22 10.61 -16.54
N ASP A 354 -34.43 11.77 -17.13
CA ASP A 354 -34.94 12.95 -16.42
C ASP A 354 -36.06 13.61 -17.20
N LYS A 355 -37.02 14.18 -16.48
CA LYS A 355 -38.18 14.82 -17.11
C LYS A 355 -37.78 16.18 -17.63
N GLY A 356 -37.00 16.90 -16.84
CA GLY A 356 -36.47 18.20 -17.23
C GLY A 356 -35.38 18.06 -18.27
N GLY A 357 -34.37 17.28 -17.93
CA GLY A 357 -33.34 16.87 -18.89
C GLY A 357 -32.34 17.94 -19.27
N HIS A 358 -32.09 18.07 -20.57
CA HIS A 358 -31.13 19.03 -21.08
C HIS A 358 -31.75 19.87 -22.16
N GLN A 359 -30.99 20.88 -22.57
CA GLN A 359 -31.41 21.80 -23.60
C GLN A 359 -30.29 22.09 -24.56
N ILE A 360 -30.63 22.08 -25.84
CA ILE A 360 -29.64 22.01 -26.89
C ILE A 360 -29.82 23.10 -27.94
N SER A 361 -28.72 23.53 -28.55
CA SER A 361 -28.76 24.40 -29.74
C SER A 361 -27.69 23.98 -30.74
N LEU A 362 -28.13 23.44 -31.88
CA LEU A 362 -27.22 22.87 -32.88
C LEU A 362 -27.16 23.65 -34.19
N GLU A 363 -25.94 23.86 -34.67
CA GLU A 363 -25.69 24.52 -35.95
C GLU A 363 -24.59 23.83 -36.71
N LEU A 364 -24.71 23.86 -38.03
CA LEU A 364 -23.60 23.52 -38.92
C LEU A 364 -23.09 24.81 -39.52
N SER A 365 -21.82 24.82 -39.92
CA SER A 365 -21.27 25.98 -40.62
C SER A 365 -20.30 25.56 -41.68
N ILE A 366 -20.45 26.13 -42.87
CA ILE A 366 -19.58 25.84 -44.00
C ILE A 366 -18.83 27.11 -44.38
N HIS A 367 -17.53 26.99 -44.56
CA HIS A 367 -16.69 28.17 -44.75
C HIS A 367 -15.89 28.11 -46.04
N PRO A 368 -15.77 29.23 -46.75
CA PRO A 368 -15.15 29.26 -48.06
C PRO A 368 -13.64 29.26 -48.00
N ASP A 369 -13.07 28.08 -47.78
CA ASP A 369 -11.63 27.89 -47.79
C ASP A 369 -11.20 27.19 -49.06
N GLN A 370 -9.89 27.05 -49.22
CA GLN A 370 -9.32 26.21 -50.27
C GLN A 370 -8.28 25.27 -49.66
N GLN A 371 -8.59 24.68 -48.51
CA GLN A 371 -7.62 23.82 -47.81
C GLN A 371 -7.35 22.57 -48.65
N LYS A 372 -6.14 22.07 -48.58
CA LYS A 372 -5.76 20.88 -49.36
C LYS A 372 -4.98 19.90 -48.48
N ILE A 373 -5.50 19.72 -47.27
CA ILE A 373 -4.91 18.86 -46.26
C ILE A 373 -5.80 17.67 -46.12
N VAL A 374 -7.07 17.92 -45.87
CA VAL A 374 -8.08 16.86 -45.85
C VAL A 374 -8.59 16.69 -47.26
N ASN A 375 -8.12 15.64 -47.93
CA ASN A 375 -8.40 15.45 -49.37
C ASN A 375 -9.11 14.16 -49.71
N ASN A 376 -9.87 13.65 -48.74
CA ASN A 376 -10.60 12.43 -48.95
C ASN A 376 -11.84 12.67 -49.82
N ASN A 377 -12.08 11.71 -50.70
CA ASN A 377 -13.14 11.72 -51.68
C ASN A 377 -14.34 10.82 -51.35
N PHE A 378 -14.11 9.90 -50.43
CA PHE A 378 -14.99 8.77 -50.19
C PHE A 378 -15.23 8.63 -48.71
N VAL A 379 -16.46 8.27 -48.35
CA VAL A 379 -16.82 8.04 -46.94
C VAL A 379 -17.73 6.82 -46.84
N LEU A 380 -17.39 5.89 -45.94
CA LEU A 380 -18.19 4.67 -45.75
C LEU A 380 -18.26 4.32 -44.27
N PRO A 381 -19.46 4.42 -43.67
CA PRO A 381 -19.59 4.02 -42.26
C PRO A 381 -19.53 2.51 -42.13
N VAL A 382 -18.56 2.02 -41.38
CA VAL A 382 -18.32 0.58 -41.30
C VAL A 382 -19.03 -0.05 -40.10
N PHE A 383 -18.81 0.54 -38.93
CA PHE A 383 -19.47 0.06 -37.72
C PHE A 383 -19.79 1.21 -36.78
N ASN A 384 -20.64 0.93 -35.80
CA ASN A 384 -21.03 1.88 -34.77
C ASN A 384 -21.76 1.18 -33.63
N THR A 385 -21.02 0.90 -32.55
CA THR A 385 -21.56 0.16 -31.43
C THR A 385 -22.36 1.02 -30.47
N THR A 386 -22.26 2.35 -30.59
CA THR A 386 -22.90 3.22 -29.58
C THR A 386 -24.39 3.12 -29.77
N ASN A 387 -25.07 2.81 -28.68
CA ASN A 387 -26.52 2.64 -28.70
C ASN A 387 -27.22 3.97 -28.42
N VAL A 388 -27.45 4.73 -29.48
CA VAL A 388 -28.29 5.91 -29.38
C VAL A 388 -29.72 5.52 -28.96
N MET A 389 -30.16 4.34 -29.40
CA MET A 389 -31.46 3.80 -29.02
C MET A 389 -31.39 3.06 -27.70
N GLU A 390 -30.78 3.72 -26.71
CA GLU A 390 -30.60 3.15 -25.37
C GLU A 390 -31.97 3.03 -24.72
N MET A 391 -32.79 4.07 -24.86
CA MET A 391 -34.17 4.05 -24.38
C MET A 391 -35.14 3.72 -25.52
N ALA A 392 -34.73 2.79 -26.37
CA ALA A 392 -35.54 2.35 -27.51
C ALA A 392 -35.24 0.92 -27.99
N GLY A 393 -34.70 0.09 -27.10
CA GLY A 393 -34.55 -1.35 -27.35
C GLY A 393 -33.13 -1.81 -27.59
N GLN A 394 -32.27 -0.89 -28.03
CA GLN A 394 -30.91 -1.23 -28.42
C GLN A 394 -30.07 -1.56 -27.22
N ASP A 395 -29.35 -2.67 -27.29
CA ASP A 395 -28.53 -3.12 -26.16
C ASP A 395 -27.23 -2.34 -26.10
N TYR A 396 -26.61 -2.39 -24.94
CA TYR A 396 -25.33 -1.72 -24.72
C TYR A 396 -24.23 -2.53 -25.36
N PRO A 397 -23.17 -1.86 -25.83
CA PRO A 397 -22.09 -2.56 -26.51
C PRO A 397 -21.18 -3.35 -25.57
N THR A 398 -21.61 -4.58 -25.27
CA THR A 398 -20.86 -5.47 -24.40
C THR A 398 -20.25 -6.61 -25.19
N MET A 399 -20.06 -6.38 -26.48
CA MET A 399 -19.65 -7.46 -27.41
C MET A 399 -18.18 -7.83 -27.23
N PHE A 400 -17.38 -6.86 -26.78
CA PHE A 400 -15.91 -7.02 -26.68
C PHE A 400 -15.48 -7.97 -25.56
N ASN A 401 -16.50 -8.35 -24.80
CA ASN A 401 -16.48 -9.52 -23.95
C ASN A 401 -15.80 -10.73 -24.60
N SER A 402 -16.16 -10.98 -25.85
CA SER A 402 -15.55 -12.05 -26.67
C SER A 402 -14.35 -11.55 -27.46
N ASP A 403 -13.54 -12.48 -27.93
CA ASP A 403 -12.28 -12.16 -28.63
C ASP A 403 -12.52 -11.65 -30.04
N LYS A 404 -13.53 -12.16 -30.72
CA LYS A 404 -13.85 -11.70 -32.08
C LYS A 404 -14.19 -10.21 -32.10
N GLY A 405 -14.85 -9.72 -31.06
CA GLY A 405 -15.17 -8.28 -30.93
C GLY A 405 -16.11 -7.83 -32.01
N VAL A 406 -15.74 -6.76 -32.70
CA VAL A 406 -16.54 -6.25 -33.82
C VAL A 406 -15.82 -6.52 -35.12
N GLU A 407 -16.22 -7.59 -35.79
CA GLU A 407 -15.68 -7.93 -37.12
C GLU A 407 -16.66 -7.57 -38.21
N VAL A 408 -16.19 -6.87 -39.23
CA VAL A 408 -17.05 -6.37 -40.31
C VAL A 408 -16.46 -6.65 -41.67
N GLU A 409 -17.16 -7.47 -42.42
CA GLU A 409 -16.80 -7.70 -43.82
C GLU A 409 -17.48 -6.64 -44.68
N PHE A 410 -16.70 -5.92 -45.47
CA PHE A 410 -17.25 -4.97 -46.45
C PHE A 410 -16.56 -5.08 -47.77
N ILE A 411 -17.16 -4.50 -48.80
CA ILE A 411 -16.67 -4.66 -50.16
C ILE A 411 -16.50 -3.31 -50.87
N LEU A 412 -15.28 -3.01 -51.31
CA LEU A 412 -15.01 -1.79 -52.11
C LEU A 412 -15.12 -2.05 -53.60
N THR A 413 -15.93 -1.26 -54.30
CA THR A 413 -16.12 -1.43 -55.74
C THR A 413 -14.98 -0.83 -56.54
N LYS A 414 -14.34 0.18 -55.99
CA LYS A 414 -13.20 0.84 -56.65
C LYS A 414 -12.03 0.92 -55.71
N ASP A 415 -10.84 1.09 -56.26
CA ASP A 415 -9.60 1.18 -55.44
C ASP A 415 -9.58 2.44 -54.61
N LEU A 416 -8.87 2.39 -53.49
CA LEU A 416 -8.91 3.46 -52.49
C LEU A 416 -7.51 3.91 -52.00
N LYS A 417 -7.17 5.16 -52.28
CA LYS A 417 -5.87 5.71 -51.91
C LYS A 417 -5.90 6.42 -50.54
N ASN A 418 -4.79 6.34 -49.82
CA ASN A 418 -4.63 6.99 -48.50
C ASN A 418 -5.82 6.73 -47.59
N ALA A 419 -6.24 5.48 -47.57
CA ALA A 419 -7.39 5.11 -46.78
C ALA A 419 -7.02 5.27 -45.32
N GLN A 420 -8.05 5.59 -44.54
CA GLN A 420 -7.89 5.65 -43.11
C GLN A 420 -9.23 5.43 -42.43
N LEU A 421 -9.16 5.13 -41.14
CA LEU A 421 -10.34 4.85 -40.35
C LEU A 421 -10.54 5.96 -39.33
N ARG A 422 -11.72 6.57 -39.36
CA ARG A 422 -12.12 7.56 -38.36
C ARG A 422 -12.70 6.85 -37.14
N TYR A 423 -11.90 6.81 -36.09
CA TYR A 423 -12.19 5.92 -34.96
C TYR A 423 -12.47 6.70 -33.70
N ILE A 424 -13.69 6.59 -33.23
CA ILE A 424 -14.06 7.19 -31.94
C ILE A 424 -14.35 6.12 -30.88
N THR A 425 -13.70 6.28 -29.73
CA THR A 425 -13.76 5.28 -28.66
C THR A 425 -13.99 5.92 -27.31
N THR A 426 -14.88 5.31 -26.56
CA THR A 426 -15.03 5.66 -25.16
C THR A 426 -15.38 4.40 -24.39
N GLY A 427 -14.70 4.24 -23.25
CA GLY A 427 -14.95 3.13 -22.33
C GLY A 427 -15.90 3.49 -21.23
N HIS A 428 -16.67 2.51 -20.77
CA HIS A 428 -17.73 2.76 -19.79
C HIS A 428 -17.82 1.67 -18.75
N GLY A 429 -18.54 2.00 -17.69
CA GLY A 429 -18.62 1.16 -16.50
C GLY A 429 -18.26 2.00 -15.29
N GLY A 430 -19.28 2.58 -14.67
CA GLY A 430 -19.11 3.61 -13.66
C GLY A 430 -18.81 3.07 -12.28
N TRP A 431 -17.69 2.39 -12.15
CA TRP A 431 -17.15 2.01 -10.84
C TRP A 431 -15.67 1.74 -10.97
N GLY A 432 -14.99 1.69 -9.84
CA GLY A 432 -13.50 1.58 -9.79
C GLY A 432 -12.85 0.52 -10.66
N ALA A 433 -13.47 -0.65 -10.75
CA ALA A 433 -12.95 -1.72 -11.60
C ALA A 433 -13.61 -1.73 -12.97
N GLY A 434 -14.54 -0.80 -13.21
CA GLY A 434 -15.20 -0.68 -14.53
C GLY A 434 -14.33 -0.01 -15.57
N ASP A 435 -14.68 -0.18 -16.85
CA ASP A 435 -13.85 0.30 -17.98
C ASP A 435 -13.96 1.80 -18.23
N GLU A 436 -14.76 2.49 -17.43
CA GLU A 436 -14.79 3.96 -17.46
C GLU A 436 -13.52 4.53 -16.83
N PHE A 437 -13.02 3.86 -15.79
CA PHE A 437 -11.82 4.31 -15.06
C PHE A 437 -10.65 3.35 -15.13
N VAL A 438 -10.66 2.44 -16.08
CA VAL A 438 -9.54 1.51 -16.27
C VAL A 438 -9.05 1.50 -17.73
N PRO A 439 -7.74 1.69 -17.96
CA PRO A 439 -7.23 1.71 -19.33
C PRO A 439 -7.29 0.33 -19.98
N LYS A 440 -7.78 0.27 -21.21
CA LYS A 440 -7.80 -0.97 -21.99
C LYS A 440 -7.32 -0.72 -23.42
N GLU A 441 -6.44 -1.58 -23.89
CA GLU A 441 -5.83 -1.44 -25.23
C GLU A 441 -6.83 -1.83 -26.31
N ASN A 442 -7.16 -0.86 -27.14
CA ASN A 442 -7.99 -1.05 -28.33
C ASN A 442 -7.11 -1.52 -29.47
N SER A 443 -7.51 -2.59 -30.14
CA SER A 443 -6.73 -3.11 -31.25
C SER A 443 -7.58 -3.14 -32.50
N ILE A 444 -7.10 -2.49 -33.55
CA ILE A 444 -7.77 -2.48 -34.84
C ILE A 444 -7.00 -3.33 -35.83
N TYR A 445 -7.69 -4.30 -36.41
CA TYR A 445 -7.09 -5.20 -37.41
C TYR A 445 -7.69 -4.91 -38.77
N LEU A 446 -6.86 -5.08 -39.78
CA LEU A 446 -7.29 -4.88 -41.16
C LEU A 446 -6.86 -6.10 -41.97
N ASP A 447 -7.85 -6.78 -42.55
CA ASP A 447 -7.64 -7.98 -43.32
C ASP A 447 -6.79 -8.94 -42.52
N GLY A 448 -7.06 -9.05 -41.23
CA GLY A 448 -6.38 -10.04 -40.39
C GLY A 448 -5.09 -9.56 -39.72
N LYS A 449 -4.35 -8.69 -40.39
CA LYS A 449 -3.13 -8.14 -39.80
C LYS A 449 -3.44 -7.00 -38.83
N LEU A 450 -2.66 -6.90 -37.75
CA LEU A 450 -2.82 -5.82 -36.77
C LEU A 450 -2.47 -4.50 -37.39
N ALA A 451 -3.43 -3.59 -37.49
CA ALA A 451 -3.18 -2.26 -38.12
C ALA A 451 -2.73 -1.18 -37.15
N HIS A 452 -3.38 -1.13 -36.00
CA HIS A 452 -3.13 -0.10 -35.01
C HIS A 452 -3.61 -0.58 -33.64
N ALA A 453 -2.82 -0.29 -32.62
CA ALA A 453 -3.15 -0.65 -31.25
C ALA A 453 -2.76 0.51 -30.34
N PHE A 454 -3.73 0.99 -29.57
CA PHE A 454 -3.49 2.04 -28.60
C PHE A 454 -4.43 1.96 -27.43
N THR A 455 -4.05 2.59 -26.33
CA THR A 455 -4.86 2.57 -25.13
C THR A 455 -5.44 3.98 -24.88
N PRO A 456 -6.72 4.19 -25.21
CA PRO A 456 -7.34 5.49 -25.11
C PRO A 456 -7.60 5.91 -23.68
N TRP A 457 -7.02 7.04 -23.29
CA TRP A 457 -7.06 7.46 -21.90
C TRP A 457 -6.79 8.95 -21.76
N ARG A 458 -7.78 9.65 -21.20
CA ARG A 458 -7.68 11.08 -20.95
C ARG A 458 -7.36 11.35 -19.52
N THR A 459 -6.53 12.35 -19.32
CA THR A 459 -5.84 12.60 -18.05
C THR A 459 -5.96 14.03 -17.63
N ASP A 460 -6.95 14.74 -18.16
CA ASP A 460 -7.04 16.19 -18.03
C ASP A 460 -8.44 16.66 -17.68
N CYS A 461 -9.23 15.76 -17.10
CA CYS A 461 -10.63 16.05 -16.84
C CYS A 461 -10.81 17.10 -15.74
N GLY A 462 -9.80 17.18 -14.87
CA GLY A 462 -9.81 18.15 -13.79
C GLY A 462 -9.81 19.60 -14.25
N SER A 463 -9.47 19.82 -15.51
CA SER A 463 -9.42 21.17 -16.07
C SER A 463 -10.80 21.78 -16.31
N TYR A 464 -11.81 20.93 -16.30
CA TYR A 464 -13.18 21.34 -16.65
C TYR A 464 -14.12 21.32 -15.42
N ARG A 465 -13.55 21.61 -14.27
CA ARG A 465 -14.29 21.56 -13.00
C ARG A 465 -15.44 22.55 -12.96
N LEU A 466 -15.21 23.76 -13.46
CA LEU A 466 -16.20 24.83 -13.36
C LEU A 466 -17.36 24.62 -14.31
N PHE A 467 -17.24 23.67 -15.23
CA PHE A 467 -18.41 23.25 -16.02
C PHE A 467 -19.30 22.26 -15.28
N ASN A 468 -18.77 21.64 -14.23
CA ASN A 468 -19.51 20.62 -13.49
C ASN A 468 -19.81 21.04 -12.06
N PRO A 469 -20.95 21.69 -11.86
CA PRO A 469 -21.38 22.09 -10.51
C PRO A 469 -21.88 20.92 -9.68
N ALA A 470 -22.55 19.98 -10.30
CA ALA A 470 -23.18 18.87 -9.55
C ALA A 470 -22.33 17.62 -9.54
N SER A 471 -21.02 17.79 -9.67
CA SER A 471 -20.12 16.65 -9.60
C SER A 471 -19.93 16.17 -8.16
N GLY A 472 -20.04 14.87 -7.96
CA GLY A 472 -19.97 14.29 -6.63
C GLY A 472 -18.58 14.44 -6.07
N ASN A 473 -18.50 14.95 -4.84
CA ASN A 473 -17.22 15.11 -4.17
C ASN A 473 -16.92 13.96 -3.24
N PHE A 474 -15.76 13.35 -3.41
CA PHE A 474 -15.39 12.16 -2.63
C PHE A 474 -14.59 12.52 -1.41
N GLU A 475 -14.42 11.53 -0.54
CA GLU A 475 -13.71 11.69 0.74
C GLU A 475 -12.22 11.99 0.57
N ASP A 476 -11.68 11.59 -0.57
CA ASP A 476 -10.26 11.80 -0.88
C ASP A 476 -9.94 13.20 -1.42
N GLY A 477 -10.94 14.08 -1.53
CA GLY A 477 -10.72 15.47 -1.97
C GLY A 477 -10.98 15.72 -3.44
N LEU A 478 -11.00 14.65 -4.22
CA LEU A 478 -11.30 14.71 -5.66
C LEU A 478 -12.78 14.80 -5.95
N SER A 479 -13.12 15.44 -7.06
CA SER A 479 -14.49 15.44 -7.56
C SER A 479 -14.60 14.47 -8.72
N SER A 480 -15.81 13.98 -8.95
CA SER A 480 -16.06 12.97 -10.01
C SER A 480 -15.58 13.43 -11.40
N SER A 481 -15.79 14.71 -11.68
CA SER A 481 -15.39 15.29 -12.97
C SER A 481 -13.90 15.43 -13.12
N ASP A 482 -13.13 15.30 -12.04
CA ASP A 482 -11.66 15.39 -12.12
C ASP A 482 -10.98 14.09 -12.54
N LEU A 483 -11.68 12.98 -12.40
CA LEU A 483 -11.07 11.65 -12.52
C LEU A 483 -10.69 11.34 -13.95
N SER A 484 -9.52 10.72 -14.12
CA SER A 484 -9.04 10.28 -15.44
C SER A 484 -9.90 9.13 -15.92
N ARG A 485 -10.24 9.16 -17.20
CA ARG A 485 -11.18 8.20 -17.75
C ARG A 485 -10.71 7.65 -19.09
N SER A 486 -11.41 6.61 -19.55
CA SER A 486 -11.14 5.96 -20.84
C SER A 486 -11.62 6.82 -22.00
N ASN A 487 -10.84 7.88 -22.26
CA ASN A 487 -10.93 8.70 -23.50
C ASN A 487 -12.08 9.71 -23.56
N TRP A 488 -12.58 10.11 -22.41
CA TRP A 488 -13.56 11.18 -22.32
C TRP A 488 -13.56 11.87 -20.97
N CYS A 489 -13.92 13.15 -20.99
CA CYS A 489 -14.16 13.91 -19.76
C CYS A 489 -15.55 14.56 -19.84
N PRO A 490 -16.19 14.79 -18.69
CA PRO A 490 -17.44 15.51 -18.62
C PRO A 490 -17.35 16.95 -19.05
N GLY A 491 -18.19 17.32 -20.01
CA GLY A 491 -18.22 18.65 -20.60
C GLY A 491 -17.30 18.86 -21.81
N THR A 492 -16.84 17.77 -22.44
CA THR A 492 -15.91 17.87 -23.59
C THR A 492 -16.18 16.85 -24.69
N ILE A 493 -15.73 17.19 -25.89
CA ILE A 493 -15.75 16.29 -27.04
C ILE A 493 -14.66 15.24 -26.88
N THR A 494 -14.87 14.06 -27.45
CA THR A 494 -13.77 13.10 -27.64
C THR A 494 -13.39 13.07 -29.12
N ASN A 495 -12.12 13.31 -29.38
CA ASN A 495 -11.63 13.42 -30.75
C ASN A 495 -11.55 12.07 -31.41
N PRO A 496 -11.98 12.00 -32.66
CA PRO A 496 -11.68 10.82 -33.40
C PRO A 496 -10.18 10.68 -33.61
N VAL A 497 -9.75 9.43 -33.67
CA VAL A 497 -8.40 9.10 -34.07
C VAL A 497 -8.50 8.70 -35.55
N TYR A 498 -7.60 9.24 -36.35
CA TYR A 498 -7.50 8.90 -37.74
C TYR A 498 -6.40 7.89 -37.96
N ILE A 499 -6.80 6.63 -38.03
CA ILE A 499 -5.88 5.52 -38.21
C ILE A 499 -5.57 5.28 -39.68
N ASN A 500 -4.29 5.39 -40.04
CA ASN A 500 -3.86 5.16 -41.42
C ASN A 500 -3.91 3.69 -41.77
N LEU A 501 -4.55 3.39 -42.89
CA LEU A 501 -4.64 2.00 -43.40
C LEU A 501 -3.87 1.81 -44.69
N GLY A 502 -3.26 2.87 -45.20
CA GLY A 502 -2.52 2.79 -46.46
C GLY A 502 -3.49 2.68 -47.62
N ASN A 503 -3.04 2.10 -48.74
CA ASN A 503 -3.90 1.96 -49.93
C ASN A 503 -4.62 0.64 -49.93
N LEU A 504 -5.88 0.67 -50.31
CA LEU A 504 -6.72 -0.53 -50.36
C LEU A 504 -7.23 -0.82 -51.75
N ASN A 505 -7.06 -2.06 -52.17
CA ASN A 505 -7.55 -2.49 -53.46
C ASN A 505 -9.02 -2.72 -53.41
N ALA A 506 -9.64 -2.76 -54.57
CA ALA A 506 -11.07 -3.04 -54.67
C ALA A 506 -11.28 -4.47 -54.25
N GLY A 507 -12.50 -4.78 -53.80
CA GLY A 507 -12.86 -6.14 -53.44
C GLY A 507 -13.15 -6.30 -51.96
N LYS A 508 -13.09 -7.55 -51.49
CA LYS A 508 -13.45 -7.85 -50.10
C LYS A 508 -12.33 -7.41 -49.18
N HIS A 509 -12.74 -6.76 -48.10
CA HIS A 509 -11.83 -6.33 -47.04
C HIS A 509 -12.53 -6.52 -45.71
N THR A 510 -11.80 -7.04 -44.74
CA THR A 510 -12.33 -7.25 -43.38
C THR A 510 -11.60 -6.36 -42.38
N ILE A 511 -12.38 -5.84 -41.44
CA ILE A 511 -11.88 -5.00 -40.39
C ILE A 511 -12.48 -5.39 -39.05
N GLN A 512 -11.61 -5.39 -38.05
CA GLN A 512 -11.94 -5.98 -36.76
C GLN A 512 -11.44 -5.09 -35.65
N VAL A 513 -12.19 -5.05 -34.55
CA VAL A 513 -11.82 -4.29 -33.36
C VAL A 513 -11.89 -5.19 -32.14
N LYS A 514 -10.77 -5.31 -31.45
CA LYS A 514 -10.70 -6.16 -30.26
C LYS A 514 -10.36 -5.31 -29.06
N ILE A 515 -11.08 -5.54 -27.96
CA ILE A 515 -10.85 -4.83 -26.70
C ILE A 515 -11.02 -5.79 -25.52
N PRO A 516 -10.05 -5.76 -24.56
CA PRO A 516 -10.15 -6.60 -23.35
C PRO A 516 -11.14 -6.02 -22.36
N GLN A 517 -12.41 -6.34 -22.59
CA GLN A 517 -13.49 -5.78 -21.82
C GLN A 517 -13.43 -6.32 -20.41
N GLY A 518 -13.73 -5.47 -19.44
CA GLY A 518 -13.73 -5.86 -18.02
C GLY A 518 -15.00 -6.59 -17.63
N ALA A 519 -14.90 -7.48 -16.65
CA ALA A 519 -16.06 -8.32 -16.26
C ALA A 519 -17.10 -7.51 -15.49
N PRO A 520 -18.38 -7.93 -15.54
CA PRO A 520 -19.40 -7.21 -14.79
C PRO A 520 -19.28 -7.50 -13.32
N GLU A 521 -19.59 -6.51 -12.48
CA GLU A 521 -19.50 -6.68 -11.04
C GLU A 521 -20.85 -7.11 -10.46
N GLY A 522 -21.84 -6.23 -10.57
CA GLY A 522 -23.18 -6.53 -10.08
C GLY A 522 -24.08 -6.76 -11.26
N SER A 523 -25.06 -5.89 -11.39
CA SER A 523 -25.79 -5.72 -12.65
C SER A 523 -25.06 -4.69 -13.51
N SER A 524 -23.99 -4.10 -12.95
CA SER A 524 -23.14 -3.14 -13.67
C SER A 524 -22.24 -3.87 -14.65
N GLN A 525 -22.27 -3.39 -15.88
CA GLN A 525 -21.44 -3.92 -16.95
C GLN A 525 -20.51 -2.86 -17.54
N SER A 526 -19.35 -3.31 -17.99
CA SER A 526 -18.47 -2.47 -18.79
C SER A 526 -18.84 -2.62 -20.27
N PHE A 527 -18.95 -1.50 -20.96
CA PHE A 527 -19.28 -1.50 -22.39
C PHE A 527 -18.50 -0.43 -23.12
N TRP A 528 -18.34 -0.60 -24.43
CA TRP A 528 -17.48 0.29 -25.23
C TRP A 528 -18.20 0.85 -26.44
N ASN A 529 -18.56 2.12 -26.32
CA ASN A 529 -19.10 2.91 -27.42
C ASN A 529 -17.99 3.19 -28.42
N VAL A 530 -18.16 2.65 -29.60
CA VAL A 530 -17.12 2.64 -30.59
C VAL A 530 -17.70 2.82 -31.98
N SER A 531 -17.16 3.77 -32.74
CA SER A 531 -17.60 3.96 -34.13
C SER A 531 -16.42 4.02 -35.07
N GLY A 532 -16.67 3.64 -36.31
CA GLY A 532 -15.65 3.58 -37.35
C GLY A 532 -16.19 3.96 -38.72
N VAL A 533 -15.49 4.85 -39.38
CA VAL A 533 -15.89 5.35 -40.69
C VAL A 533 -14.69 5.32 -41.60
N LEU A 534 -14.88 4.74 -42.78
CA LEU A 534 -13.79 4.56 -43.72
C LEU A 534 -13.68 5.77 -44.64
N LEU A 535 -12.49 6.37 -44.64
CA LEU A 535 -12.18 7.52 -45.53
C LEU A 535 -11.12 7.14 -46.56
N GLY A 536 -11.10 7.86 -47.68
CA GLY A 536 -10.08 7.66 -48.72
C GLY A 536 -10.31 8.44 -50.00
N GLN A 537 -9.51 8.15 -51.01
CA GLN A 537 -9.62 8.79 -52.35
C GLN A 537 -9.84 7.74 -53.42
N GLU A 538 -11.01 7.75 -54.02
CA GLU A 538 -11.32 6.76 -55.03
C GLU A 538 -10.55 6.97 -56.35
N HIS A 539 -10.45 5.91 -57.15
CA HIS A 539 -9.80 5.94 -58.48
C HIS A 539 -10.75 5.50 -59.60
N HIS A 540 -10.22 5.47 -60.84
CA HIS A 540 -10.92 4.92 -62.02
C HIS A 540 -12.34 5.47 -62.19
N ALA B 1 -39.01 12.30 27.66
CA ALA B 1 -38.39 12.08 26.33
C ALA B 1 -37.58 10.79 26.31
N GLN B 2 -38.20 9.72 25.84
CA GLN B 2 -37.49 8.47 25.63
C GLN B 2 -36.50 8.68 24.48
N THR B 3 -35.23 8.34 24.74
CA THR B 3 -34.18 8.37 23.72
C THR B 3 -34.07 6.99 23.07
N TYR B 4 -34.02 6.96 21.74
CA TYR B 4 -33.91 5.71 20.95
C TYR B 4 -32.64 5.69 20.11
N GLU B 5 -32.16 4.48 19.82
CA GLU B 5 -30.95 4.26 19.00
C GLU B 5 -31.21 3.34 17.85
N ILE B 6 -31.09 3.88 16.65
CA ILE B 6 -31.37 3.15 15.42
C ILE B 6 -30.06 2.87 14.71
N THR B 7 -29.81 1.59 14.46
CA THR B 7 -28.66 1.17 13.65
C THR B 7 -29.15 0.82 12.23
N TYR B 8 -28.37 1.22 11.23
CA TYR B 8 -28.72 0.99 9.83
C TYR B 8 -27.73 0.05 9.16
N GLN B 9 -28.12 -0.38 7.96
CA GLN B 9 -27.37 -1.35 7.17
C GLN B 9 -27.47 -1.01 5.69
N ASN B 10 -26.34 -1.03 5.00
CA ASN B 10 -26.27 -0.65 3.58
C ASN B 10 -26.26 -1.85 2.62
N SER B 11 -27.22 -1.89 1.69
CA SER B 11 -27.31 -2.95 0.67
C SER B 11 -27.26 -2.36 -0.74
N PHE B 12 -26.86 -3.19 -1.70
CA PHE B 12 -26.84 -2.81 -3.12
C PHE B 12 -27.37 -3.94 -4.00
N GLU B 13 -28.66 -3.87 -4.28
CA GLU B 13 -29.40 -4.86 -5.09
C GLU B 13 -29.39 -6.21 -4.40
N GLY B 14 -29.45 -6.20 -3.06
CA GLY B 14 -29.31 -7.42 -2.26
C GLY B 14 -27.94 -7.61 -1.62
N LYS B 15 -26.89 -7.22 -2.33
CA LYS B 15 -25.50 -7.38 -1.83
C LYS B 15 -25.22 -6.50 -0.58
N ILE B 16 -25.23 -7.12 0.59
CA ILE B 16 -24.93 -6.43 1.86
C ILE B 16 -23.42 -6.25 1.99
N ASN B 17 -22.93 -5.02 2.16
CA ASN B 17 -21.48 -4.69 2.18
C ASN B 17 -20.72 -5.45 3.25
N PRO B 18 -19.41 -5.60 3.03
CA PRO B 18 -18.68 -6.63 3.76
C PRO B 18 -18.43 -6.27 5.24
N ASN B 19 -17.58 -5.26 5.48
CA ASN B 19 -17.21 -4.80 6.85
C ASN B 19 -17.58 -3.32 7.01
N GLN B 20 -18.85 -3.01 6.79
CA GLN B 20 -19.31 -1.62 6.64
C GLN B 20 -19.31 -0.89 8.00
N ASN B 21 -19.18 0.44 7.94
CA ASN B 21 -19.27 1.31 9.14
C ASN B 21 -20.71 1.74 9.36
N HIS B 22 -21.42 0.97 10.18
CA HIS B 22 -22.88 1.11 10.31
C HIS B 22 -23.25 2.52 10.75
N ILE B 23 -24.21 3.11 10.04
CA ILE B 23 -24.76 4.42 10.39
C ILE B 23 -25.63 4.24 11.64
N ILE B 24 -25.52 5.19 12.56
CA ILE B 24 -26.28 5.17 13.82
C ILE B 24 -27.00 6.51 14.01
N SER B 25 -28.24 6.42 14.47
CA SER B 25 -29.08 7.61 14.69
C SER B 25 -29.73 7.54 16.06
N ILE B 26 -29.16 8.29 17.00
CA ILE B 26 -29.74 8.45 18.33
C ILE B 26 -30.76 9.58 18.25
N THR B 27 -31.87 9.44 18.96
CA THR B 27 -32.95 10.42 18.82
C THR B 27 -33.94 10.43 20.00
N ASN B 28 -34.50 11.60 20.26
CA ASN B 28 -35.66 11.78 21.14
C ASN B 28 -36.47 12.99 20.68
N SER B 29 -37.56 13.31 21.38
CA SER B 29 -38.45 14.42 20.99
C SER B 29 -37.77 15.78 20.95
N ASP B 30 -36.66 15.92 21.66
CA ASP B 30 -35.95 17.20 21.73
C ASP B 30 -34.85 17.31 20.68
N LYS B 31 -33.87 16.42 20.75
CA LYS B 31 -32.71 16.44 19.84
C LYS B 31 -32.60 15.14 19.11
N THR B 32 -31.78 15.14 18.06
CA THR B 32 -31.42 13.89 17.37
C THR B 32 -29.97 14.01 16.90
N LEU B 33 -29.26 12.90 16.90
CA LEU B 33 -27.85 12.85 16.57
C LEU B 33 -27.60 11.85 15.45
N LEU B 34 -26.88 12.28 14.42
CA LEU B 34 -26.53 11.38 13.30
C LEU B 34 -25.02 11.19 13.21
N PHE B 35 -24.59 9.93 13.17
CA PHE B 35 -23.17 9.57 13.14
C PHE B 35 -23.00 8.08 12.80
N ASN B 36 -21.91 7.45 13.25
CA ASN B 36 -21.70 6.01 12.98
C ASN B 36 -20.79 5.31 14.00
N GLU B 37 -20.63 4.00 13.82
CA GLU B 37 -19.89 3.13 14.77
C GLU B 37 -18.51 3.65 15.15
N LYS B 38 -17.70 3.97 14.15
CA LYS B 38 -16.32 4.40 14.41
C LYS B 38 -16.27 5.73 15.15
N ILE B 39 -17.17 6.64 14.77
CA ILE B 39 -17.28 7.92 15.45
C ILE B 39 -17.73 7.73 16.90
N LYS B 40 -18.64 6.78 17.11
CA LYS B 40 -19.11 6.47 18.45
C LYS B 40 -17.98 5.90 19.33
N ASN B 41 -17.22 4.96 18.78
CA ASN B 41 -16.15 4.28 19.53
C ASN B 41 -14.80 4.92 19.36
N LYS B 42 -14.80 6.16 18.87
CA LYS B 42 -13.59 6.98 18.74
C LYS B 42 -12.53 6.30 17.89
N LYS B 43 -12.97 5.59 16.86
CA LYS B 43 -12.08 4.91 15.91
C LYS B 43 -12.03 5.63 14.57
N ALA B 44 -12.69 6.78 14.47
CA ALA B 44 -12.82 7.50 13.20
C ALA B 44 -11.56 8.30 12.87
N ASP B 45 -11.14 8.25 11.61
CA ASP B 45 -10.02 9.07 11.10
C ASP B 45 -10.48 10.45 10.68
N PHE B 46 -9.66 11.46 10.97
CA PHE B 46 -9.99 12.83 10.58
C PHE B 46 -9.86 13.02 9.08
N PRO B 47 -10.72 13.86 8.48
CA PRO B 47 -11.81 14.55 9.12
C PRO B 47 -13.09 13.70 9.10
N PHE B 48 -14.05 14.05 9.93
CA PHE B 48 -15.36 13.39 9.92
C PHE B 48 -16.47 14.31 10.43
N GLU B 49 -17.67 14.15 9.87
CA GLU B 49 -18.82 15.01 10.18
C GLU B 49 -19.84 14.32 11.07
N VAL B 50 -20.56 15.15 11.81
CA VAL B 50 -21.62 14.71 12.72
C VAL B 50 -22.77 15.71 12.67
N ASN B 51 -23.99 15.23 12.53
CA ASN B 51 -25.15 16.11 12.46
C ASN B 51 -26.03 16.03 13.70
N GLU B 52 -26.59 17.17 14.08
CA GLU B 52 -27.54 17.25 15.16
C GLU B 52 -28.67 18.17 14.79
N ILE B 53 -29.88 17.73 15.09
CA ILE B 53 -31.06 18.49 14.76
C ILE B 53 -31.73 18.85 16.08
N ASN B 54 -31.94 20.12 16.30
CA ASN B 54 -32.73 20.57 17.44
C ASN B 54 -34.22 20.69 17.06
N ARG B 55 -35.04 19.80 17.60
CA ARG B 55 -36.44 19.69 17.16
C ARG B 55 -37.34 20.84 17.61
N LYS B 56 -36.92 21.56 18.64
CA LYS B 56 -37.67 22.75 19.08
C LYS B 56 -37.75 23.81 17.99
N ASN B 57 -36.78 23.82 17.06
CA ASN B 57 -36.76 24.79 15.96
C ASN B 57 -36.17 24.28 14.63
N ASN B 58 -36.04 22.96 14.49
CA ASN B 58 -35.52 22.33 13.27
C ASN B 58 -34.20 22.93 12.79
N GLU B 59 -33.36 23.30 13.75
CA GLU B 59 -32.04 23.83 13.46
C GLU B 59 -31.08 22.67 13.24
N VAL B 60 -30.68 22.49 12.00
CA VAL B 60 -29.75 21.43 11.62
C VAL B 60 -28.33 21.95 11.81
N SER B 61 -27.60 21.35 12.73
CA SER B 61 -26.21 21.76 12.98
C SER B 61 -25.27 20.66 12.53
N GLN B 62 -24.42 20.98 11.58
CA GLN B 62 -23.36 20.06 11.15
C GLN B 62 -22.06 20.40 11.86
N PHE B 63 -21.45 19.37 12.45
CA PHE B 63 -20.17 19.50 13.15
C PHE B 63 -19.07 18.74 12.42
N ALA B 64 -18.00 19.44 12.02
CA ALA B 64 -16.87 18.82 11.34
C ALA B 64 -15.66 18.73 12.26
N PHE B 65 -15.15 17.51 12.41
CA PHE B 65 -14.00 17.24 13.28
C PHE B 65 -12.77 17.19 12.41
N LEU B 66 -12.00 18.27 12.46
CA LEU B 66 -10.84 18.44 11.56
C LEU B 66 -9.57 17.78 12.13
N ASN B 67 -9.39 17.88 13.44
CA ASN B 67 -8.22 17.33 14.12
C ASN B 67 -8.50 17.21 15.61
N ASN B 68 -7.49 16.83 16.38
CA ASN B 68 -7.66 16.55 17.82
C ASN B 68 -8.13 17.71 18.69
N ASN B 69 -7.88 18.92 18.22
CA ASN B 69 -8.20 20.12 18.98
C ASN B 69 -9.41 20.86 18.43
N GLU B 70 -9.37 21.16 17.13
CA GLU B 70 -10.36 22.02 16.50
C GLU B 70 -11.54 21.28 15.82
N ILE B 71 -12.73 21.78 16.13
CA ILE B 71 -13.99 21.40 15.49
C ILE B 71 -14.63 22.68 14.92
N VAL B 72 -15.37 22.53 13.83
CA VAL B 72 -16.14 23.64 13.25
C VAL B 72 -17.55 23.24 12.90
N LYS B 73 -18.46 24.19 13.01
CA LYS B 73 -19.87 23.90 12.77
C LYS B 73 -20.59 24.96 11.98
N THR B 74 -21.70 24.56 11.39
CA THR B 74 -22.57 25.47 10.68
C THR B 74 -24.00 25.04 10.95
N SER B 75 -24.85 26.01 11.19
CA SER B 75 -26.24 25.76 11.49
C SER B 75 -27.15 26.36 10.43
N ASP B 76 -28.34 25.77 10.31
CA ASP B 76 -29.35 26.24 9.38
C ASP B 76 -30.71 25.68 9.75
N ASN B 77 -31.71 26.54 9.90
CA ASN B 77 -33.08 26.10 10.27
C ASN B 77 -34.05 26.10 9.10
N THR B 78 -33.51 26.10 7.88
CA THR B 78 -34.32 26.18 6.66
C THR B 78 -34.15 24.95 5.75
N ILE B 79 -33.38 23.95 6.20
CA ILE B 79 -33.09 22.78 5.37
C ILE B 79 -34.30 21.88 5.20
N LEU B 80 -34.93 21.54 6.32
CA LEU B 80 -36.02 20.58 6.33
C LEU B 80 -37.27 21.09 5.62
N ALA B 81 -37.49 22.38 5.70
CA ALA B 81 -38.63 23.00 5.02
C ALA B 81 -38.48 22.93 3.50
N LYS B 82 -37.26 23.09 3.03
CA LYS B 82 -36.95 23.08 1.59
C LYS B 82 -37.02 21.70 0.93
N GLN B 83 -37.05 20.64 1.74
CA GLN B 83 -37.17 19.29 1.21
C GLN B 83 -38.57 19.00 0.70
N GLU B 84 -38.70 18.85 -0.61
CA GLU B 84 -40.01 18.59 -1.23
C GLU B 84 -40.23 17.09 -1.40
N PHE B 85 -41.26 16.57 -0.73
CA PHE B 85 -41.61 15.16 -0.82
C PHE B 85 -43.00 14.95 -1.43
N LYS B 86 -43.09 14.08 -2.42
CA LYS B 86 -44.39 13.66 -2.97
C LYS B 86 -44.87 12.45 -2.19
N PRO B 87 -46.12 12.49 -1.69
CA PRO B 87 -46.59 11.36 -0.88
C PRO B 87 -47.15 10.23 -1.75
N THR B 88 -47.20 9.03 -1.17
CA THR B 88 -47.80 7.86 -1.82
C THR B 88 -48.69 7.08 -0.87
N SER B 89 -49.51 6.20 -1.43
CA SER B 89 -50.43 5.40 -0.64
C SER B 89 -49.79 4.15 -0.04
N GLU B 90 -48.55 3.86 -0.43
CA GLU B 90 -47.88 2.63 -0.01
C GLU B 90 -47.46 2.67 1.44
N THR B 91 -47.71 1.55 2.13
CA THR B 91 -47.38 1.39 3.55
C THR B 91 -46.89 -0.06 3.85
N GLY B 92 -46.48 -0.30 5.09
CA GLY B 92 -46.00 -1.62 5.51
C GLY B 92 -45.45 -1.64 6.93
N LYS B 93 -44.58 -2.60 7.21
CA LYS B 93 -43.91 -2.72 8.52
C LYS B 93 -42.43 -2.90 8.34
N ILE B 94 -41.66 -2.22 9.18
CA ILE B 94 -40.20 -2.30 9.16
C ILE B 94 -39.67 -3.27 10.21
N LEU B 95 -39.67 -2.84 11.47
CA LEU B 95 -39.16 -3.71 12.55
C LEU B 95 -40.30 -3.75 13.50
N GLY B 96 -41.46 -4.15 12.98
CA GLY B 96 -42.71 -4.06 13.73
C GLY B 96 -43.41 -2.74 13.53
N TYR B 97 -42.66 -1.66 13.36
CA TYR B 97 -43.25 -0.30 13.33
C TYR B 97 -43.91 -0.06 11.98
N ASN B 98 -45.03 0.65 12.01
CA ASN B 98 -45.78 1.00 10.79
C ASN B 98 -45.14 2.12 10.04
N VAL B 99 -45.04 1.97 8.73
CA VAL B 99 -44.32 2.92 7.89
C VAL B 99 -45.13 3.36 6.68
N LYS B 100 -44.74 4.50 6.15
CA LYS B 100 -45.37 5.10 4.97
C LYS B 100 -44.28 5.52 4.01
N LYS B 101 -44.48 5.23 2.73
CA LYS B 101 -43.50 5.64 1.70
C LYS B 101 -43.74 7.07 1.20
N ALA B 102 -42.63 7.78 0.98
CA ALA B 102 -42.68 9.11 0.37
C ALA B 102 -41.51 9.22 -0.62
N VAL B 103 -41.72 9.98 -1.69
CA VAL B 103 -40.74 10.05 -2.77
C VAL B 103 -40.22 11.47 -3.00
N THR B 104 -38.98 11.55 -3.48
CA THR B 104 -38.35 12.83 -3.83
C THR B 104 -37.28 12.63 -4.90
N SER B 105 -36.74 13.73 -5.41
CA SER B 105 -35.61 13.67 -6.34
C SER B 105 -34.51 14.65 -5.92
N VAL B 106 -33.33 14.09 -5.68
CA VAL B 106 -32.15 14.88 -5.38
C VAL B 106 -31.19 14.81 -6.56
N ASN B 107 -31.07 15.90 -7.31
CA ASN B 107 -30.21 15.93 -8.48
C ASN B 107 -30.39 14.73 -9.42
N SER B 108 -31.60 14.58 -9.94
CA SER B 108 -31.92 13.53 -10.92
C SER B 108 -31.83 12.13 -10.35
N ASN B 109 -31.88 12.02 -9.02
CA ASN B 109 -31.97 10.72 -8.36
C ASN B 109 -33.34 10.53 -7.73
N THR B 110 -33.92 9.34 -7.85
CA THR B 110 -35.20 9.02 -7.21
C THR B 110 -34.95 8.38 -5.84
N ILE B 111 -35.36 9.07 -4.79
CA ILE B 111 -35.19 8.55 -3.43
C ILE B 111 -36.56 8.23 -2.85
N GLU B 112 -36.74 6.96 -2.46
CA GLU B 112 -37.91 6.54 -1.69
C GLU B 112 -37.55 6.53 -0.19
N VAL B 113 -38.45 7.07 0.62
CA VAL B 113 -38.23 7.22 2.05
C VAL B 113 -39.39 6.55 2.77
N TRP B 114 -39.07 5.51 3.53
CA TRP B 114 -40.06 4.87 4.40
C TRP B 114 -39.85 5.36 5.84
N TYR B 115 -40.90 5.98 6.39
CA TYR B 115 -40.85 6.57 7.74
C TYR B 115 -42.03 6.13 8.61
N THR B 116 -41.80 6.14 9.91
CA THR B 116 -42.81 5.80 10.90
C THR B 116 -43.07 6.98 11.83
N ASN B 117 -44.32 7.16 12.21
CA ASN B 117 -44.72 8.19 13.18
C ASN B 117 -45.15 7.57 14.49
N ASP B 118 -44.85 6.30 14.67
CA ASP B 118 -45.42 5.53 15.78
C ASP B 118 -44.87 6.02 17.12
N LEU B 119 -43.54 6.14 17.17
CA LEU B 119 -42.82 6.49 18.41
C LEU B 119 -42.81 7.98 18.72
N LYS B 120 -43.42 8.77 17.84
CA LYS B 120 -43.50 10.23 18.02
C LYS B 120 -42.11 10.86 18.28
N VAL B 121 -41.12 10.32 17.59
CA VAL B 121 -39.80 10.92 17.50
C VAL B 121 -39.40 10.89 16.04
N LYS B 122 -38.39 11.67 15.68
CA LYS B 122 -37.95 11.74 14.30
C LYS B 122 -36.47 11.40 14.20
N GLY B 123 -36.08 10.97 13.02
CA GLY B 123 -34.71 10.50 12.80
C GLY B 123 -34.52 9.92 11.41
N GLY B 124 -33.37 9.32 11.19
CA GLY B 124 -33.04 8.74 9.89
C GLY B 124 -31.55 8.56 9.67
N PRO B 125 -31.18 7.85 8.59
CA PRO B 125 -29.78 7.61 8.23
C PRO B 125 -29.13 8.81 7.51
N SER B 126 -29.94 9.74 7.06
CA SER B 126 -29.41 10.93 6.38
C SER B 126 -30.32 12.11 6.66
N ILE B 127 -29.88 13.29 6.24
CA ILE B 127 -30.68 14.50 6.36
C ILE B 127 -32.06 14.35 5.67
N LEU B 128 -32.09 13.58 4.59
CA LEU B 128 -33.34 13.36 3.86
C LEU B 128 -34.42 12.77 4.76
N GLY B 129 -35.59 13.40 4.72
CA GLY B 129 -36.82 12.86 5.32
C GLY B 129 -36.87 12.95 6.83
N GLN B 130 -36.01 13.78 7.39
CA GLN B 130 -35.94 13.95 8.84
C GLN B 130 -37.21 14.56 9.41
N ASP B 131 -37.85 15.44 8.65
CA ASP B 131 -39.05 16.09 9.16
C ASP B 131 -40.31 15.21 9.04
N LEU B 132 -40.28 14.23 8.15
CA LEU B 132 -41.43 13.33 7.94
C LEU B 132 -41.73 12.48 9.15
N GLY B 133 -40.69 11.88 9.70
CA GLY B 133 -40.79 11.07 10.90
C GLY B 133 -39.49 10.35 11.16
N LEU B 134 -39.57 9.14 11.67
CA LEU B 134 -38.38 8.32 11.86
C LEU B 134 -38.20 7.46 10.62
N VAL B 135 -37.18 7.79 9.83
CA VAL B 135 -36.90 7.08 8.58
C VAL B 135 -36.16 5.77 8.89
N LEU B 136 -36.80 4.66 8.54
CA LEU B 136 -36.23 3.33 8.79
C LEU B 136 -35.63 2.69 7.55
N LYS B 137 -35.98 3.22 6.38
CA LYS B 137 -35.47 2.68 5.11
C LYS B 137 -35.51 3.68 3.96
N THR B 138 -34.37 3.84 3.30
CA THR B 138 -34.28 4.68 2.09
C THR B 138 -33.75 3.89 0.91
N VAL B 139 -34.29 4.17 -0.25
CA VAL B 139 -33.96 3.46 -1.48
C VAL B 139 -33.59 4.46 -2.55
N ARG B 140 -32.30 4.53 -2.87
CA ARG B 140 -31.79 5.45 -3.91
C ARG B 140 -31.71 4.73 -5.28
N ASN B 141 -32.48 5.24 -6.25
CA ASN B 141 -32.51 4.72 -7.63
C ASN B 141 -32.97 3.28 -7.76
N GLY B 142 -33.71 2.80 -6.76
CA GLY B 142 -34.21 1.41 -6.76
C GLY B 142 -33.18 0.32 -6.60
N SER B 143 -31.91 0.67 -6.39
CA SER B 143 -30.84 -0.29 -6.18
C SER B 143 -30.16 -0.18 -4.81
N SER B 144 -29.71 1.03 -4.46
CA SER B 144 -29.03 1.26 -3.17
C SER B 144 -30.02 1.42 -2.00
N VAL B 145 -29.87 0.56 -1.00
CA VAL B 145 -30.78 0.51 0.14
C VAL B 145 -30.03 0.82 1.43
N VAL B 146 -30.71 1.51 2.34
CA VAL B 146 -30.19 1.73 3.69
C VAL B 146 -31.32 1.43 4.65
N GLU B 147 -31.36 0.19 5.11
CA GLU B 147 -32.44 -0.28 5.97
C GLU B 147 -31.98 -0.36 7.42
N ALA B 148 -32.90 -0.08 8.33
CA ALA B 148 -32.63 -0.16 9.77
C ALA B 148 -32.58 -1.63 10.19
N THR B 149 -31.61 -1.98 11.03
CA THR B 149 -31.50 -3.35 11.58
C THR B 149 -32.14 -3.46 12.95
N SER B 150 -31.83 -2.52 13.84
CA SER B 150 -32.36 -2.55 15.21
C SER B 150 -32.77 -1.17 15.70
N VAL B 151 -33.69 -1.15 16.67
CA VAL B 151 -34.19 0.08 17.28
C VAL B 151 -34.31 -0.13 18.78
N LYS B 152 -33.22 0.14 19.49
CA LYS B 152 -33.17 -0.07 20.94
C LYS B 152 -33.49 1.21 21.73
N LYS B 153 -34.03 1.03 22.93
CA LYS B 153 -34.24 2.15 23.86
C LYS B 153 -32.96 2.33 24.66
N ILE B 154 -32.51 3.58 24.82
CA ILE B 154 -31.30 3.86 25.59
C ILE B 154 -31.54 4.92 26.67
N LYS B 155 -30.55 5.05 27.55
CA LYS B 155 -30.67 5.86 28.75
C LYS B 155 -30.90 7.32 28.40
N ALA B 156 -29.96 7.91 27.68
CA ALA B 156 -30.04 9.33 27.35
C ALA B 156 -29.14 9.69 26.18
N LEU B 157 -29.51 10.74 25.45
CA LEU B 157 -28.67 11.28 24.40
C LEU B 157 -27.61 12.16 25.06
N ASP B 158 -26.37 11.68 25.08
CA ASP B 158 -25.27 12.45 25.67
C ASP B 158 -24.11 12.54 24.71
N ASP B 159 -23.85 13.75 24.25
CA ASP B 159 -22.80 14.00 23.28
C ASP B 159 -21.63 14.77 23.90
N GLN B 160 -21.60 14.90 25.22
CA GLN B 160 -20.56 15.69 25.88
C GLN B 160 -19.18 15.01 25.66
N SER B 161 -19.13 13.71 25.89
CA SER B 161 -17.88 12.94 25.77
C SER B 161 -17.38 12.89 24.33
N LEU B 162 -18.25 13.22 23.40
CA LEU B 162 -17.89 13.27 21.99
C LEU B 162 -17.13 14.55 21.66
N PHE B 163 -17.43 15.62 22.38
CA PHE B 163 -16.77 16.91 22.19
C PHE B 163 -15.71 17.39 23.17
N ASN B 164 -16.10 17.49 24.43
CA ASN B 164 -15.30 18.20 25.46
C ASN B 164 -13.75 18.06 25.34
N GLY B 165 -13.06 19.21 25.42
CA GLY B 165 -11.63 19.33 25.18
C GLY B 165 -11.35 19.74 23.74
N LYS B 166 -12.41 19.96 23.00
CA LYS B 166 -12.33 20.35 21.59
C LYS B 166 -13.00 21.71 21.39
N ASN B 167 -12.34 22.57 20.60
CA ASN B 167 -12.71 23.99 20.46
C ASN B 167 -13.61 24.19 19.27
N ILE B 168 -14.88 24.43 19.56
CA ILE B 168 -15.85 24.62 18.50
C ILE B 168 -15.80 26.06 18.00
N THR B 169 -15.81 26.21 16.68
CA THR B 169 -15.80 27.52 16.00
C THR B 169 -16.91 27.52 14.96
N GLU B 170 -17.85 28.44 15.10
CA GLU B 170 -18.99 28.49 14.19
C GLU B 170 -18.56 29.14 12.87
N LYS B 171 -18.84 28.46 11.77
CA LYS B 171 -18.55 28.99 10.43
C LYS B 171 -19.82 29.02 9.57
N ASP B 172 -19.73 29.76 8.48
CA ASP B 172 -20.79 29.77 7.47
C ASP B 172 -20.67 28.55 6.55
N ALA B 173 -21.76 28.27 5.83
CA ALA B 173 -21.88 27.03 5.07
C ALA B 173 -20.74 26.85 4.08
N LEU B 174 -20.40 27.89 3.33
CA LEU B 174 -19.36 27.79 2.29
C LEU B 174 -17.99 27.48 2.88
N THR B 175 -17.62 28.22 3.92
CA THR B 175 -16.35 27.99 4.64
C THR B 175 -16.33 26.62 5.29
N TYR B 176 -17.44 26.23 5.90
CA TYR B 176 -17.54 24.88 6.49
C TYR B 176 -17.11 23.79 5.47
N LYS B 177 -17.73 23.80 4.30
CA LYS B 177 -17.42 22.79 3.26
C LYS B 177 -15.98 22.90 2.81
N ASP B 178 -15.53 24.13 2.63
CA ASP B 178 -14.17 24.39 2.16
C ASP B 178 -13.13 23.83 3.15
N MET B 179 -13.29 24.14 4.43
CA MET B 179 -12.30 23.74 5.43
C MET B 179 -12.19 22.25 5.60
N ILE B 180 -13.30 21.54 5.42
CA ILE B 180 -13.29 20.07 5.45
C ILE B 180 -12.51 19.54 4.26
N TRP B 181 -12.90 20.08 3.10
CA TRP B 181 -12.37 19.68 1.81
C TRP B 181 -10.86 19.75 1.83
N LYS B 182 -10.30 20.90 2.19
CA LYS B 182 -8.85 21.09 2.21
C LYS B 182 -8.12 20.14 3.19
N SER B 183 -8.83 19.70 4.22
CA SER B 183 -8.29 18.76 5.21
C SER B 183 -8.26 17.32 4.74
N ARG B 184 -9.00 17.00 3.67
CA ARG B 184 -9.06 15.64 3.15
C ARG B 184 -7.85 15.25 2.35
N PHE B 185 -7.10 16.23 1.86
CA PHE B 185 -5.93 15.96 1.04
C PHE B 185 -4.79 16.94 1.33
N ILE B 186 -3.62 16.60 0.80
CA ILE B 186 -2.44 17.42 0.93
C ILE B 186 -2.30 18.34 -0.29
N THR B 187 -2.03 19.60 -0.02
CA THR B 187 -1.84 20.61 -1.08
C THR B 187 -0.46 21.20 -0.96
N ILE B 188 0.21 21.36 -2.09
CA ILE B 188 1.57 21.85 -2.09
C ILE B 188 1.69 23.11 -2.92
N PRO B 189 1.66 24.27 -2.26
CA PRO B 189 1.77 25.50 -3.03
C PRO B 189 3.10 25.57 -3.72
N VAL B 190 3.12 26.15 -4.91
CA VAL B 190 4.36 26.28 -5.67
C VAL B 190 4.52 27.73 -6.13
N PHE B 191 3.51 28.21 -6.85
CA PHE B 191 3.46 29.61 -7.26
C PHE B 191 2.10 30.22 -7.02
N GLU B 192 2.10 31.52 -6.77
CA GLU B 192 0.87 32.28 -6.59
C GLU B 192 1.00 33.67 -7.22
N ASN B 193 0.24 33.91 -8.28
CA ASN B 193 0.23 35.20 -9.02
C ASN B 193 1.57 35.66 -9.56
N GLU B 194 2.43 34.70 -9.85
CA GLU B 194 3.76 34.97 -10.38
C GLU B 194 3.68 35.29 -11.85
N THR B 195 4.33 36.37 -12.26
CA THR B 195 4.28 36.79 -13.65
C THR B 195 5.41 36.10 -14.39
N ILE B 196 5.11 35.62 -15.60
CA ILE B 196 6.11 35.08 -16.54
C ILE B 196 6.26 36.06 -17.69
N ASN B 197 7.51 36.45 -17.95
CA ASN B 197 7.83 37.63 -18.77
C ASN B 197 8.83 37.40 -19.86
N PHE B 198 9.07 38.48 -20.59
CA PHE B 198 10.29 38.65 -21.36
C PHE B 198 10.84 40.05 -21.14
N SER B 199 11.78 40.17 -20.21
CA SER B 199 12.31 41.45 -19.81
C SER B 199 13.77 41.39 -19.39
N ASP B 200 14.50 42.47 -19.63
CA ASP B 200 15.90 42.57 -19.16
C ASP B 200 15.93 42.78 -17.64
N ALA B 201 14.84 43.35 -17.13
CA ALA B 201 14.62 43.55 -15.68
C ALA B 201 14.12 42.28 -14.91
N SER B 202 14.29 41.08 -15.48
CA SER B 202 13.90 39.83 -14.80
C SER B 202 15.02 39.37 -13.89
N LYS B 203 14.83 39.54 -12.60
CA LYS B 203 15.85 39.20 -11.61
C LYS B 203 15.28 38.04 -10.81
N SER B 204 16.07 37.02 -10.54
CA SER B 204 15.70 36.01 -9.54
C SER B 204 15.77 36.63 -8.15
N ASP B 205 15.07 36.04 -7.18
CA ASP B 205 15.10 36.51 -5.79
C ASP B 205 15.36 35.35 -4.81
N GLN B 206 15.31 35.65 -3.50
CA GLN B 206 15.53 34.68 -2.42
C GLN B 206 14.76 33.36 -2.65
N VAL B 207 13.47 33.51 -2.98
CA VAL B 207 12.53 32.38 -3.02
C VAL B 207 12.48 31.71 -4.39
N ILE B 208 12.32 32.53 -5.43
CA ILE B 208 12.11 32.04 -6.78
C ILE B 208 13.26 32.39 -7.70
N GLN B 209 13.67 31.43 -8.53
CA GLN B 209 14.70 31.65 -9.53
C GLN B 209 14.09 31.80 -10.92
N ARG B 210 14.55 32.80 -11.65
CA ARG B 210 14.01 33.12 -12.96
C ARG B 210 15.11 33.06 -14.00
N PHE B 211 14.80 32.44 -15.13
CA PHE B 211 15.75 32.27 -16.22
C PHE B 211 15.10 32.66 -17.54
N GLY B 212 15.90 32.75 -18.58
CA GLY B 212 15.41 33.13 -19.91
C GLY B 212 14.67 34.47 -19.97
N ASN B 213 15.18 35.47 -19.25
CA ASN B 213 14.55 36.81 -19.20
C ASN B 213 13.14 36.78 -18.63
N GLY B 214 12.98 35.95 -17.61
CA GLY B 214 11.70 35.82 -16.90
C GLY B 214 10.73 34.83 -17.52
N THR B 215 11.15 34.24 -18.64
CA THR B 215 10.32 33.31 -19.38
C THR B 215 10.20 31.95 -18.69
N ILE B 216 11.16 31.66 -17.82
CA ILE B 216 11.21 30.43 -17.01
C ILE B 216 11.21 30.77 -15.53
N ILE B 217 10.36 30.08 -14.77
CA ILE B 217 10.24 30.22 -13.31
C ILE B 217 10.69 28.91 -12.66
N LEU B 218 11.28 29.00 -11.47
CA LEU B 218 11.84 27.80 -10.81
C LEU B 218 11.88 27.90 -9.28
N LYS B 219 11.60 26.76 -8.62
CA LYS B 219 11.57 26.65 -7.16
C LYS B 219 12.01 25.27 -6.68
N LYS B 220 12.62 25.25 -5.50
CA LYS B 220 12.91 24.00 -4.80
C LYS B 220 11.78 23.80 -3.83
N VAL B 221 11.07 22.68 -3.94
CA VAL B 221 10.01 22.34 -2.96
C VAL B 221 10.17 20.92 -2.42
N LYS B 222 9.77 20.72 -1.18
CA LYS B 222 9.82 19.41 -0.56
C LYS B 222 8.48 18.70 -0.68
N ILE B 223 8.53 17.47 -1.14
CA ILE B 223 7.36 16.62 -1.25
C ILE B 223 7.49 15.47 -0.26
N PRO B 224 6.40 15.17 0.48
CA PRO B 224 6.46 14.11 1.46
C PRO B 224 6.50 12.76 0.81
N GLU B 225 6.79 11.73 1.58
CA GLU B 225 6.77 10.38 1.05
C GLU B 225 5.32 10.05 0.72
N ILE B 226 5.03 9.94 -0.56
CA ILE B 226 3.69 9.61 -1.01
C ILE B 226 3.65 8.10 -1.37
N LYS B 227 2.72 7.37 -0.76
CA LYS B 227 2.74 5.89 -0.83
C LYS B 227 1.97 5.34 -2.04
N GLN B 228 2.34 4.13 -2.45
CA GLN B 228 1.74 3.49 -3.61
C GLN B 228 0.25 3.38 -3.36
N GLY B 229 -0.55 3.93 -4.27
CA GLY B 229 -2.01 3.88 -4.14
C GLY B 229 -2.63 5.27 -4.18
N ASN B 230 -1.88 6.27 -3.71
CA ASN B 230 -2.36 7.64 -3.71
C ASN B 230 -2.26 8.21 -5.11
N THR B 231 -3.13 9.18 -5.41
CA THR B 231 -3.15 9.86 -6.71
C THR B 231 -2.51 11.25 -6.60
N ILE B 232 -2.00 11.75 -7.72
CA ILE B 232 -1.34 13.07 -7.75
C ILE B 232 -1.80 13.90 -8.92
N PHE B 233 -2.05 15.19 -8.67
CA PHE B 233 -2.49 16.12 -9.70
C PHE B 233 -1.67 17.41 -9.71
N VAL B 234 -1.71 18.12 -10.82
CA VAL B 234 -1.03 19.39 -10.98
C VAL B 234 -2.01 20.43 -11.48
N GLU B 235 -2.45 21.31 -10.62
CA GLU B 235 -3.35 22.38 -11.04
C GLU B 235 -2.57 23.67 -11.34
N LEU B 236 -2.88 24.27 -12.47
CA LEU B 236 -2.24 25.50 -12.91
C LEU B 236 -3.29 26.43 -13.44
N LYS B 237 -3.30 27.65 -12.93
CA LYS B 237 -4.19 28.70 -13.44
C LYS B 237 -3.37 29.73 -14.19
N GLN B 238 -3.91 30.22 -15.29
CA GLN B 238 -3.19 31.12 -16.17
C GLN B 238 -4.04 32.25 -16.67
N LYS B 239 -3.41 33.37 -16.87
CA LYS B 239 -4.10 34.59 -17.29
C LYS B 239 -3.09 35.56 -17.92
N SER B 240 -3.53 36.30 -18.93
CA SER B 240 -2.62 37.22 -19.63
C SER B 240 -2.48 38.55 -18.94
N ASN B 241 -1.28 39.10 -19.01
CA ASN B 241 -0.93 40.39 -18.40
C ASN B 241 -0.44 41.36 -19.46
N GLY B 242 -0.79 41.08 -20.70
CA GLY B 242 -0.39 41.93 -21.83
C GLY B 242 -0.18 41.15 -23.11
N ASP B 243 0.40 39.96 -23.00
CA ASP B 243 0.65 39.10 -24.17
C ASP B 243 -0.66 38.56 -24.75
N ALA B 244 -0.82 38.77 -26.04
CA ALA B 244 -2.07 38.43 -26.74
C ALA B 244 -1.95 37.13 -27.47
N TYR B 245 -0.84 36.43 -27.27
CA TYR B 245 -0.48 35.37 -28.18
C TYR B 245 -0.66 33.98 -27.62
N ASP B 246 -0.54 33.08 -28.57
CA ASP B 246 -0.93 31.71 -28.48
C ASP B 246 0.26 30.84 -28.06
N ARG B 247 0.72 31.03 -26.83
CA ARG B 247 2.04 30.53 -26.41
C ARG B 247 2.05 29.09 -25.93
N THR B 248 3.21 28.45 -26.08
CA THR B 248 3.35 27.05 -25.69
C THR B 248 3.94 27.02 -24.27
N GLY B 249 3.15 26.49 -23.34
CA GLY B 249 3.53 26.48 -21.94
C GLY B 249 4.04 25.12 -21.56
N ASP B 250 4.53 25.00 -20.33
CA ASP B 250 5.06 23.72 -19.88
C ASP B 250 5.49 23.73 -18.41
N VAL B 251 4.80 22.94 -17.60
CA VAL B 251 5.15 22.76 -16.21
C VAL B 251 6.07 21.56 -16.15
N PHE B 252 7.23 21.74 -15.54
CA PHE B 252 8.28 20.75 -15.65
C PHE B 252 8.99 20.47 -14.33
N ILE B 253 9.81 19.43 -14.37
CA ILE B 253 10.53 18.95 -13.22
C ILE B 253 11.93 18.54 -13.64
N ILE B 254 12.93 18.90 -12.85
CA ILE B 254 14.30 18.53 -13.18
C ILE B 254 14.73 17.36 -12.33
N PRO B 255 15.07 16.22 -12.97
CA PRO B 255 15.64 15.08 -12.26
C PRO B 255 17.16 15.16 -12.18
N GLN B 256 17.66 15.24 -10.96
CA GLN B 256 19.10 15.36 -10.70
C GLN B 256 19.67 14.03 -10.24
N GLU B 257 19.21 12.97 -10.88
CA GLU B 257 19.57 11.61 -10.47
C GLU B 257 20.97 11.32 -10.93
N ARG B 258 21.34 11.88 -12.08
CA ARG B 258 22.67 11.68 -12.67
C ARG B 258 23.52 12.94 -12.58
N ALA B 259 24.76 12.78 -13.04
CA ALA B 259 25.83 13.78 -12.92
C ALA B 259 25.41 15.13 -13.47
N ILE B 260 24.90 15.13 -14.68
CA ILE B 260 24.37 16.34 -15.28
C ILE B 260 22.84 16.35 -15.22
N SER B 261 22.29 17.55 -15.13
CA SER B 261 20.84 17.77 -15.16
C SER B 261 20.52 19.01 -15.95
N TYR B 262 19.24 19.21 -16.21
CA TYR B 262 18.78 20.37 -16.98
C TYR B 262 19.08 21.68 -16.24
N TYR B 263 19.07 21.58 -14.92
CA TYR B 263 19.44 22.71 -14.04
C TYR B 263 20.88 23.19 -14.29
N THR B 264 21.74 22.25 -14.66
CA THR B 264 23.10 22.59 -15.05
C THR B 264 23.03 23.51 -16.26
N GLY B 265 22.13 23.19 -17.16
CA GLY B 265 21.89 24.01 -18.34
C GLY B 265 21.42 25.41 -18.00
N LEU B 266 20.45 25.51 -17.10
CA LEU B 266 19.89 26.81 -16.71
C LEU B 266 20.95 27.72 -16.08
N THR B 267 21.76 27.12 -15.22
CA THR B 267 22.77 27.87 -14.45
C THR B 267 24.02 28.19 -15.28
N GLN B 268 24.60 27.18 -15.91
CA GLN B 268 25.88 27.32 -16.61
C GLN B 268 25.79 27.51 -18.12
N GLY B 269 24.57 27.60 -18.64
CA GLY B 269 24.34 27.74 -20.09
C GLY B 269 24.15 26.42 -20.80
N VAL B 270 23.62 26.48 -22.01
CA VAL B 270 23.35 25.27 -22.81
C VAL B 270 24.63 24.55 -23.29
N LYS B 271 25.77 25.20 -23.09
CA LYS B 271 27.09 24.62 -23.40
C LYS B 271 27.25 23.34 -22.63
N SER B 272 26.87 23.38 -21.35
CA SER B 272 27.14 22.28 -20.42
C SER B 272 26.28 21.06 -20.68
N LEU B 273 25.21 21.24 -21.45
CA LEU B 273 24.35 20.11 -21.84
C LEU B 273 24.92 19.28 -22.99
N PRO B 274 24.67 17.95 -22.99
CA PRO B 274 25.15 17.08 -24.06
C PRO B 274 24.55 17.41 -25.42
N VAL B 275 25.41 17.41 -26.42
CA VAL B 275 25.01 17.75 -27.77
C VAL B 275 24.46 16.51 -28.44
N TYR B 276 23.25 16.61 -28.95
CA TYR B 276 22.68 15.57 -29.79
C TYR B 276 22.80 15.93 -31.26
N GLN B 277 23.32 15.01 -32.06
CA GLN B 277 23.45 15.22 -33.51
C GLN B 277 22.83 14.09 -34.30
N ASN B 278 22.26 14.46 -35.43
CA ASN B 278 21.36 13.62 -36.20
C ASN B 278 21.91 13.25 -37.57
N GLY B 279 22.93 13.99 -38.01
CA GLY B 279 23.44 13.91 -39.38
C GLY B 279 22.76 14.91 -40.30
N ASN B 280 21.66 15.48 -39.84
CA ASN B 280 20.93 16.49 -40.60
C ASN B 280 21.67 17.82 -40.73
N GLY B 281 22.81 17.96 -40.06
CA GLY B 281 23.65 19.16 -40.19
C GLY B 281 23.60 20.06 -38.98
N LYS B 282 22.42 20.21 -38.40
CA LYS B 282 22.26 21.01 -37.18
C LYS B 282 22.74 20.25 -35.96
N SER B 283 22.71 20.90 -34.81
CA SER B 283 22.90 20.23 -33.52
C SER B 283 21.92 20.75 -32.45
N TYR B 284 21.60 19.90 -31.47
CA TYR B 284 20.61 20.20 -30.42
C TYR B 284 21.12 19.86 -29.01
N GLN B 285 20.59 20.55 -28.01
CA GLN B 285 21.14 20.50 -26.65
C GLN B 285 20.17 19.94 -25.62
N GLY B 286 20.68 19.00 -24.81
CA GLY B 286 19.92 18.45 -23.66
C GLY B 286 18.70 17.62 -24.01
N VAL B 287 18.67 17.14 -25.24
CA VAL B 287 17.48 16.51 -25.84
C VAL B 287 17.34 15.06 -25.41
N ALA B 288 18.43 14.32 -25.47
CA ALA B 288 18.43 12.88 -25.23
C ALA B 288 19.12 12.52 -23.94
N LEU B 289 18.84 11.31 -23.47
CA LEU B 289 19.53 10.73 -22.33
C LEU B 289 20.95 10.27 -22.70
N THR B 290 21.88 10.43 -21.76
CA THR B 290 23.25 9.89 -21.90
C THR B 290 23.56 9.06 -20.64
N PRO B 291 24.68 8.30 -20.65
CA PRO B 291 25.08 7.57 -19.45
C PRO B 291 25.08 8.39 -18.14
N ASP B 292 25.38 9.69 -18.22
CA ASP B 292 25.38 10.53 -17.03
C ASP B 292 24.70 11.90 -17.28
N TYR B 293 23.53 11.84 -17.92
CA TYR B 293 22.63 12.99 -18.02
C TYR B 293 21.16 12.55 -18.22
N LEU B 294 20.24 13.31 -17.61
CA LEU B 294 18.80 13.09 -17.80
C LEU B 294 18.06 14.35 -18.28
N PRO B 295 17.26 14.22 -19.35
CA PRO B 295 16.43 15.34 -19.76
C PRO B 295 15.26 15.58 -18.79
N PHE B 296 14.74 16.80 -18.79
CA PHE B 296 13.74 17.16 -17.82
C PHE B 296 12.42 16.49 -18.16
N ILE B 297 11.61 16.30 -17.12
CA ILE B 297 10.29 15.68 -17.25
C ILE B 297 9.20 16.76 -17.28
N GLU B 298 8.30 16.65 -18.25
CA GLU B 298 7.19 17.57 -18.38
C GLU B 298 6.00 17.07 -17.59
N LEU B 299 5.63 17.75 -16.51
CA LEU B 299 4.44 17.37 -15.75
C LEU B 299 3.19 17.60 -16.56
N MET B 300 3.17 18.71 -17.27
CA MET B 300 1.98 19.13 -17.97
C MET B 300 2.37 20.09 -19.07
N ARG B 301 2.17 19.68 -20.33
CA ARG B 301 2.34 20.59 -21.45
C ARG B 301 1.00 21.20 -21.78
N PHE B 302 0.96 22.52 -21.80
CA PHE B 302 -0.28 23.26 -22.03
C PHE B 302 -0.05 24.38 -23.00
N PHE B 303 -1.14 25.04 -23.38
CA PHE B 303 -1.08 26.17 -24.32
C PHE B 303 -1.99 27.32 -23.91
N THR B 304 -1.44 28.52 -23.90
CA THR B 304 -2.20 29.67 -23.47
C THR B 304 -3.12 30.09 -24.60
N PRO B 305 -4.31 30.59 -24.25
CA PRO B 305 -5.14 31.17 -25.25
C PRO B 305 -4.63 32.54 -25.63
N PHE B 306 -5.32 33.12 -26.60
CA PHE B 306 -5.01 34.45 -27.09
C PHE B 306 -5.43 35.53 -26.09
N GLY B 307 -4.53 35.81 -25.14
CA GLY B 307 -4.62 37.00 -24.28
C GLY B 307 -5.84 37.07 -23.39
N ILE B 308 -6.09 35.99 -22.67
CA ILE B 308 -7.28 35.92 -21.82
C ILE B 308 -7.12 36.84 -20.61
N GLY B 309 -8.22 37.51 -20.26
CA GLY B 309 -8.27 38.43 -19.13
C GLY B 309 -7.93 39.83 -19.58
N HIS B 310 -6.67 40.01 -19.97
CA HIS B 310 -6.19 41.31 -20.36
C HIS B 310 -7.00 41.94 -21.49
N PHE B 311 -7.32 41.16 -22.50
CA PHE B 311 -8.02 41.68 -23.69
C PHE B 311 -9.55 41.51 -23.69
N ASN B 312 -10.13 41.23 -22.54
CA ASN B 312 -11.59 40.95 -22.47
C ASN B 312 -12.43 42.20 -22.69
N GLU B 313 -12.03 43.27 -22.03
CA GLU B 313 -12.73 44.55 -22.16
C GLU B 313 -12.35 45.24 -23.46
N LYS B 314 -11.13 44.99 -23.94
CA LYS B 314 -10.62 45.63 -25.17
C LYS B 314 -11.27 45.07 -26.44
N ILE B 315 -11.43 43.76 -26.49
CA ILE B 315 -12.02 43.12 -27.66
C ILE B 315 -13.43 42.62 -27.40
N GLN B 316 -14.41 43.27 -28.03
CA GLN B 316 -15.83 43.01 -27.77
C GLN B 316 -16.59 42.50 -28.98
N LEU B 317 -17.04 41.26 -28.90
CA LEU B 317 -17.77 40.63 -30.00
C LEU B 317 -19.12 40.20 -29.53
N LYS B 318 -20.14 40.38 -30.38
CA LYS B 318 -21.53 40.17 -29.95
C LYS B 318 -21.75 38.74 -29.56
N GLY B 319 -22.37 38.54 -28.38
CA GLY B 319 -22.70 37.21 -27.87
C GLY B 319 -21.50 36.35 -27.48
N LYS B 320 -20.44 37.02 -27.02
CA LYS B 320 -19.23 36.32 -26.57
C LYS B 320 -18.72 36.89 -25.27
N ASN B 321 -19.12 36.27 -24.16
CA ASN B 321 -18.60 36.62 -22.84
C ASN B 321 -17.33 35.85 -22.57
N TRP B 322 -16.21 36.54 -22.57
CA TRP B 322 -14.91 35.89 -22.39
C TRP B 322 -14.77 35.40 -20.96
N HIS B 323 -14.03 34.33 -20.77
CA HIS B 323 -13.70 33.84 -19.44
C HIS B 323 -12.56 34.69 -18.90
N ASN B 324 -12.38 34.63 -17.58
CA ASN B 324 -11.38 35.47 -16.93
C ASN B 324 -9.97 34.90 -16.82
N ASN B 325 -9.89 33.58 -16.74
CA ASN B 325 -8.60 32.89 -16.69
C ASN B 325 -8.76 31.44 -17.14
N THR B 326 -7.63 30.80 -17.39
CA THR B 326 -7.63 29.45 -17.93
C THR B 326 -7.16 28.44 -16.90
N PRO B 327 -7.99 27.42 -16.62
CA PRO B 327 -7.56 26.37 -15.71
C PRO B 327 -6.95 25.19 -16.44
N TYR B 328 -5.98 24.55 -15.78
CA TYR B 328 -5.37 23.31 -16.27
C TYR B 328 -5.03 22.37 -15.12
N ARG B 329 -5.54 21.13 -15.11
CA ARG B 329 -4.93 20.07 -14.27
C ARG B 329 -4.87 18.70 -14.89
N GLN B 330 -3.75 18.06 -14.61
CA GLN B 330 -3.42 16.77 -15.16
C GLN B 330 -3.12 15.80 -14.05
N ASP B 331 -3.60 14.58 -14.21
CA ASP B 331 -3.36 13.48 -13.29
C ASP B 331 -1.97 12.96 -13.60
N ILE B 332 -1.07 13.04 -12.63
CA ILE B 332 0.31 12.58 -12.81
C ILE B 332 0.71 11.52 -11.80
N THR B 333 -0.24 10.67 -11.45
CA THR B 333 0.00 9.56 -10.54
C THR B 333 1.14 8.66 -11.01
N GLU B 334 1.27 8.51 -12.32
CA GLU B 334 2.30 7.66 -12.93
C GLU B 334 3.71 8.13 -12.64
N LEU B 335 3.84 9.37 -12.20
CA LEU B 335 5.15 9.97 -11.87
C LEU B 335 5.49 9.90 -10.39
N ARG B 336 4.79 9.06 -9.66
CA ARG B 336 4.99 8.95 -8.21
C ARG B 336 6.45 8.74 -7.80
N PRO B 337 7.13 7.74 -8.39
CA PRO B 337 8.50 7.46 -7.95
C PRO B 337 9.47 8.64 -8.04
N GLN B 338 9.36 9.48 -9.06
CA GLN B 338 10.24 10.65 -9.16
C GLN B 338 9.93 11.74 -8.15
N LEU B 339 8.69 11.76 -7.66
CA LEU B 339 8.23 12.80 -6.77
C LEU B 339 8.34 12.42 -5.30
N SER B 340 7.94 11.19 -4.97
CA SER B 340 7.76 10.76 -3.57
C SER B 340 9.01 10.97 -2.73
N GLY B 341 8.84 11.64 -1.61
CA GLY B 341 9.90 11.83 -0.60
C GLY B 341 11.12 12.55 -1.14
N LYS B 342 10.88 13.49 -2.03
CA LYS B 342 11.96 14.14 -2.76
C LYS B 342 11.91 15.64 -2.67
N GLU B 343 13.09 16.25 -2.62
CA GLU B 343 13.23 17.70 -2.58
C GLU B 343 13.43 18.16 -4.02
N ILE B 344 12.38 18.04 -4.83
CA ILE B 344 12.49 18.24 -6.27
C ILE B 344 12.41 19.69 -6.72
N LEU B 345 13.07 19.98 -7.84
CA LEU B 345 13.00 21.32 -8.48
C LEU B 345 11.85 21.41 -9.49
N ILE B 346 10.83 22.20 -9.14
CA ILE B 346 9.69 22.42 -10.02
C ILE B 346 9.79 23.78 -10.64
N GLY B 347 9.32 23.85 -11.88
CA GLY B 347 9.30 25.10 -12.63
C GLY B 347 8.16 25.21 -13.63
N ALA B 348 8.06 26.41 -14.18
CA ALA B 348 7.05 26.73 -15.16
C ALA B 348 7.68 27.52 -16.29
N PHE B 349 7.28 27.23 -17.52
CA PHE B 349 7.79 27.95 -18.69
C PHE B 349 6.65 28.42 -19.56
N ILE B 350 6.75 29.64 -20.08
CA ILE B 350 5.87 30.09 -21.14
C ILE B 350 6.64 30.88 -22.19
N GLY B 351 6.83 30.29 -23.36
CA GLY B 351 7.53 30.93 -24.49
C GLY B 351 6.89 32.25 -24.84
N ASN B 352 7.62 33.34 -24.60
CA ASN B 352 7.02 34.66 -24.53
C ASN B 352 7.95 35.76 -24.98
N TYR B 353 7.37 36.79 -25.61
CA TYR B 353 8.12 37.98 -26.07
C TYR B 353 7.45 39.28 -25.65
N ASP B 354 6.97 39.32 -24.41
CA ASP B 354 6.18 40.45 -23.90
C ASP B 354 6.67 40.89 -22.52
N LYS B 355 6.57 42.18 -22.25
CA LYS B 355 7.05 42.74 -20.97
C LYS B 355 6.02 42.45 -19.91
N GLY B 356 4.75 42.61 -20.24
CA GLY B 356 3.63 42.30 -19.34
C GLY B 356 3.47 40.80 -19.16
N GLY B 357 3.30 40.12 -20.28
CA GLY B 357 3.35 38.65 -20.32
C GLY B 357 2.13 37.96 -19.77
N HIS B 358 2.39 36.96 -18.94
CA HIS B 358 1.33 36.15 -18.33
C HIS B 358 1.50 36.10 -16.83
N GLN B 359 0.49 35.53 -16.20
CA GLN B 359 0.47 35.38 -14.76
C GLN B 359 -0.04 34.01 -14.37
N ILE B 360 0.66 33.41 -13.42
CA ILE B 360 0.49 31.99 -13.15
C ILE B 360 0.23 31.69 -11.68
N SER B 361 -0.52 30.61 -11.44
CA SER B 361 -0.68 30.07 -10.08
C SER B 361 -0.64 28.55 -10.10
N LEU B 362 0.42 27.98 -9.54
CA LEU B 362 0.67 26.52 -9.60
C LEU B 362 0.54 25.82 -8.24
N GLU B 363 -0.16 24.68 -8.25
CA GLU B 363 -0.30 23.81 -7.08
C GLU B 363 -0.18 22.35 -7.46
N LEU B 364 0.38 21.57 -6.54
CA LEU B 364 0.30 20.12 -6.60
C LEU B 364 -0.68 19.67 -5.56
N SER B 365 -1.28 18.52 -5.76
CA SER B 365 -2.17 17.95 -4.76
C SER B 365 -2.03 16.46 -4.72
N ILE B 366 -1.90 15.92 -3.52
CA ILE B 366 -1.81 14.49 -3.29
C ILE B 366 -3.03 14.03 -2.53
N HIS B 367 -3.64 12.95 -2.99
CA HIS B 367 -4.90 12.50 -2.41
C HIS B 367 -4.83 11.06 -1.91
N PRO B 368 -5.44 10.78 -0.75
CA PRO B 368 -5.33 9.47 -0.10
C PRO B 368 -6.24 8.39 -0.71
N ASP B 369 -5.83 7.86 -1.85
CA ASP B 369 -6.57 6.79 -2.52
C ASP B 369 -5.84 5.47 -2.31
N GLN B 370 -6.46 4.40 -2.81
CA GLN B 370 -5.82 3.10 -2.88
C GLN B 370 -5.99 2.53 -4.27
N GLN B 371 -5.79 3.36 -5.30
CA GLN B 371 -5.97 2.93 -6.70
C GLN B 371 -4.94 1.88 -7.04
N LYS B 372 -5.33 0.93 -7.88
CA LYS B 372 -4.41 -0.14 -8.29
C LYS B 372 -4.49 -0.37 -9.81
N ILE B 373 -4.49 0.74 -10.54
CA ILE B 373 -4.59 0.76 -11.99
C ILE B 373 -3.25 1.21 -12.54
N VAL B 374 -2.81 2.36 -12.07
CA VAL B 374 -1.45 2.84 -12.35
C VAL B 374 -0.50 2.23 -11.33
N ASN B 375 0.23 1.20 -11.72
CA ASN B 375 1.06 0.41 -10.80
C ASN B 375 2.52 0.38 -11.16
N ASN B 376 2.97 1.43 -11.84
CA ASN B 376 4.38 1.52 -12.24
C ASN B 376 5.25 1.88 -11.02
N ASN B 377 6.42 1.25 -10.93
CA ASN B 377 7.39 1.53 -9.83
C ASN B 377 8.66 2.26 -10.27
N PHE B 378 8.80 2.44 -11.58
CA PHE B 378 10.04 2.93 -12.18
C PHE B 378 9.72 4.04 -13.16
N VAL B 379 10.55 5.07 -13.18
CA VAL B 379 10.38 6.19 -14.08
C VAL B 379 11.72 6.60 -14.61
N LEU B 380 11.85 6.72 -15.94
CA LEU B 380 13.11 7.10 -16.57
C LEU B 380 12.87 8.05 -17.73
N PRO B 381 13.29 9.32 -17.61
CA PRO B 381 13.13 10.25 -18.72
C PRO B 381 14.11 9.95 -19.82
N VAL B 382 13.59 9.62 -21.00
CA VAL B 382 14.44 9.15 -22.08
C VAL B 382 14.85 10.29 -23.00
N PHE B 383 13.88 11.05 -23.46
CA PHE B 383 14.17 12.22 -24.30
C PHE B 383 13.19 13.35 -24.04
N ASN B 384 13.55 14.53 -24.54
CA ASN B 384 12.72 15.72 -24.43
C ASN B 384 13.22 16.81 -25.38
N THR B 385 12.56 16.96 -26.53
CA THR B 385 13.00 17.90 -27.56
C THR B 385 12.51 19.32 -27.32
N THR B 386 11.55 19.51 -26.41
CA THR B 386 10.94 20.83 -26.25
C THR B 386 11.97 21.76 -25.63
N ASN B 387 12.18 22.90 -26.27
CA ASN B 387 13.18 23.86 -25.81
C ASN B 387 12.58 24.87 -24.88
N VAL B 388 12.59 24.52 -23.60
CA VAL B 388 12.19 25.47 -22.56
C VAL B 388 13.15 26.66 -22.53
N MET B 389 14.42 26.39 -22.84
CA MET B 389 15.43 27.46 -22.95
C MET B 389 15.43 28.12 -24.34
N GLU B 390 14.23 28.49 -24.78
CA GLU B 390 14.03 29.09 -26.10
C GLU B 390 14.69 30.44 -26.10
N MET B 391 14.45 31.20 -25.03
CA MET B 391 15.05 32.53 -24.88
C MET B 391 16.34 32.47 -24.06
N ALA B 392 17.06 31.36 -24.18
CA ALA B 392 18.33 31.19 -23.48
C ALA B 392 19.45 30.82 -24.43
N GLY B 393 19.17 29.92 -25.37
CA GLY B 393 20.17 29.51 -26.34
C GLY B 393 19.88 28.15 -26.95
N GLN B 394 18.87 27.49 -26.40
CA GLN B 394 18.47 26.16 -26.87
C GLN B 394 17.73 26.29 -28.19
N ASP B 395 18.13 25.49 -29.16
CA ASP B 395 17.53 25.53 -30.49
C ASP B 395 16.18 24.84 -30.52
N TYR B 396 15.40 25.17 -31.54
CA TYR B 396 14.07 24.57 -31.74
C TYR B 396 14.23 23.15 -32.27
N PRO B 397 13.30 22.25 -31.93
CA PRO B 397 13.43 20.85 -32.34
C PRO B 397 13.10 20.63 -33.81
N THR B 398 14.10 20.83 -34.66
CA THR B 398 13.97 20.65 -36.10
C THR B 398 14.71 19.41 -36.55
N MET B 399 14.93 18.48 -35.64
CA MET B 399 15.78 17.32 -35.90
C MET B 399 15.11 16.30 -36.80
N PHE B 400 13.78 16.27 -36.77
CA PHE B 400 12.98 15.24 -37.50
C PHE B 400 13.01 15.44 -39.01
N ASN B 401 13.62 16.55 -39.37
CA ASN B 401 14.11 16.82 -40.69
C ASN B 401 14.79 15.62 -41.32
N SER B 402 15.65 14.98 -40.54
CA SER B 402 16.33 13.74 -40.93
C SER B 402 15.54 12.49 -40.55
N ASP B 403 15.91 11.37 -41.17
CA ASP B 403 15.20 10.09 -40.99
C ASP B 403 15.48 9.45 -39.64
N LYS B 404 16.70 9.60 -39.14
CA LYS B 404 17.06 9.04 -37.83
C LYS B 404 16.18 9.63 -36.72
N GLY B 405 15.83 10.90 -36.84
CA GLY B 405 14.99 11.58 -35.85
C GLY B 405 15.66 11.67 -34.48
N VAL B 406 14.93 11.21 -33.46
CA VAL B 406 15.45 11.16 -32.09
C VAL B 406 15.71 9.73 -31.69
N GLU B 407 16.95 9.30 -31.81
CA GLU B 407 17.36 7.97 -31.40
C GLU B 407 18.10 8.03 -30.07
N VAL B 408 17.69 7.19 -29.12
CA VAL B 408 18.27 7.20 -27.78
C VAL B 408 18.61 5.79 -27.33
N GLU B 409 19.89 5.57 -27.12
CA GLU B 409 20.39 4.35 -26.51
C GLU B 409 20.38 4.52 -24.99
N PHE B 410 19.70 3.60 -24.30
CA PHE B 410 19.73 3.58 -22.84
C PHE B 410 19.94 2.16 -22.38
N ILE B 411 20.29 2.00 -21.12
CA ILE B 411 20.59 0.68 -20.57
C ILE B 411 19.85 0.39 -19.25
N LEU B 412 19.03 -0.66 -19.22
CA LEU B 412 18.29 -1.05 -18.00
C LEU B 412 19.09 -2.03 -17.17
N THR B 413 19.27 -1.70 -15.90
CA THR B 413 20.06 -2.56 -14.99
C THR B 413 19.24 -3.74 -14.47
N LYS B 414 17.91 -3.57 -14.41
CA LYS B 414 17.01 -4.62 -13.95
C LYS B 414 15.89 -4.82 -14.97
N ASP B 415 15.24 -5.98 -14.95
CA ASP B 415 14.13 -6.29 -15.89
C ASP B 415 12.92 -5.43 -15.60
N LEU B 416 12.10 -5.21 -16.62
CA LEU B 416 11.00 -4.24 -16.54
C LEU B 416 9.66 -4.76 -17.09
N LYS B 417 8.67 -4.86 -16.20
CA LYS B 417 7.36 -5.41 -16.56
C LYS B 417 6.37 -4.32 -16.96
N ASN B 418 5.50 -4.64 -17.92
CA ASN B 418 4.45 -3.72 -18.39
C ASN B 418 4.99 -2.36 -18.71
N ALA B 419 6.11 -2.36 -19.41
CA ALA B 419 6.78 -1.10 -19.72
C ALA B 419 5.92 -0.36 -20.70
N GLN B 420 6.01 0.97 -20.61
CA GLN B 420 5.31 1.83 -21.54
C GLN B 420 5.99 3.18 -21.58
N LEU B 421 5.68 3.92 -22.64
CA LEU B 421 6.31 5.21 -22.91
C LEU B 421 5.26 6.28 -22.78
N ARG B 422 5.54 7.24 -21.91
CA ARG B 422 4.69 8.41 -21.76
C ARG B 422 5.08 9.45 -22.80
N TYR B 423 4.26 9.57 -23.83
CA TYR B 423 4.63 10.32 -25.03
C TYR B 423 3.77 11.56 -25.23
N ILE B 424 4.40 12.71 -25.13
CA ILE B 424 3.73 13.97 -25.46
C ILE B 424 4.26 14.61 -26.74
N THR B 425 3.34 14.95 -27.64
CA THR B 425 3.68 15.46 -28.96
C THR B 425 2.88 16.68 -29.33
N THR B 426 3.55 17.66 -29.91
CA THR B 426 2.87 18.77 -30.52
C THR B 426 3.68 19.23 -31.71
N GLY B 427 2.98 19.47 -32.81
CA GLY B 427 3.57 19.96 -34.05
C GLY B 427 3.46 21.46 -34.16
N HIS B 428 4.44 22.08 -34.82
CA HIS B 428 4.50 23.53 -34.91
C HIS B 428 4.93 24.00 -36.28
N GLY B 429 4.71 25.29 -36.50
CA GLY B 429 4.93 25.90 -37.81
C GLY B 429 3.69 26.65 -38.19
N GLY B 430 3.64 27.94 -37.84
CA GLY B 430 2.43 28.73 -37.89
C GLY B 430 2.11 29.27 -39.26
N TRP B 431 1.92 28.38 -40.21
CA TRP B 431 1.40 28.77 -41.53
C TRP B 431 0.76 27.56 -42.20
N GLY B 432 -0.01 27.80 -43.24
CA GLY B 432 -0.83 26.75 -43.89
C GLY B 432 -0.13 25.45 -44.23
N ALA B 433 1.11 25.53 -44.70
CA ALA B 433 1.88 24.31 -45.02
C ALA B 433 2.78 23.89 -43.88
N GLY B 434 2.75 24.64 -42.78
CA GLY B 434 3.52 24.29 -41.60
C GLY B 434 2.91 23.15 -40.80
N ASP B 435 3.71 22.52 -39.95
CA ASP B 435 3.30 21.33 -39.19
C ASP B 435 2.36 21.63 -37.99
N GLU B 436 2.07 22.91 -37.76
CA GLU B 436 1.04 23.25 -36.77
C GLU B 436 -0.34 22.90 -37.29
N PHE B 437 -0.56 23.07 -38.59
CA PHE B 437 -1.88 22.82 -39.23
C PHE B 437 -1.87 21.70 -40.26
N VAL B 438 -0.85 20.85 -40.22
CA VAL B 438 -0.77 19.69 -41.14
C VAL B 438 -0.51 18.39 -40.36
N PRO B 439 -1.35 17.36 -40.58
CA PRO B 439 -1.15 16.08 -39.87
C PRO B 439 0.10 15.36 -40.32
N LYS B 440 0.88 14.90 -39.36
CA LYS B 440 2.07 14.10 -39.65
C LYS B 440 2.15 12.86 -38.75
N GLU B 441 2.39 11.70 -39.36
CA GLU B 441 2.42 10.45 -38.62
C GLU B 441 3.68 10.35 -37.79
N ASN B 442 3.50 10.28 -36.47
CA ASN B 442 4.58 10.04 -35.53
C ASN B 442 4.80 8.53 -35.44
N SER B 443 6.06 8.10 -35.57
CA SER B 443 6.38 6.68 -35.48
C SER B 443 7.38 6.47 -34.34
N ILE B 444 7.01 5.59 -33.41
CA ILE B 444 7.89 5.22 -32.30
C ILE B 444 8.41 3.81 -32.52
N TYR B 445 9.73 3.67 -32.51
CA TYR B 445 10.37 2.36 -32.68
C TYR B 445 11.02 1.96 -31.38
N LEU B 446 11.03 0.66 -31.15
CA LEU B 446 11.65 0.11 -29.96
C LEU B 446 12.55 -1.02 -30.42
N ASP B 447 13.82 -0.88 -30.12
CA ASP B 447 14.83 -1.86 -30.51
C ASP B 447 14.72 -2.15 -31.99
N GLY B 448 14.50 -1.12 -32.78
CA GLY B 448 14.47 -1.27 -34.23
C GLY B 448 13.10 -1.61 -34.82
N LYS B 449 12.28 -2.36 -34.08
CA LYS B 449 10.95 -2.71 -34.56
C LYS B 449 9.97 -1.56 -34.32
N LEU B 450 9.05 -1.37 -35.25
CA LEU B 450 8.03 -0.33 -35.14
C LEU B 450 7.09 -0.68 -34.00
N ALA B 451 7.06 0.14 -32.95
CA ALA B 451 6.21 -0.15 -31.77
C ALA B 451 4.81 0.43 -31.88
N HIS B 452 4.74 1.66 -32.34
CA HIS B 452 3.48 2.42 -32.37
C HIS B 452 3.59 3.55 -33.38
N ALA B 453 2.53 3.74 -34.14
CA ALA B 453 2.48 4.78 -35.14
C ALA B 453 1.09 5.40 -35.13
N PHE B 454 1.05 6.71 -34.97
CA PHE B 454 -0.20 7.41 -35.00
C PHE B 454 -0.01 8.83 -35.47
N THR B 455 -1.08 9.44 -35.93
CA THR B 455 -1.02 10.80 -36.42
C THR B 455 -1.77 11.74 -35.44
N PRO B 456 -1.03 12.51 -34.62
CA PRO B 456 -1.63 13.32 -33.57
C PRO B 456 -2.30 14.55 -34.14
N TRP B 457 -3.59 14.68 -33.87
CA TRP B 457 -4.38 15.73 -34.49
C TRP B 457 -5.66 16.00 -33.71
N ARG B 458 -5.78 17.22 -33.22
CA ARG B 458 -6.93 17.67 -32.47
C ARG B 458 -7.84 18.46 -33.36
N THR B 459 -9.11 18.27 -33.14
CA THR B 459 -10.13 18.64 -34.10
C THR B 459 -11.30 19.32 -33.39
N ASP B 460 -11.04 19.86 -32.20
CA ASP B 460 -12.09 20.36 -31.30
C ASP B 460 -11.75 21.72 -30.69
N CYS B 461 -10.86 22.43 -31.35
CA CYS B 461 -10.31 23.67 -30.81
C CYS B 461 -11.38 24.75 -30.78
N GLY B 462 -12.36 24.61 -31.65
CA GLY B 462 -13.46 25.56 -31.74
C GLY B 462 -14.36 25.60 -30.51
N SER B 463 -14.25 24.59 -29.67
CA SER B 463 -14.99 24.55 -28.40
C SER B 463 -14.48 25.53 -27.33
N TYR B 464 -13.26 26.03 -27.49
CA TYR B 464 -12.60 26.88 -26.48
C TYR B 464 -12.50 28.33 -26.91
N ARG B 465 -13.46 28.76 -27.71
CA ARG B 465 -13.45 30.09 -28.29
C ARG B 465 -13.49 31.19 -27.22
N LEU B 466 -14.30 30.98 -26.20
CA LEU B 466 -14.52 32.02 -25.19
C LEU B 466 -13.31 32.18 -24.27
N PHE B 467 -12.36 31.26 -24.35
CA PHE B 467 -11.10 31.46 -23.68
C PHE B 467 -10.16 32.34 -24.47
N ASN B 468 -10.42 32.51 -25.77
CA ASN B 468 -9.54 33.28 -26.63
C ASN B 468 -10.20 34.55 -27.17
N PRO B 469 -10.06 35.64 -26.44
CA PRO B 469 -10.61 36.92 -26.88
C PRO B 469 -9.79 37.56 -28.00
N ALA B 470 -8.47 37.41 -27.96
CA ALA B 470 -7.60 38.08 -28.94
C ALA B 470 -7.22 37.17 -30.12
N SER B 471 -8.08 36.22 -30.44
CA SER B 471 -7.82 35.34 -31.57
C SER B 471 -8.13 36.03 -32.86
N GLY B 472 -7.20 35.93 -33.80
CA GLY B 472 -7.36 36.60 -35.08
C GLY B 472 -8.51 36.02 -35.88
N ASN B 473 -9.39 36.88 -36.38
CA ASN B 473 -10.52 36.44 -37.21
C ASN B 473 -10.26 36.58 -38.68
N PHE B 474 -10.43 35.49 -39.41
CA PHE B 474 -10.12 35.46 -40.83
C PHE B 474 -11.32 35.78 -41.69
N GLU B 475 -11.07 36.00 -42.97
CA GLU B 475 -12.11 36.38 -43.93
C GLU B 475 -13.13 35.26 -44.18
N ASP B 476 -12.73 34.03 -43.93
CA ASP B 476 -13.60 32.87 -44.13
C ASP B 476 -14.56 32.62 -42.96
N GLY B 477 -14.55 33.48 -41.95
CA GLY B 477 -15.50 33.35 -40.81
C GLY B 477 -14.95 32.61 -39.59
N LEU B 478 -13.87 31.87 -39.80
CA LEU B 478 -13.18 31.16 -38.71
C LEU B 478 -12.25 32.04 -37.91
N SER B 479 -12.07 31.70 -36.65
CA SER B 479 -11.07 32.35 -35.81
C SER B 479 -9.87 31.44 -35.66
N SER B 480 -8.73 32.04 -35.36
CA SER B 480 -7.47 31.29 -35.25
C SER B 480 -7.57 30.14 -34.25
N SER B 481 -8.24 30.41 -33.13
CA SER B 481 -8.39 29.43 -32.06
C SER B 481 -9.31 28.28 -32.42
N ASP B 482 -10.07 28.41 -33.50
CA ASP B 482 -10.99 27.33 -33.94
C ASP B 482 -10.29 26.25 -34.79
N LEU B 483 -9.14 26.59 -35.34
CA LEU B 483 -8.51 25.76 -36.35
C LEU B 483 -7.99 24.47 -35.76
N SER B 484 -8.19 23.37 -36.49
CA SER B 484 -7.64 22.08 -36.10
C SER B 484 -6.12 22.12 -36.22
N ARG B 485 -5.45 21.51 -35.23
CA ARG B 485 -4.00 21.56 -35.13
C ARG B 485 -3.37 20.22 -34.79
N SER B 486 -2.05 20.16 -34.90
CA SER B 486 -1.28 18.96 -34.60
C SER B 486 -1.16 18.74 -33.10
N ASN B 487 -2.27 18.27 -32.53
CA ASN B 487 -2.35 17.72 -31.16
C ASN B 487 -2.37 18.74 -30.03
N TRP B 488 -2.78 19.96 -30.34
CA TRP B 488 -2.98 20.98 -29.32
C TRP B 488 -3.98 22.05 -29.73
N CYS B 489 -4.71 22.59 -28.75
CA CYS B 489 -5.58 23.75 -28.97
C CYS B 489 -5.20 24.83 -27.97
N PRO B 490 -5.39 26.10 -28.35
CA PRO B 490 -5.18 27.22 -27.44
C PRO B 490 -6.09 27.21 -26.24
N GLY B 491 -5.47 27.24 -25.06
CA GLY B 491 -6.19 27.19 -23.80
C GLY B 491 -6.43 25.81 -23.21
N THR B 492 -5.67 24.81 -23.65
CA THR B 492 -5.88 23.43 -23.19
C THR B 492 -4.61 22.66 -23.05
N ILE B 493 -4.69 21.63 -22.24
CA ILE B 493 -3.62 20.66 -22.08
C ILE B 493 -3.57 19.72 -23.29
N THR B 494 -2.38 19.20 -23.61
CA THR B 494 -2.27 18.06 -24.53
C THR B 494 -1.93 16.81 -23.73
N ASN B 495 -2.77 15.78 -23.87
CA ASN B 495 -2.64 14.57 -23.09
C ASN B 495 -1.49 13.73 -23.57
N PRO B 496 -0.69 13.21 -22.63
CA PRO B 496 0.25 12.21 -23.05
C PRO B 496 -0.47 11.01 -23.56
N VAL B 497 0.18 10.33 -24.49
CA VAL B 497 -0.24 9.02 -24.92
C VAL B 497 0.65 8.02 -24.19
N TYR B 498 0.02 6.98 -23.66
CA TYR B 498 0.75 5.91 -23.01
C TYR B 498 0.89 4.71 -23.94
N ILE B 499 2.05 4.64 -24.56
CA ILE B 499 2.36 3.62 -25.55
C ILE B 499 2.88 2.36 -24.86
N ASN B 500 2.17 1.25 -25.03
CA ASN B 500 2.60 -0.03 -24.46
C ASN B 500 3.81 -0.57 -25.20
N LEU B 501 4.83 -0.94 -24.43
CA LEU B 501 6.04 -1.55 -24.97
C LEU B 501 6.20 -3.02 -24.57
N GLY B 502 5.28 -3.53 -23.76
CA GLY B 502 5.35 -4.91 -23.27
C GLY B 502 6.45 -5.02 -22.24
N ASN B 503 7.01 -6.21 -22.07
CA ASN B 503 8.06 -6.43 -21.08
C ASN B 503 9.43 -6.26 -21.68
N LEU B 504 10.32 -5.63 -20.93
CA LEU B 504 11.67 -5.38 -21.39
C LEU B 504 12.69 -6.04 -20.50
N ASN B 505 13.63 -6.76 -21.12
CA ASN B 505 14.73 -7.36 -20.38
C ASN B 505 15.78 -6.33 -20.01
N ALA B 506 16.61 -6.69 -19.04
CA ALA B 506 17.69 -5.83 -18.63
C ALA B 506 18.68 -5.76 -19.76
N GLY B 507 19.43 -4.68 -19.81
CA GLY B 507 20.47 -4.52 -20.82
C GLY B 507 20.22 -3.38 -21.76
N LYS B 508 20.86 -3.45 -22.93
CA LYS B 508 20.78 -2.40 -23.91
C LYS B 508 19.43 -2.40 -24.60
N HIS B 509 18.85 -1.20 -24.71
CA HIS B 509 17.62 -0.99 -25.43
C HIS B 509 17.68 0.36 -26.14
N THR B 510 17.24 0.38 -27.39
CA THR B 510 17.19 1.60 -28.17
C THR B 510 15.77 1.97 -28.50
N ILE B 511 15.51 3.27 -28.45
CA ILE B 511 14.21 3.82 -28.78
C ILE B 511 14.35 5.05 -29.68
N GLN B 512 13.47 5.10 -30.67
CA GLN B 512 13.60 6.04 -31.77
C GLN B 512 12.26 6.64 -32.10
N VAL B 513 12.29 7.90 -32.49
CA VAL B 513 11.09 8.61 -32.90
C VAL B 513 11.30 9.23 -34.28
N LYS B 514 10.46 8.89 -35.23
CA LYS B 514 10.57 9.41 -36.58
C LYS B 514 9.32 10.18 -36.92
N ILE B 515 9.50 11.36 -37.50
CA ILE B 515 8.38 12.21 -37.96
C ILE B 515 8.73 12.89 -39.30
N PRO B 516 7.78 12.85 -40.28
CA PRO B 516 8.02 13.47 -41.60
C PRO B 516 7.84 14.96 -41.51
N GLN B 517 8.90 15.62 -41.07
CA GLN B 517 8.87 17.03 -40.76
C GLN B 517 8.72 17.80 -42.05
N GLY B 518 7.93 18.87 -42.03
CA GLY B 518 7.66 19.70 -43.21
C GLY B 518 8.79 20.65 -43.47
N ALA B 519 9.01 20.97 -44.74
CA ALA B 519 10.14 21.82 -45.12
C ALA B 519 9.89 23.26 -44.70
N PRO B 520 10.97 24.04 -44.48
CA PRO B 520 10.77 25.43 -44.13
C PRO B 520 10.35 26.23 -45.36
N GLU B 521 9.51 27.24 -45.17
CA GLU B 521 9.04 28.06 -46.27
C GLU B 521 9.94 29.29 -46.45
N GLY B 522 9.90 30.19 -45.47
CA GLY B 522 10.71 31.40 -45.49
C GLY B 522 11.85 31.20 -44.52
N SER B 523 11.88 32.04 -43.51
CA SER B 523 12.68 31.79 -42.32
C SER B 523 11.83 30.99 -41.31
N SER B 524 10.57 30.74 -41.68
CA SER B 524 9.67 29.89 -40.89
C SER B 524 10.02 28.42 -41.03
N GLN B 525 10.16 27.76 -39.88
CA GLN B 525 10.44 26.33 -39.81
C GLN B 525 9.36 25.55 -39.06
N SER B 526 9.16 24.31 -39.47
CA SER B 526 8.32 23.37 -38.73
C SER B 526 9.18 22.62 -37.72
N PHE B 527 8.71 22.54 -36.49
CA PHE B 527 9.45 21.86 -35.41
C PHE B 527 8.48 21.09 -34.53
N TRP B 528 9.00 20.07 -33.85
CA TRP B 528 8.16 19.16 -33.06
C TRP B 528 8.64 19.02 -31.63
N ASN B 529 7.90 19.67 -30.74
CA ASN B 529 8.09 19.50 -29.31
C ASN B 529 7.58 18.14 -28.89
N VAL B 530 8.52 17.33 -28.42
CA VAL B 530 8.27 15.92 -28.16
C VAL B 530 9.02 15.44 -26.92
N SER B 531 8.31 14.79 -26.00
CA SER B 531 8.94 14.23 -24.80
C SER B 531 8.52 12.79 -24.57
N GLY B 532 9.42 12.06 -23.91
CA GLY B 532 9.25 10.63 -23.68
C GLY B 532 9.81 10.22 -22.32
N VAL B 533 9.00 9.49 -21.58
CA VAL B 533 9.37 9.00 -20.26
C VAL B 533 9.03 7.54 -20.16
N LEU B 534 10.00 6.74 -19.72
CA LEU B 534 9.85 5.30 -19.63
C LEU B 534 9.28 4.89 -18.27
N LEU B 535 8.16 4.18 -18.31
CA LEU B 535 7.50 3.67 -17.11
C LEU B 535 7.52 2.16 -17.08
N GLY B 536 7.43 1.60 -15.88
CA GLY B 536 7.33 0.14 -15.74
C GLY B 536 7.42 -0.34 -14.29
N GLN B 537 7.54 -1.66 -14.14
CA GLN B 537 7.67 -2.29 -12.82
C GLN B 537 8.94 -3.12 -12.75
N GLU B 538 9.88 -2.70 -11.90
CA GLU B 538 11.18 -3.39 -11.77
C GLU B 538 11.12 -4.69 -10.96
N HIS B 539 12.26 -5.39 -10.83
CA HIS B 539 12.38 -6.51 -9.86
C HIS B 539 13.61 -6.57 -8.94
N ALA C 1 -10.76 -40.15 -27.66
CA ALA C 1 -10.62 -39.49 -26.33
C ALA C 1 -11.29 -38.11 -26.34
N GLN C 2 -12.54 -38.07 -25.88
CA GLN C 2 -13.23 -36.80 -25.71
C GLN C 2 -12.54 -36.05 -24.57
N THR C 3 -12.16 -34.80 -24.86
CA THR C 3 -11.57 -33.91 -23.85
C THR C 3 -12.69 -33.09 -23.23
N TYR C 4 -12.71 -33.01 -21.90
CA TYR C 4 -13.71 -32.24 -21.13
C TYR C 4 -13.06 -31.12 -20.31
N GLU C 5 -13.84 -30.06 -20.05
CA GLU C 5 -13.39 -28.91 -19.26
C GLU C 5 -14.34 -28.63 -18.09
N ILE C 6 -13.81 -28.78 -16.88
CA ILE C 6 -14.58 -28.62 -15.67
C ILE C 6 -14.13 -27.34 -14.97
N THR C 7 -15.09 -26.45 -14.74
CA THR C 7 -14.86 -25.25 -13.93
C THR C 7 -15.41 -25.46 -12.53
N TYR C 8 -14.66 -25.00 -11.54
CA TYR C 8 -15.04 -25.14 -10.13
C TYR C 8 -15.33 -23.81 -9.47
N GLN C 9 -15.90 -23.89 -8.28
CA GLN C 9 -16.31 -22.72 -7.50
C GLN C 9 -16.05 -22.95 -6.02
N ASN C 10 -15.45 -21.95 -5.36
CA ASN C 10 -15.07 -22.06 -3.95
C ASN C 10 -16.07 -21.39 -3.01
N SER C 11 -16.58 -22.18 -2.07
CA SER C 11 -17.47 -21.67 -1.03
C SER C 11 -16.86 -21.90 0.35
N PHE C 12 -17.25 -21.07 1.30
CA PHE C 12 -16.84 -21.23 2.69
C PHE C 12 -18.01 -21.00 3.65
N GLU C 13 -18.69 -22.10 3.99
CA GLU C 13 -19.87 -22.11 4.86
C GLU C 13 -21.04 -21.38 4.21
N GLY C 14 -21.14 -21.48 2.89
CA GLY C 14 -22.14 -20.74 2.13
C GLY C 14 -21.58 -19.52 1.39
N LYS C 15 -20.62 -18.83 2.01
CA LYS C 15 -19.99 -17.62 1.43
C LYS C 15 -19.22 -17.95 0.14
N ILE C 16 -19.85 -17.67 -1.00
CA ILE C 16 -19.21 -17.82 -2.31
C ILE C 16 -18.29 -16.61 -2.53
N ASN C 17 -17.00 -16.86 -2.73
CA ASN C 17 -16.05 -15.74 -2.89
C ASN C 17 -16.32 -14.91 -4.15
N PRO C 18 -16.20 -13.57 -4.03
CA PRO C 18 -16.65 -12.75 -5.14
C PRO C 18 -15.70 -12.82 -6.35
N ASN C 19 -14.48 -12.31 -6.16
CA ASN C 19 -13.48 -12.21 -7.22
C ASN C 19 -12.51 -13.34 -7.06
N GLN C 20 -13.04 -14.55 -7.10
CA GLN C 20 -12.21 -15.73 -6.99
C GLN C 20 -11.63 -16.12 -8.35
N ASN C 21 -10.46 -16.76 -8.30
CA ASN C 21 -9.80 -17.30 -9.48
C ASN C 21 -10.20 -18.75 -9.70
N HIS C 22 -11.22 -18.96 -10.52
CA HIS C 22 -11.88 -20.26 -10.65
C HIS C 22 -10.87 -21.34 -11.07
N ILE C 23 -10.88 -22.45 -10.35
CA ILE C 23 -10.05 -23.60 -10.69
C ILE C 23 -10.65 -24.27 -11.92
N ILE C 24 -9.78 -24.68 -12.83
CA ILE C 24 -10.20 -25.35 -14.07
C ILE C 24 -9.45 -26.66 -14.23
N SER C 25 -10.18 -27.68 -14.68
CA SER C 25 -9.62 -29.02 -14.88
C SER C 25 -9.98 -29.55 -16.26
N ILE C 26 -9.03 -29.49 -17.18
CA ILE C 26 -9.18 -30.07 -18.51
C ILE C 26 -8.75 -31.53 -18.42
N THR C 27 -9.46 -32.42 -19.10
CA THR C 27 -9.22 -33.86 -18.93
C THR C 27 -9.71 -34.73 -20.09
N ASN C 28 -9.00 -35.82 -20.34
CA ASN C 28 -9.47 -36.92 -21.21
C ASN C 28 -8.89 -38.25 -20.71
N SER C 29 -9.19 -39.34 -21.39
CA SER C 29 -8.70 -40.66 -20.98
C SER C 29 -7.16 -40.80 -20.93
N ASP C 30 -6.45 -39.94 -21.66
CA ASP C 30 -4.97 -40.01 -21.76
C ASP C 30 -4.25 -39.13 -20.75
N LYS C 31 -4.50 -37.82 -20.81
CA LYS C 31 -3.91 -36.83 -19.88
C LYS C 31 -4.99 -36.04 -19.16
N THR C 32 -4.58 -35.33 -18.13
CA THR C 32 -5.45 -34.35 -17.46
C THR C 32 -4.60 -33.19 -17.00
N LEU C 33 -5.17 -32.00 -17.02
CA LEU C 33 -4.47 -30.76 -16.73
C LEU C 33 -5.21 -30.00 -15.63
N LEU C 34 -4.48 -29.60 -14.59
CA LEU C 34 -5.06 -28.83 -13.50
C LEU C 34 -4.43 -27.43 -13.42
N PHE C 35 -5.28 -26.40 -13.41
CA PHE C 35 -4.82 -24.99 -13.38
C PHE C 35 -6.01 -24.06 -13.06
N ASN C 36 -5.97 -22.81 -13.51
CA ASN C 36 -7.10 -21.86 -13.27
C ASN C 36 -7.20 -20.73 -14.30
N GLU C 37 -8.23 -19.90 -14.13
CA GLU C 37 -8.58 -18.84 -15.10
C GLU C 37 -7.41 -17.94 -15.48
N LYS C 38 -6.73 -17.40 -14.48
CA LYS C 38 -5.63 -16.45 -14.72
C LYS C 38 -4.46 -17.12 -15.43
N ILE C 39 -4.18 -18.34 -15.05
CA ILE C 39 -3.13 -19.13 -15.72
C ILE C 39 -3.51 -19.42 -17.17
N LYS C 40 -4.80 -19.71 -17.40
CA LYS C 40 -5.30 -19.97 -18.75
C LYS C 40 -5.18 -18.73 -19.64
N ASN C 41 -5.59 -17.58 -19.10
CA ASN C 41 -5.59 -16.32 -19.86
C ASN C 41 -4.33 -15.48 -19.68
N LYS C 42 -3.27 -16.13 -19.16
CA LYS C 42 -1.94 -15.53 -19.03
C LYS C 42 -1.98 -14.25 -18.19
N LYS C 43 -2.82 -14.25 -17.16
CA LYS C 43 -2.95 -13.14 -16.24
C LYS C 43 -2.34 -13.45 -14.86
N ALA C 44 -1.71 -14.63 -14.74
CA ALA C 44 -1.22 -15.09 -13.44
C ALA C 44 0.09 -14.42 -13.01
N ASP C 45 0.19 -14.05 -11.73
CA ASP C 45 1.42 -13.50 -11.15
C ASP C 45 2.36 -14.61 -10.71
N PHE C 46 3.65 -14.41 -10.94
CA PHE C 46 4.63 -15.42 -10.55
C PHE C 46 4.82 -15.41 -9.05
N PRO C 47 5.08 -16.58 -8.45
CA PRO C 47 5.13 -17.88 -9.10
C PRO C 47 3.74 -18.54 -9.11
N PHE C 48 3.58 -19.56 -9.95
CA PHE C 48 2.34 -20.34 -9.97
C PHE C 48 2.57 -21.75 -10.50
N GLU C 49 1.80 -22.70 -9.97
CA GLU C 49 1.94 -24.12 -10.29
C GLU C 49 0.86 -24.65 -11.21
N VAL C 50 1.22 -25.70 -11.94
CA VAL C 50 0.33 -26.37 -12.86
C VAL C 50 0.60 -27.85 -12.80
N ASN C 51 -0.46 -28.65 -12.66
CA ASN C 51 -0.31 -30.11 -12.58
C ASN C 51 -0.83 -30.82 -13.81
N GLU C 52 -0.14 -31.90 -14.18
CA GLU C 52 -0.57 -32.78 -15.27
C GLU C 52 -0.36 -34.22 -14.88
N ILE C 53 -1.36 -35.03 -15.17
CA ILE C 53 -1.35 -36.43 -14.80
C ILE C 53 -1.40 -37.22 -16.09
N ASN C 54 -0.40 -38.08 -16.30
CA ASN C 54 -0.43 -39.00 -17.42
C ASN C 54 -1.10 -40.31 -17.02
N ARG C 55 -2.30 -40.56 -17.55
CA ARG C 55 -3.13 -41.69 -17.10
C ARG C 55 -2.59 -43.06 -17.51
N LYS C 56 -1.73 -43.09 -18.53
CA LYS C 56 -1.05 -44.34 -18.96
C LYS C 56 -0.22 -44.98 -17.83
N ASN C 57 0.25 -44.15 -16.90
CA ASN C 57 1.09 -44.62 -15.80
C ASN C 57 0.95 -43.83 -14.48
N ASN C 58 -0.11 -43.04 -14.37
CA ASN C 58 -0.38 -42.22 -13.17
C ASN C 58 0.81 -41.38 -12.72
N GLU C 59 1.56 -40.88 -13.69
CA GLU C 59 2.70 -40.02 -13.41
C GLU C 59 2.20 -38.60 -13.22
N VAL C 60 2.26 -38.14 -11.98
CA VAL C 60 1.84 -36.79 -11.64
C VAL C 60 3.02 -35.83 -11.83
N SER C 61 2.90 -34.91 -12.78
CA SER C 61 3.96 -33.94 -13.04
C SER C 61 3.50 -32.56 -12.59
N GLN C 62 4.22 -31.98 -11.64
CA GLN C 62 3.97 -30.60 -11.21
C GLN C 62 4.94 -29.64 -11.89
N PHE C 63 4.39 -28.59 -12.50
CA PHE C 63 5.18 -27.58 -13.20
C PHE C 63 5.08 -26.25 -12.46
N ALA C 64 6.22 -25.71 -12.05
CA ALA C 64 6.23 -24.42 -11.36
C ALA C 64 6.77 -23.34 -12.28
N PHE C 65 6.00 -22.26 -12.44
CA PHE C 65 6.39 -21.13 -13.28
C PHE C 65 6.97 -20.04 -12.39
N LEU C 66 8.29 -19.93 -12.41
CA LEU C 66 9.00 -19.03 -11.49
C LEU C 66 9.09 -17.60 -12.03
N ASN C 67 9.31 -17.50 -13.34
CA ASN C 67 9.45 -16.20 -14.00
C ASN C 67 9.23 -16.36 -15.50
N ASN C 68 9.43 -15.29 -16.27
CA ASN C 68 9.14 -15.30 -17.71
C ASN C 68 9.94 -16.29 -18.55
N ASN C 69 11.11 -16.69 -18.06
CA ASN C 69 12.00 -17.57 -18.82
C ASN C 69 12.00 -18.99 -18.29
N GLU C 70 12.25 -19.12 -16.99
CA GLU C 70 12.47 -20.42 -16.37
C GLU C 70 11.21 -21.06 -15.72
N ILE C 71 11.02 -22.34 -16.05
CA ILE C 71 10.03 -23.22 -15.45
C ILE C 71 10.79 -24.42 -14.85
N VAL C 72 10.27 -24.98 -13.77
CA VAL C 72 10.80 -26.23 -13.19
C VAL C 72 9.72 -27.25 -12.87
N LYS C 73 10.06 -28.53 -12.99
CA LYS C 73 9.08 -29.58 -12.77
C LYS C 73 9.62 -30.74 -11.98
N THR C 74 8.68 -31.49 -11.41
CA THR C 74 9.00 -32.71 -10.69
C THR C 74 7.89 -33.70 -10.96
N SER C 75 8.28 -34.95 -11.19
CA SER C 75 7.35 -36.00 -11.49
C SER C 75 7.37 -37.07 -10.41
N ASP C 76 6.26 -37.77 -10.27
CA ASP C 76 6.13 -38.88 -9.31
C ASP C 76 4.94 -39.77 -9.68
N ASN C 77 5.17 -41.07 -9.80
CA ASN C 77 4.11 -42.02 -10.18
C ASN C 77 3.58 -42.84 -8.99
N THR C 78 3.83 -42.35 -7.78
CA THR C 78 3.47 -43.08 -6.55
C THR C 78 2.50 -42.28 -5.66
N ILE C 79 2.05 -41.13 -6.13
CA ILE C 79 1.20 -40.24 -5.31
C ILE C 79 -0.22 -40.80 -5.15
N LEU C 80 -0.81 -41.17 -6.28
CA LEU C 80 -2.21 -41.61 -6.30
C LEU C 80 -2.45 -42.94 -5.60
N ALA C 81 -1.44 -43.82 -5.65
CA ALA C 81 -1.52 -45.10 -4.93
C ALA C 81 -1.53 -44.91 -3.41
N LYS C 82 -0.74 -43.94 -2.93
CA LYS C 82 -0.59 -43.67 -1.50
C LYS C 82 -1.81 -42.99 -0.87
N GLN C 83 -2.71 -42.46 -1.69
CA GLN C 83 -3.94 -41.86 -1.18
C GLN C 83 -4.92 -42.90 -0.68
N GLU C 84 -5.12 -42.95 0.64
CA GLU C 84 -6.06 -43.89 1.25
C GLU C 84 -7.42 -43.28 1.41
N PHE C 85 -8.41 -43.87 0.74
CA PHE C 85 -9.79 -43.42 0.83
C PHE C 85 -10.69 -44.48 1.44
N LYS C 86 -11.46 -44.09 2.44
CA LYS C 86 -12.51 -44.96 2.99
C LYS C 86 -13.80 -44.72 2.19
N PRO C 87 -14.43 -45.80 1.68
CA PRO C 87 -15.66 -45.62 0.91
C PRO C 87 -16.91 -45.49 1.78
N THR C 88 -17.97 -44.89 1.22
CA THR C 88 -19.26 -44.75 1.90
C THR C 88 -20.40 -45.10 0.98
N SER C 89 -21.57 -45.29 1.55
CA SER C 89 -22.75 -45.66 0.77
C SER C 89 -23.46 -44.46 0.15
N GLU C 90 -23.03 -43.26 0.50
CA GLU C 90 -23.72 -42.04 0.04
C GLU C 90 -23.46 -41.74 -1.44
N THR C 91 -24.54 -41.38 -2.13
CA THR C 91 -24.51 -41.04 -3.57
C THR C 91 -25.49 -39.88 -3.90
N GLY C 92 -25.48 -39.43 -5.15
CA GLY C 92 -26.35 -38.33 -5.59
C GLY C 92 -26.10 -37.88 -7.03
N LYS C 93 -26.46 -36.62 -7.33
CA LYS C 93 -26.21 -36.02 -8.65
C LYS C 93 -25.57 -34.66 -8.50
N ILE C 94 -24.59 -34.39 -9.36
CA ILE C 94 -23.98 -33.07 -9.46
C ILE C 94 -23.94 -32.76 -10.96
N LEU C 95 -24.61 -31.69 -11.37
CA LEU C 95 -24.74 -31.31 -12.80
C LEU C 95 -25.23 -32.45 -13.71
N GLY C 96 -26.14 -33.25 -13.17
CA GLY C 96 -26.73 -34.37 -13.90
C GLY C 96 -25.97 -35.68 -13.70
N TYR C 97 -24.66 -35.61 -13.53
CA TYR C 97 -23.82 -36.82 -13.46
C TYR C 97 -23.97 -37.49 -12.09
N ASN C 98 -23.96 -38.82 -12.10
CA ASN C 98 -24.04 -39.61 -10.86
C ASN C 98 -22.73 -39.65 -10.11
N VAL C 99 -22.82 -39.47 -8.80
CA VAL C 99 -21.63 -39.36 -7.96
C VAL C 99 -21.68 -40.25 -6.74
N LYS C 100 -20.50 -40.52 -6.20
CA LYS C 100 -20.31 -41.35 -5.01
C LYS C 100 -19.38 -40.62 -4.05
N LYS C 101 -19.72 -40.61 -2.77
CA LYS C 101 -18.84 -39.98 -1.76
C LYS C 101 -17.75 -40.94 -1.27
N ALA C 102 -16.57 -40.39 -1.05
CA ALA C 102 -15.47 -41.11 -0.41
C ALA C 102 -14.75 -40.17 0.57
N VAL C 103 -14.20 -40.74 1.64
CA VAL C 103 -13.62 -39.93 2.73
C VAL C 103 -12.15 -40.25 2.97
N THR C 104 -11.42 -39.24 3.45
CA THR C 104 -10.01 -39.40 3.81
C THR C 104 -9.63 -38.39 4.87
N SER C 105 -8.41 -38.52 5.40
CA SER C 105 -7.87 -37.52 6.33
C SER C 105 -6.45 -37.14 5.94
N VAL C 106 -6.27 -35.87 5.67
CA VAL C 106 -4.96 -35.31 5.35
C VAL C 106 -4.51 -34.47 6.54
N ASN C 107 -3.54 -34.97 7.29
CA ASN C 107 -3.04 -34.25 8.47
C ASN C 107 -4.16 -33.73 9.37
N SER C 108 -4.91 -34.65 9.96
CA SER C 108 -5.99 -34.29 10.91
C SER C 108 -7.13 -33.44 10.29
N ASN C 109 -7.25 -33.46 8.95
CA ASN C 109 -8.39 -32.83 8.25
C ASN C 109 -9.29 -33.88 7.61
N THR C 110 -10.61 -33.70 7.72
CA THR C 110 -11.56 -34.62 7.08
C THR C 110 -11.95 -34.09 5.71
N ILE C 111 -11.58 -34.83 4.67
CA ILE C 111 -11.92 -34.44 3.30
C ILE C 111 -12.92 -35.43 2.73
N GLU C 112 -14.08 -34.90 2.30
CA GLU C 112 -15.07 -35.68 1.55
C GLU C 112 -14.90 -35.40 0.08
N VAL C 113 -14.95 -36.46 -0.72
CA VAL C 113 -14.71 -36.38 -2.15
C VAL C 113 -15.89 -37.02 -2.88
N TRP C 114 -16.60 -36.21 -3.66
CA TRP C 114 -17.69 -36.71 -4.52
C TRP C 114 -17.20 -36.82 -5.95
N TYR C 115 -17.22 -38.05 -6.47
CA TYR C 115 -16.69 -38.35 -7.81
C TYR C 115 -17.67 -39.14 -8.68
N THR C 116 -17.55 -38.95 -9.99
CA THR C 116 -18.36 -39.64 -10.99
C THR C 116 -17.51 -40.49 -11.91
N ASN C 117 -18.02 -41.65 -12.28
CA ASN C 117 -17.35 -42.55 -13.22
C ASN C 117 -18.09 -42.61 -14.54
N ASP C 118 -19.03 -41.70 -14.73
CA ASP C 118 -19.98 -41.77 -15.84
C ASP C 118 -19.29 -41.58 -17.19
N LEU C 119 -18.47 -40.54 -17.26
CA LEU C 119 -17.77 -40.14 -18.50
C LEU C 119 -16.50 -40.93 -18.80
N LYS C 120 -16.15 -41.85 -17.92
CA LYS C 120 -14.96 -42.70 -18.08
C LYS C 120 -13.70 -41.85 -18.34
N VAL C 121 -13.63 -40.72 -17.65
CA VAL C 121 -12.40 -39.92 -17.56
C VAL C 121 -12.22 -39.56 -16.09
N LYS C 122 -11.02 -39.12 -15.74
CA LYS C 122 -10.73 -38.75 -14.37
C LYS C 122 -10.22 -37.32 -14.28
N GLY C 123 -10.38 -36.73 -13.10
CA GLY C 123 -10.07 -35.33 -12.91
C GLY C 123 -10.48 -34.83 -11.54
N GLY C 124 -10.38 -33.53 -11.35
CA GLY C 124 -10.72 -32.91 -10.05
C GLY C 124 -10.09 -31.55 -9.85
N PRO C 125 -10.48 -30.84 -8.77
CA PRO C 125 -9.97 -29.52 -8.44
C PRO C 125 -8.63 -29.58 -7.70
N SER C 126 -8.26 -30.76 -7.21
CA SER C 126 -6.98 -30.95 -6.55
C SER C 126 -6.44 -32.33 -6.81
N ILE C 127 -5.21 -32.56 -6.37
CA ILE C 127 -4.59 -33.88 -6.45
C ILE C 127 -5.44 -34.96 -5.74
N LEU C 128 -6.11 -34.57 -4.67
CA LEU C 128 -6.95 -35.52 -3.93
C LEU C 128 -8.05 -36.13 -4.79
N GLY C 129 -8.12 -37.46 -4.76
CA GLY C 129 -9.22 -38.22 -5.36
C GLY C 129 -9.16 -38.34 -6.87
N GLN C 130 -8.00 -38.06 -7.44
CA GLN C 130 -7.82 -38.09 -8.89
C GLN C 130 -7.98 -39.51 -9.44
N ASP C 131 -7.55 -40.51 -8.67
CA ASP C 131 -7.62 -41.89 -9.15
C ASP C 131 -9.03 -42.48 -9.04
N LEU C 132 -9.86 -41.92 -8.16
CA LEU C 132 -11.23 -42.43 -7.96
C LEU C 132 -12.09 -42.25 -9.18
N GLY C 133 -12.05 -41.06 -9.75
CA GLY C 133 -12.80 -40.74 -10.96
C GLY C 133 -12.73 -39.26 -11.23
N LEU C 134 -13.81 -38.70 -11.76
CA LEU C 134 -13.89 -37.25 -11.96
C LEU C 134 -14.53 -36.62 -10.74
N VAL C 135 -13.72 -35.93 -9.95
CA VAL C 135 -14.16 -35.29 -8.72
C VAL C 135 -14.89 -33.98 -9.06
N LEU C 136 -16.17 -33.91 -8.72
CA LEU C 136 -16.99 -32.73 -8.97
C LEU C 136 -17.21 -31.85 -7.74
N LYS C 137 -16.93 -32.40 -6.56
CA LYS C 137 -17.11 -31.67 -5.30
C LYS C 137 -16.24 -32.23 -4.16
N THR C 138 -15.50 -31.34 -3.52
CA THR C 138 -14.75 -31.68 -2.31
C THR C 138 -15.14 -30.79 -1.13
N VAL C 139 -15.16 -31.39 0.06
CA VAL C 139 -15.57 -30.71 1.30
C VAL C 139 -14.51 -30.92 2.37
N ARG C 140 -13.74 -29.87 2.65
CA ARG C 140 -12.70 -29.91 3.69
C ARG C 140 -13.24 -29.42 5.03
N ASN C 141 -13.24 -30.31 6.02
CA ASN C 141 -13.70 -30.02 7.40
C ASN C 141 -15.16 -29.59 7.52
N GLY C 142 -15.96 -29.97 6.52
CA GLY C 142 -17.38 -29.61 6.51
C GLY C 142 -17.70 -28.14 6.27
N SER C 143 -16.68 -27.30 6.08
CA SER C 143 -16.87 -25.85 5.88
C SER C 143 -16.46 -25.39 4.48
N SER C 144 -15.22 -25.70 4.10
CA SER C 144 -14.69 -25.32 2.78
C SER C 144 -15.16 -26.28 1.68
N VAL C 145 -15.82 -25.70 0.69
CA VAL C 145 -16.40 -26.47 -0.43
C VAL C 145 -15.78 -26.01 -1.73
N VAL C 146 -15.58 -26.96 -2.63
CA VAL C 146 -15.12 -26.67 -3.98
C VAL C 146 -15.99 -27.49 -4.92
N GLU C 147 -17.07 -26.88 -5.38
CA GLU C 147 -18.03 -27.56 -6.22
C GLU C 147 -17.87 -27.14 -7.68
N ALA C 148 -18.12 -28.10 -8.57
CA ALA C 148 -18.07 -27.85 -10.02
C ALA C 148 -19.28 -27.05 -10.46
N THR C 149 -19.06 -26.05 -11.31
CA THR C 149 -20.17 -25.25 -11.87
C THR C 149 -20.61 -25.76 -13.24
N SER C 150 -19.66 -26.01 -14.13
CA SER C 150 -19.97 -26.47 -15.49
C SER C 150 -19.01 -27.56 -15.95
N VAL C 151 -19.47 -28.34 -16.92
CA VAL C 151 -18.67 -29.43 -17.52
C VAL C 151 -18.90 -29.44 -19.03
N LYS C 152 -18.09 -28.67 -19.75
CA LYS C 152 -18.22 -28.53 -21.21
C LYS C 152 -17.30 -29.50 -21.97
N LYS C 153 -17.73 -29.88 -23.17
CA LYS C 153 -16.89 -30.67 -24.07
C LYS C 153 -16.05 -29.72 -24.91
N ILE C 154 -14.76 -29.99 -25.05
CA ILE C 154 -13.87 -29.12 -25.85
C ILE C 154 -13.09 -29.91 -26.90
N LYS C 155 -12.45 -29.16 -27.78
CA LYS C 155 -11.81 -29.72 -28.97
C LYS C 155 -10.68 -30.68 -28.59
N ALA C 156 -9.68 -30.17 -27.88
CA ALA C 156 -8.51 -30.97 -27.52
C ALA C 156 -7.74 -30.37 -26.36
N LEU C 157 -7.06 -31.22 -25.61
CA LEU C 157 -6.17 -30.76 -24.54
C LEU C 157 -4.85 -30.32 -25.18
N ASP C 158 -4.62 -29.01 -25.21
CA ASP C 158 -3.39 -28.47 -25.80
C ASP C 158 -2.71 -27.51 -24.84
N ASP C 159 -1.54 -27.90 -24.38
CA ASP C 159 -0.79 -27.11 -23.40
C ASP C 159 0.47 -26.53 -24.00
N GLN C 160 0.60 -26.59 -25.33
CA GLN C 160 1.80 -26.10 -25.99
C GLN C 160 1.95 -24.58 -25.81
N SER C 161 0.87 -23.86 -26.06
CA SER C 161 0.88 -22.38 -25.96
C SER C 161 1.08 -21.92 -24.51
N LEU C 162 0.85 -22.81 -23.56
CA LEU C 162 1.08 -22.52 -22.14
C LEU C 162 2.56 -22.47 -21.74
N PHE C 163 3.38 -23.40 -22.24
CA PHE C 163 4.84 -23.41 -21.96
C PHE C 163 5.70 -23.47 -23.21
N ASN C 164 5.61 -22.42 -24.01
CA ASN C 164 6.43 -22.29 -25.21
C ASN C 164 7.38 -21.13 -25.06
N GLY C 165 8.63 -21.32 -25.47
CA GLY C 165 9.66 -20.30 -25.27
C GLY C 165 10.08 -20.20 -23.81
N LYS C 166 9.72 -21.20 -23.03
CA LYS C 166 10.05 -21.26 -21.60
C LYS C 166 10.90 -22.50 -21.37
N ASN C 167 11.91 -22.33 -20.52
CA ASN C 167 12.97 -23.31 -20.37
C ASN C 167 12.68 -24.25 -19.18
N ILE C 168 12.21 -25.46 -19.48
CA ILE C 168 11.86 -26.45 -18.44
C ILE C 168 13.11 -27.15 -17.93
N THR C 169 13.21 -27.26 -16.60
CA THR C 169 14.33 -27.91 -15.90
C THR C 169 13.73 -28.88 -14.88
N GLU C 170 14.04 -30.16 -15.04
CA GLU C 170 13.49 -31.16 -14.14
C GLU C 170 14.25 -31.12 -12.81
N LYS C 171 13.51 -31.00 -11.71
CA LYS C 171 14.10 -31.05 -10.37
C LYS C 171 13.47 -32.15 -9.53
N ASP C 172 14.14 -32.47 -8.42
CA ASP C 172 13.59 -33.38 -7.44
C ASP C 172 12.57 -32.67 -6.57
N ALA C 173 11.76 -33.46 -5.88
CA ALA C 173 10.66 -32.94 -5.09
C ALA C 173 11.08 -31.86 -4.08
N LEU C 174 12.13 -32.11 -3.31
CA LEU C 174 12.54 -31.18 -2.24
C LEU C 174 12.98 -29.84 -2.80
N THR C 175 13.81 -29.90 -3.84
CA THR C 175 14.28 -28.69 -4.53
C THR C 175 13.12 -27.95 -5.19
N TYR C 176 12.22 -28.69 -5.83
CA TYR C 176 11.03 -28.08 -6.46
C TYR C 176 10.31 -27.17 -5.45
N LYS C 177 9.96 -27.72 -4.28
CA LYS C 177 9.26 -26.95 -3.24
C LYS C 177 10.08 -25.75 -2.76
N ASP C 178 11.37 -26.00 -2.55
CA ASP C 178 12.28 -24.96 -2.07
C ASP C 178 12.33 -23.78 -3.03
N MET C 179 12.54 -24.06 -4.31
CA MET C 179 12.72 -23.00 -5.31
C MET C 179 11.47 -22.15 -5.49
N ILE C 180 10.30 -22.74 -5.31
CA ILE C 180 9.03 -21.98 -5.37
C ILE C 180 8.94 -21.06 -4.17
N TRP C 181 9.19 -21.68 -3.03
CA TRP C 181 9.09 -21.04 -1.72
C TRP C 181 9.90 -19.75 -1.71
N LYS C 182 11.19 -19.86 -2.07
CA LYS C 182 12.08 -18.70 -2.07
C LYS C 182 11.63 -17.59 -3.03
N SER C 183 10.91 -17.97 -4.07
CA SER C 183 10.39 -17.02 -5.05
C SER C 183 9.14 -16.27 -4.60
N ARG C 184 8.47 -16.78 -3.56
CA ARG C 184 7.25 -16.14 -3.05
C ARG C 184 7.53 -14.89 -2.23
N PHE C 185 8.75 -14.76 -1.74
CA PHE C 185 9.12 -13.61 -0.94
C PHE C 185 10.52 -13.13 -1.27
N ILE C 186 10.85 -11.98 -0.74
CA ILE C 186 12.18 -11.39 -0.91
C ILE C 186 13.08 -11.76 0.25
N THR C 187 14.29 -12.18 -0.07
CA THR C 187 15.29 -12.55 0.94
C THR C 187 16.52 -11.69 0.78
N ILE C 188 17.05 -11.20 1.89
CA ILE C 188 18.17 -10.28 1.84
C ILE C 188 19.33 -10.85 2.65
N PRO C 189 20.26 -11.52 1.96
CA PRO C 189 21.39 -12.05 2.70
C PRO C 189 22.15 -10.94 3.37
N VAL C 190 22.68 -11.21 4.55
CA VAL C 190 23.49 -10.25 5.27
C VAL C 190 24.83 -10.88 5.64
N PHE C 191 24.78 -11.98 6.39
CA PHE C 191 25.97 -12.71 6.80
C PHE C 191 25.79 -14.22 6.64
N GLU C 192 26.88 -14.90 6.28
CA GLU C 192 26.87 -16.35 6.11
C GLU C 192 28.15 -16.96 6.69
N ASN C 193 27.98 -17.74 7.76
CA ASN C 193 29.09 -18.40 8.47
C ASN C 193 30.21 -17.49 8.95
N GLU C 194 29.86 -16.25 9.25
CA GLU C 194 30.80 -15.26 9.73
C GLU C 194 31.08 -15.50 11.19
N THR C 195 32.35 -15.51 11.55
CA THR C 195 32.73 -15.76 12.94
C THR C 195 32.74 -14.42 13.67
N ILE C 196 32.23 -14.42 14.89
CA ILE C 196 32.34 -13.28 15.83
C ILE C 196 33.31 -13.65 16.95
N ASN C 197 34.31 -12.80 17.16
CA ASN C 197 35.52 -13.13 17.95
C ASN C 197 35.87 -12.15 19.03
N PHE C 198 36.94 -12.51 19.72
CA PHE C 198 37.76 -11.54 20.45
C PHE C 198 39.24 -11.80 20.17
N SER C 199 39.79 -11.06 19.21
CA SER C 199 41.15 -11.30 18.73
C SER C 199 41.83 -10.00 18.30
N ASP C 200 43.15 -9.94 18.48
CA ASP C 200 43.95 -8.82 18.00
C ASP C 200 44.11 -8.89 16.48
N ALA C 201 44.03 -10.10 15.95
CA ALA C 201 44.15 -10.36 14.52
C ALA C 201 42.87 -10.12 13.74
N SER C 202 41.78 -9.83 14.44
CA SER C 202 40.50 -9.67 13.77
C SER C 202 40.44 -8.30 13.14
N LYS C 203 40.41 -8.27 11.80
CA LYS C 203 40.41 -7.02 11.02
C LYS C 203 39.28 -7.00 10.01
N SER C 204 38.88 -5.80 9.63
CA SER C 204 37.85 -5.61 8.61
C SER C 204 38.37 -5.88 7.18
N ASP C 205 37.47 -6.14 6.25
CA ASP C 205 37.81 -6.33 4.83
C ASP C 205 36.91 -5.48 3.89
N GLN C 206 37.08 -5.66 2.57
CA GLN C 206 36.31 -4.94 1.54
C GLN C 206 34.79 -4.96 1.80
N VAL C 207 34.29 -6.14 2.10
CA VAL C 207 32.84 -6.39 2.17
C VAL C 207 32.30 -6.14 3.60
N ILE C 208 32.97 -6.68 4.61
CA ILE C 208 32.51 -6.62 6.01
C ILE C 208 33.45 -5.83 6.90
N GLN C 209 32.88 -4.98 7.75
CA GLN C 209 33.64 -4.19 8.72
C GLN C 209 33.50 -4.78 10.12
N ARG C 210 34.61 -4.92 10.81
CA ARG C 210 34.65 -5.53 12.12
C ARG C 210 35.21 -4.57 13.14
N PHE C 211 34.58 -4.51 14.29
CA PHE C 211 34.98 -3.60 15.35
C PHE C 211 35.03 -4.35 16.67
N GLY C 212 35.57 -3.71 17.70
CA GLY C 212 35.68 -4.30 19.03
C GLY C 212 36.43 -5.63 19.08
N ASN C 213 37.51 -5.73 18.33
CA ASN C 213 38.33 -6.96 18.27
C ASN C 213 37.54 -8.13 17.72
N GLY C 214 36.72 -7.85 16.72
CA GLY C 214 35.92 -8.89 16.03
C GLY C 214 34.61 -9.23 16.72
N THR C 215 34.37 -8.56 17.84
CA THR C 215 33.16 -8.75 18.63
C THR C 215 31.90 -8.12 17.98
N ILE C 216 32.13 -7.15 17.09
CA ILE C 216 31.08 -6.49 16.32
C ILE C 216 31.32 -6.68 14.82
N ILE C 217 30.25 -7.04 14.10
CA ILE C 217 30.25 -7.22 12.63
C ILE C 217 29.34 -6.18 12.01
N LEU C 218 29.66 -5.72 10.81
CA LEU C 218 28.90 -4.63 10.17
C LEU C 218 28.96 -4.64 8.64
N LYS C 219 27.83 -4.28 8.02
CA LYS C 219 27.66 -4.26 6.56
C LYS C 219 26.71 -3.17 6.11
N LYS C 220 26.95 -2.67 4.91
CA LYS C 220 26.01 -1.77 4.26
C LYS C 220 25.21 -2.65 3.32
N VAL C 221 23.89 -2.67 3.47
CA VAL C 221 23.02 -3.39 2.51
C VAL C 221 21.89 -2.51 2.03
N LYS C 222 21.46 -2.75 0.78
CA LYS C 222 20.34 -2.00 0.21
C LYS C 222 19.05 -2.77 0.40
N ILE C 223 18.03 -2.07 0.89
CA ILE C 223 16.70 -2.64 1.06
C ILE C 223 15.73 -1.93 0.11
N PRO C 224 14.86 -2.71 -0.58
CA PRO C 224 13.96 -2.11 -1.55
C PRO C 224 12.87 -1.35 -0.86
N GLU C 225 12.11 -0.56 -1.61
CA GLU C 225 10.96 0.12 -1.03
C GLU C 225 9.95 -0.95 -0.68
N ILE C 226 9.72 -1.12 0.61
CA ILE C 226 8.77 -2.12 1.08
C ILE C 226 7.48 -1.37 1.48
N LYS C 227 6.36 -1.78 0.90
CA LYS C 227 5.11 -1.00 1.02
C LYS C 227 4.29 -1.35 2.28
N GLN C 228 3.46 -0.41 2.71
CA GLN C 228 2.65 -0.59 3.92
C GLN C 228 1.78 -1.81 3.70
N GLY C 229 1.86 -2.78 4.62
CA GLY C 229 1.06 -4.00 4.53
C GLY C 229 1.91 -5.26 4.55
N ASN C 230 3.11 -5.16 4.02
CA ASN C 230 4.04 -6.28 3.99
C ASN C 230 4.62 -6.48 5.38
N THR C 231 5.00 -7.71 5.67
CA THR C 231 5.65 -8.07 6.95
C THR C 231 7.16 -8.26 6.77
N ILE C 232 7.89 -8.09 7.87
CA ILE C 232 9.36 -8.20 7.85
C ILE C 232 9.88 -9.03 9.00
N PHE C 233 10.84 -9.90 8.71
CA PHE C 233 11.44 -10.77 9.72
C PHE C 233 12.95 -10.74 9.67
N VAL C 234 13.57 -11.17 10.76
CA VAL C 234 15.03 -11.24 10.87
C VAL C 234 15.43 -12.58 11.39
N GLU C 235 15.94 -13.42 10.51
CA GLU C 235 16.40 -14.74 10.91
C GLU C 235 17.90 -14.74 11.16
N LEU C 236 18.28 -15.31 12.28
CA LEU C 236 19.70 -15.41 12.66
C LEU C 236 19.96 -16.79 13.19
N LYS C 237 20.99 -17.44 12.66
CA LYS C 237 21.44 -18.74 13.15
C LYS C 237 22.76 -18.58 13.85
N GLN C 238 22.93 -19.30 14.95
CA GLN C 238 24.11 -19.14 15.79
C GLN C 238 24.63 -20.46 16.31
N LYS C 239 25.93 -20.50 16.47
CA LYS C 239 26.62 -21.71 16.87
C LYS C 239 27.99 -21.34 17.46
N SER C 240 28.44 -22.08 18.46
CA SER C 240 29.71 -21.80 19.11
C SER C 240 30.90 -22.38 18.38
N ASN C 241 32.01 -21.65 18.42
CA ASN C 241 33.26 -22.04 17.78
C ASN C 241 34.38 -22.15 18.79
N GLY C 242 34.00 -22.28 20.06
CA GLY C 242 34.99 -22.35 21.15
C GLY C 242 34.48 -21.74 22.44
N ASP C 243 33.76 -20.62 22.33
CA ASP C 243 33.20 -19.97 23.50
C ASP C 243 32.08 -20.79 24.14
N ALA C 244 32.21 -21.03 25.44
CA ALA C 244 31.28 -21.89 26.18
C ALA C 244 30.25 -21.11 26.93
N TYR C 245 30.23 -19.81 26.72
CA TYR C 245 29.55 -18.95 27.65
C TYR C 245 28.25 -18.38 27.13
N ASP C 246 27.57 -17.78 28.08
CA ASP C 246 26.19 -17.41 28.04
C ASP C 246 26.06 -15.96 27.60
N ARG C 247 26.44 -15.68 26.36
CA ARG C 247 26.69 -14.28 25.91
C ARG C 247 25.46 -13.53 25.48
N THR C 248 25.52 -12.21 25.61
CA THR C 248 24.39 -11.36 25.24
C THR C 248 24.63 -10.87 23.83
N GLY C 249 23.76 -11.30 22.94
CA GLY C 249 23.86 -10.96 21.52
C GLY C 249 22.91 -9.84 21.16
N ASP C 250 23.08 -9.28 19.97
CA ASP C 250 22.21 -8.19 19.53
C ASP C 250 22.38 -7.85 18.06
N VAL C 251 21.32 -8.06 17.28
CA VAL C 251 21.31 -7.68 15.88
C VAL C 251 20.77 -6.28 15.82
N PHE C 252 21.51 -5.39 15.17
CA PHE C 252 21.23 -3.96 15.28
C PHE C 252 21.33 -3.21 13.96
N ILE C 253 20.87 -1.97 14.01
CA ILE C 253 20.77 -1.10 12.86
C ILE C 253 21.17 0.31 13.26
N ILE C 254 21.98 0.95 12.46
CA ILE C 254 22.39 2.31 12.75
C ILE C 254 21.57 3.29 11.90
N PRO C 255 20.79 4.17 12.56
CA PRO C 255 20.11 5.26 11.88
C PRO C 255 20.96 6.52 11.76
N GLN C 256 21.25 6.91 10.53
CA GLN C 256 22.13 8.06 10.23
C GLN C 256 21.27 9.26 9.80
N GLU C 257 20.14 9.42 10.48
CA GLU C 257 19.15 10.43 10.09
C GLU C 257 19.64 11.79 10.53
N ARG C 258 20.36 11.81 11.65
CA ARG C 258 20.92 13.05 12.21
C ARG C 258 22.42 13.11 12.07
N ALA C 259 22.95 14.26 12.51
CA ALA C 259 24.36 14.63 12.35
C ALA C 259 25.30 13.56 12.87
N ILE C 260 25.08 13.13 14.09
CA ILE C 260 25.87 12.06 14.67
C ILE C 260 25.07 10.76 14.65
N SER C 261 25.80 9.66 14.53
CA SER C 261 25.22 8.31 14.59
C SER C 261 26.15 7.39 15.36
N TYR C 262 25.66 6.19 15.65
CA TYR C 262 26.43 5.19 16.40
C TYR C 262 27.68 4.76 15.61
N TYR C 263 27.56 4.80 14.29
CA TYR C 263 28.67 4.53 13.36
C TYR C 263 29.83 5.50 13.59
N THR C 264 29.50 6.73 13.96
CA THR C 264 30.51 7.72 14.32
C THR C 264 31.30 7.20 15.51
N GLY C 265 30.58 6.60 16.44
CA GLY C 265 31.20 5.97 17.60
C GLY C 265 32.13 4.83 17.22
N LEU C 266 31.68 3.94 16.35
CA LEU C 266 32.49 2.77 15.93
C LEU C 266 33.79 3.21 15.26
N THR C 267 33.69 4.22 14.39
CA THR C 267 34.82 4.68 13.57
C THR C 267 35.78 5.60 14.34
N GLN C 268 35.24 6.63 14.99
CA GLN C 268 36.05 7.64 15.67
C GLN C 268 36.19 7.46 17.19
N GLY C 269 35.65 6.38 17.73
CA GLY C 269 35.72 6.11 19.18
C GLY C 269 34.51 6.65 19.93
N VAL C 270 34.34 6.18 21.16
CA VAL C 270 33.19 6.57 22.00
C VAL C 270 33.27 8.02 22.49
N LYS C 271 34.42 8.65 22.28
CA LYS C 271 34.58 10.07 22.60
C LYS C 271 33.59 10.89 21.80
N SER C 272 33.41 10.55 20.53
CA SER C 272 32.56 11.35 19.62
C SER C 272 31.07 11.27 19.93
N LEU C 273 30.68 10.25 20.72
CA LEU C 273 29.28 10.10 21.13
C LEU C 273 28.91 11.03 22.29
N PRO C 274 27.65 11.49 22.33
CA PRO C 274 27.22 12.36 23.41
C PRO C 274 27.26 11.69 24.77
N VAL C 275 27.76 12.42 25.75
CA VAL C 275 27.89 11.92 27.10
C VAL C 275 26.58 12.13 27.84
N TYR C 276 26.03 11.05 28.37
CA TYR C 276 24.86 11.11 29.23
C TYR C 276 25.28 11.02 30.69
N GLN C 277 24.78 11.94 31.50
CA GLN C 277 25.06 11.94 32.94
C GLN C 277 23.76 12.07 33.73
N ASN C 278 23.68 11.44 34.88
CA ASN C 278 22.43 11.50 35.69
C ASN C 278 22.66 11.81 37.16
N GLY C 279 23.89 12.22 37.50
CA GLY C 279 24.21 12.69 38.83
C GLY C 279 24.74 11.59 39.74
N ASN C 280 24.63 10.34 39.29
CA ASN C 280 25.14 9.20 40.02
C ASN C 280 26.68 9.13 40.10
N GLY C 281 27.37 10.03 39.39
CA GLY C 281 28.83 10.13 39.47
C GLY C 281 29.54 9.60 38.25
N LYS C 282 29.03 8.49 37.72
CA LYS C 282 29.56 7.91 36.48
C LYS C 282 29.07 8.71 35.26
N SER C 283 29.56 8.31 34.08
CA SER C 283 29.06 8.85 32.81
C SER C 283 28.98 7.75 31.74
N TYR C 284 28.05 7.93 30.80
CA TYR C 284 27.74 6.92 29.78
C TYR C 284 27.67 7.51 28.37
N GLN C 285 27.92 6.68 27.37
CA GLN C 285 28.11 7.18 26.02
C GLN C 285 27.08 6.65 25.02
N GLY C 286 26.51 7.56 24.23
CA GLY C 286 25.62 7.20 23.10
C GLY C 286 24.29 6.56 23.50
N VAL C 287 23.91 6.81 24.74
CA VAL C 287 22.79 6.15 25.37
C VAL C 287 21.46 6.79 24.99
N ALA C 288 21.42 8.12 25.05
CA ALA C 288 20.18 8.88 24.84
C ALA C 288 20.19 9.65 23.54
N LEU C 289 19.00 10.02 23.10
CA LEU C 289 18.81 10.90 21.96
C LEU C 289 19.19 12.35 22.32
N THR C 290 19.78 13.06 21.36
CA THR C 290 20.02 14.50 21.48
C THR C 290 19.44 15.19 20.25
N PRO C 291 19.40 16.54 20.24
CA PRO C 291 18.92 17.25 19.05
C PRO C 291 19.55 16.82 17.72
N ASP C 292 20.81 16.40 17.75
CA ASP C 292 21.49 15.96 16.52
C ASP C 292 22.29 14.66 16.73
N TYR C 293 21.64 13.70 17.40
CA TYR C 293 22.17 12.34 17.53
C TYR C 293 21.05 11.32 17.76
N LEU C 294 21.20 10.14 17.16
CA LEU C 294 20.28 9.02 17.39
C LEU C 294 20.98 7.74 17.85
N PRO C 295 20.49 7.11 18.95
CA PRO C 295 21.03 5.83 19.35
C PRO C 295 20.59 4.71 18.41
N PHE C 296 21.36 3.63 18.38
CA PHE C 296 21.09 2.58 17.42
C PHE C 296 19.84 1.82 17.81
N ILE C 297 19.21 1.23 16.79
CA ILE C 297 18.01 0.42 16.97
C ILE C 297 18.38 -1.07 17.02
N GLU C 298 17.85 -1.78 18.02
CA GLU C 298 18.04 -3.23 18.14
C GLU C 298 16.96 -3.99 17.39
N LEU C 299 17.30 -4.65 16.29
CA LEU C 299 16.33 -5.48 15.56
C LEU C 299 15.90 -6.66 16.40
N MET C 300 16.87 -7.24 17.09
CA MET C 300 16.63 -8.47 17.80
C MET C 300 17.68 -8.64 18.87
N ARG C 301 17.26 -8.59 20.12
CA ARG C 301 18.18 -8.92 21.21
C ARG C 301 18.03 -10.36 21.54
N PHE C 302 19.12 -11.09 21.51
CA PHE C 302 19.11 -12.52 21.77
C PHE C 302 20.24 -12.92 22.70
N PHE C 303 20.24 -14.18 23.10
CA PHE C 303 21.26 -14.70 24.00
C PHE C 303 21.74 -16.08 23.59
N THR C 304 23.05 -16.23 23.53
CA THR C 304 23.63 -17.48 23.09
C THR C 304 23.52 -18.47 24.23
N PRO C 305 23.29 -19.73 23.89
CA PRO C 305 23.43 -20.75 24.90
C PRO C 305 24.88 -21.04 25.24
N PHE C 306 25.04 -21.90 26.22
CA PHE C 306 26.35 -22.32 26.68
C PHE C 306 27.02 -23.25 25.67
N GLY C 307 27.69 -22.64 24.70
CA GLY C 307 28.63 -23.36 23.81
C GLY C 307 28.04 -24.45 22.96
N ILE C 308 26.96 -24.10 22.27
CA ILE C 308 26.25 -25.09 21.43
C ILE C 308 27.08 -25.44 20.20
N GLY C 309 27.07 -26.73 19.88
CA GLY C 309 27.80 -27.27 18.73
C GLY C 309 29.20 -27.68 19.16
N HIS C 310 30.01 -26.71 19.52
CA HIS C 310 31.39 -26.96 19.86
C HIS C 310 31.53 -27.97 20.98
N PHE C 311 30.71 -27.84 22.02
CA PHE C 311 30.84 -28.69 23.22
C PHE C 311 29.90 -29.90 23.25
N ASN C 312 29.32 -30.27 22.12
CA ASN C 312 28.35 -31.37 22.09
C ASN C 312 28.98 -32.74 22.33
N GLU C 313 30.09 -32.97 21.64
CA GLU C 313 30.81 -34.23 21.74
C GLU C 313 31.62 -34.25 23.03
N LYS C 314 32.07 -33.09 23.47
CA LYS C 314 32.91 -32.99 24.67
C LYS C 314 32.12 -33.25 25.97
N ILE C 315 30.93 -32.68 26.06
CA ILE C 315 30.09 -32.82 27.26
C ILE C 315 28.91 -33.78 27.04
N GLN C 316 28.99 -34.93 27.68
CA GLN C 316 28.04 -36.00 27.46
C GLN C 316 27.26 -36.37 28.71
N LEU C 317 25.95 -36.13 28.66
CA LEU C 317 25.05 -36.41 29.77
C LEU C 317 23.96 -37.36 29.32
N LYS C 318 23.60 -38.30 30.18
CA LYS C 318 22.67 -39.39 29.81
C LYS C 318 21.32 -38.84 29.45
N GLY C 319 20.80 -39.28 28.31
CA GLY C 319 19.46 -38.87 27.81
C GLY C 319 19.34 -37.41 27.39
N LYS C 320 20.45 -36.85 26.89
CA LYS C 320 20.50 -35.45 26.45
C LYS C 320 21.22 -35.31 25.13
N ASN C 321 20.45 -35.34 24.05
CA ASN C 321 21.00 -35.11 22.72
C ASN C 321 21.00 -33.63 22.44
N TRP C 322 22.18 -33.04 22.38
CA TRP C 322 22.27 -31.60 22.20
C TRP C 322 21.87 -31.24 20.79
N HIS C 323 21.32 -30.06 20.61
CA HIS C 323 21.07 -29.52 19.28
C HIS C 323 22.38 -28.97 18.68
N ASN C 324 22.39 -28.81 17.37
CA ASN C 324 23.61 -28.40 16.67
C ASN C 324 23.83 -26.90 16.53
N ASN C 325 22.74 -26.14 16.47
CA ASN C 325 22.80 -24.67 16.39
C ASN C 325 21.49 -24.06 16.86
N THR C 326 21.54 -22.76 17.10
CA THR C 326 20.42 -22.05 17.69
C THR C 326 19.78 -21.13 16.68
N PRO C 327 18.48 -21.30 16.43
CA PRO C 327 17.78 -20.39 15.56
C PRO C 327 17.11 -19.25 16.31
N TYR C 328 17.02 -18.11 15.64
CA TYR C 328 16.30 -16.94 16.15
C TYR C 328 15.64 -16.17 15.02
N ARG C 329 14.32 -15.96 15.07
CA ARG C 329 13.71 -14.89 14.26
C ARG C 329 12.60 -14.12 14.92
N GLN C 330 12.63 -12.81 14.62
CA GLN C 330 11.71 -11.87 15.19
C GLN C 330 10.99 -11.13 14.08
N ASP C 331 9.70 -10.91 14.28
CA ASP C 331 8.85 -10.11 13.41
C ASP C 331 9.13 -8.64 13.69
N ILE C 332 9.65 -7.93 12.70
CA ILE C 332 9.99 -6.52 12.86
C ILE C 332 9.27 -5.62 11.85
N THR C 333 8.03 -5.98 11.57
CA THR C 333 7.16 -5.19 10.68
C THR C 333 7.01 -3.75 11.16
N GLU C 334 7.01 -3.57 12.48
CA GLU C 334 6.84 -2.24 13.10
C GLU C 334 7.98 -1.28 12.78
N LEU C 335 9.09 -1.83 12.30
CA LEU C 335 10.26 -1.03 11.91
C LEU C 335 10.32 -0.69 10.41
N ARG C 336 9.20 -0.83 9.73
CA ARG C 336 9.16 -0.63 8.28
C ARG C 336 9.74 0.72 7.85
N PRO C 337 9.29 1.83 8.47
CA PRO C 337 9.73 3.15 8.00
C PRO C 337 11.24 3.36 8.03
N GLN C 338 11.94 2.83 9.02
CA GLN C 338 13.40 2.96 9.06
C GLN C 338 14.13 2.10 8.04
N LEU C 339 13.47 1.05 7.56
CA LEU C 339 14.08 0.10 6.63
C LEU C 339 13.76 0.37 5.18
N SER C 340 12.49 0.69 4.91
CA SER C 340 11.98 0.77 3.54
C SER C 340 12.79 1.72 2.66
N GLY C 341 13.24 1.21 1.52
CA GLY C 341 13.90 2.02 0.49
C GLY C 341 15.17 2.69 0.96
N LYS C 342 15.89 1.99 1.84
CA LYS C 342 17.02 2.59 2.52
C LYS C 342 18.28 1.75 2.37
N GLU C 343 19.41 2.43 2.33
CA GLU C 343 20.71 1.79 2.23
C GLU C 343 21.28 1.71 3.64
N ILE C 344 20.65 0.90 4.48
CA ILE C 344 20.94 0.89 5.92
C ILE C 344 22.15 0.05 6.30
N LEU C 345 22.78 0.46 7.41
CA LEU C 345 23.92 -0.27 8.00
C LEU C 345 23.43 -1.30 9.02
N ILE C 346 23.56 -2.58 8.68
CA ILE C 346 23.17 -3.67 9.58
C ILE C 346 24.40 -4.29 10.18
N GLY C 347 24.26 -4.71 11.43
CA GLY C 347 25.34 -5.36 12.14
C GLY C 347 24.90 -6.37 13.17
N ALA C 348 25.88 -7.09 13.69
CA ALA C 348 25.66 -8.13 14.68
C ALA C 348 26.71 -8.00 15.76
N PHE C 349 26.30 -8.19 17.01
CA PHE C 349 27.23 -8.12 18.14
C PHE C 349 27.06 -9.33 19.01
N ILE C 350 28.18 -9.88 19.49
CA ILE C 350 28.13 -10.84 20.57
C ILE C 350 29.25 -10.57 21.56
N GLY C 351 28.88 -10.11 22.75
CA GLY C 351 29.85 -9.83 23.85
C GLY C 351 30.65 -11.07 24.19
N ASN C 352 31.95 -11.00 23.91
CA ASN C 352 32.76 -12.20 23.81
C ASN C 352 34.22 -11.99 24.22
N TYR C 353 34.83 -13.02 24.81
CA TYR C 353 36.25 -13.00 25.23
C TYR C 353 37.01 -14.26 24.77
N ASP C 354 36.74 -14.69 23.55
CA ASP C 354 37.26 -15.97 23.05
C ASP C 354 37.83 -15.80 21.64
N LYS C 355 38.88 -16.56 21.34
CA LYS C 355 39.56 -16.46 20.05
C LYS C 355 38.72 -17.20 19.01
N GLY C 356 38.21 -18.37 19.39
CA GLY C 356 37.30 -19.15 18.54
C GLY C 356 35.94 -18.50 18.40
N GLY C 357 35.31 -18.26 19.54
CA GLY C 357 34.10 -17.46 19.61
C GLY C 357 32.84 -18.13 19.10
N HIS C 358 32.09 -17.40 18.28
CA HIS C 358 30.84 -17.90 17.71
C HIS C 358 30.83 -17.74 16.22
N GLN C 359 29.79 -18.31 15.62
CA GLN C 359 29.61 -18.25 14.18
C GLN C 359 28.16 -17.95 13.86
N ILE C 360 27.96 -17.06 12.92
CA ILE C 360 26.65 -16.44 12.68
C ILE C 360 26.21 -16.52 11.21
N SER C 361 24.90 -16.58 11.01
CA SER C 361 24.31 -16.46 9.65
C SER C 361 23.03 -15.64 9.71
N LEU C 362 23.08 -14.44 9.16
CA LEU C 362 21.97 -13.47 9.26
C LEU C 362 21.25 -13.21 7.93
N GLU C 363 19.93 -13.19 8.00
CA GLU C 363 19.06 -12.87 6.86
C GLU C 363 17.92 -11.97 7.28
N LEU C 364 17.51 -11.10 6.36
CA LEU C 364 16.22 -10.45 6.44
C LEU C 364 15.27 -11.06 5.43
N SER C 365 13.98 -10.98 5.71
CA SER C 365 12.99 -11.46 4.74
C SER C 365 11.77 -10.56 4.73
N ILE C 366 11.34 -10.18 3.54
CA ILE C 366 10.16 -9.33 3.36
C ILE C 366 9.10 -10.13 2.63
N HIS C 367 7.87 -10.09 3.14
CA HIS C 367 6.81 -10.95 2.61
C HIS C 367 5.59 -10.15 2.18
N PRO C 368 4.99 -10.54 1.02
CA PRO C 368 3.92 -9.76 0.41
C PRO C 368 2.56 -9.98 1.08
N ASP C 369 2.37 -9.34 2.21
CA ASP C 369 1.12 -9.42 2.96
C ASP C 369 0.36 -8.12 2.80
N GLN C 370 -0.85 -8.09 3.35
CA GLN C 370 -1.64 -6.87 3.42
C GLN C 370 -2.17 -6.71 4.84
N GLN C 371 -1.32 -6.96 5.83
CA GLN C 371 -1.74 -6.90 7.24
C GLN C 371 -2.07 -5.46 7.59
N LYS C 372 -3.05 -5.30 8.47
CA LYS C 372 -3.48 -3.94 8.87
C LYS C 372 -3.67 -3.87 10.37
N ILE C 373 -2.70 -4.46 11.06
CA ILE C 373 -2.68 -4.53 12.51
C ILE C 373 -1.57 -3.60 12.99
N VAL C 374 -0.37 -3.81 12.46
CA VAL C 374 0.76 -2.91 12.72
C VAL C 374 0.70 -1.81 11.69
N ASN C 375 0.19 -0.65 12.10
CA ASN C 375 -0.08 0.45 11.17
C ASN C 375 0.69 1.73 11.49
N ASN C 376 1.85 1.57 12.12
CA ASN C 376 2.68 2.71 12.50
C ASN C 376 3.42 3.26 11.28
N ASN C 377 3.48 4.58 11.23
CA ASN C 377 4.03 5.37 10.14
C ASN C 377 5.40 5.96 10.44
N PHE C 378 5.72 6.01 11.73
CA PHE C 378 6.80 6.81 12.25
C PHE C 378 7.61 5.96 13.20
N VAL C 379 8.92 6.15 13.17
CA VAL C 379 9.84 5.43 14.06
C VAL C 379 10.92 6.37 14.54
N LEU C 380 11.16 6.41 15.85
CA LEU C 380 12.17 7.31 16.44
C LEU C 380 12.88 6.63 17.58
N PRO C 381 14.18 6.31 17.42
CA PRO C 381 14.90 5.68 18.51
C PRO C 381 15.20 6.69 19.60
N VAL C 382 14.70 6.42 20.79
CA VAL C 382 14.78 7.38 21.86
C VAL C 382 16.00 7.15 22.75
N PHE C 383 16.16 5.93 23.23
CA PHE C 383 17.33 5.57 24.04
C PHE C 383 17.78 4.15 23.76
N ASN C 384 18.98 3.84 24.23
CA ASN C 384 19.56 2.50 24.10
C ASN C 384 20.80 2.36 25.00
N THR C 385 20.62 1.73 26.16
CA THR C 385 21.70 1.61 27.15
C THR C 385 22.65 0.47 26.88
N THR C 386 22.26 -0.46 25.98
CA THR C 386 23.06 -1.67 25.81
C THR C 386 24.36 -1.25 25.15
N ASN C 387 25.47 -1.66 25.76
CA ASN C 387 26.80 -1.32 25.26
C ASN C 387 27.33 -2.37 24.29
N VAL C 388 26.99 -2.19 23.02
CA VAL C 388 27.54 -3.04 21.96
C VAL C 388 29.07 -2.85 21.90
N MET C 389 29.50 -1.63 22.18
CA MET C 389 30.93 -1.32 22.24
C MET C 389 31.52 -1.64 23.62
N GLU C 390 31.23 -2.85 24.07
CA GLU C 390 31.70 -3.34 25.37
C GLU C 390 33.21 -3.47 25.29
N MET C 391 33.70 -4.05 24.21
CA MET C 391 35.14 -4.24 24.02
C MET C 391 35.74 -3.12 23.18
N ALA C 392 35.17 -1.92 23.32
CA ALA C 392 35.64 -0.75 22.57
C ALA C 392 35.94 0.41 23.50
N GLY C 393 35.10 0.61 24.50
CA GLY C 393 35.29 1.69 25.47
C GLY C 393 34.00 2.14 26.13
N GLN C 394 32.88 1.63 25.61
CA GLN C 394 31.56 1.97 26.12
C GLN C 394 31.31 1.27 27.45
N ASP C 395 30.88 2.03 28.44
CA ASP C 395 30.66 1.50 29.79
C ASP C 395 29.36 0.71 29.87
N TYR C 396 29.25 -0.13 30.89
CA TYR C 396 28.07 -0.93 31.13
C TYR C 396 26.98 -0.05 31.70
N PRO C 397 25.71 -0.37 31.39
CA PRO C 397 24.60 0.47 31.85
C PRO C 397 24.30 0.31 33.34
N THR C 398 25.02 1.05 34.14
CA THR C 398 24.86 1.04 35.58
C THR C 398 24.19 2.33 36.07
N MET C 399 23.48 2.98 35.15
CA MET C 399 22.95 4.34 35.42
C MET C 399 21.75 4.31 36.37
N PHE C 400 21.01 3.19 36.37
CA PHE C 400 19.76 3.05 37.15
C PHE C 400 20.00 2.99 38.64
N ASN C 401 21.28 2.92 38.97
CA ASN C 401 21.81 3.21 40.27
C ASN C 401 21.17 4.43 40.92
N SER C 402 21.07 5.50 40.14
CA SER C 402 20.39 6.73 40.55
C SER C 402 18.90 6.74 40.20
N ASP C 403 18.16 7.64 40.82
CA ASP C 403 16.70 7.71 40.69
C ASP C 403 16.27 8.28 39.36
N LYS C 404 17.05 9.21 38.83
CA LYS C 404 16.72 9.80 37.53
C LYS C 404 16.72 8.74 36.41
N GLY C 405 17.61 7.77 36.50
CA GLY C 405 17.67 6.68 35.53
C GLY C 405 18.03 7.19 34.15
N VAL C 406 17.21 6.82 33.17
CA VAL C 406 17.40 7.27 31.81
C VAL C 406 16.29 8.23 31.44
N GLU C 407 16.60 9.52 31.51
CA GLU C 407 15.65 10.56 31.12
C GLU C 407 16.04 11.13 29.77
N VAL C 408 15.08 11.23 28.86
CA VAL C 408 15.33 11.71 27.50
C VAL C 408 14.32 12.74 27.06
N GLU C 409 14.80 13.95 26.82
CA GLU C 409 13.99 15.01 26.23
C GLU C 409 14.06 14.89 24.72
N PHE C 410 12.92 14.78 24.06
CA PHE C 410 12.84 14.80 22.61
C PHE C 410 11.71 15.72 22.15
N ILE C 411 11.72 16.09 20.87
CA ILE C 411 10.74 17.02 20.31
C ILE C 411 10.07 16.49 19.05
N LEU C 412 8.76 16.36 19.07
CA LEU C 412 7.98 15.93 17.88
C LEU C 412 7.53 17.11 17.05
N THR C 413 7.86 17.11 15.76
CA THR C 413 7.51 18.22 14.87
C THR C 413 6.06 18.13 14.39
N LYS C 414 5.51 16.92 14.36
CA LYS C 414 4.13 16.69 13.95
C LYS C 414 3.41 15.82 14.99
N ASP C 415 2.08 15.90 15.02
CA ASP C 415 1.25 15.15 16.01
C ASP C 415 1.34 13.66 15.74
N LEU C 416 1.13 12.86 16.79
CA LEU C 416 1.38 11.41 16.72
C LEU C 416 0.25 10.55 17.32
N LYS C 417 -0.39 9.75 16.47
CA LYS C 417 -1.53 8.93 16.88
C LYS C 417 -1.12 7.51 17.27
N ASN C 418 -1.83 6.94 18.25
CA ASN C 418 -1.56 5.57 18.76
C ASN C 418 -0.09 5.33 19.03
N ALA C 419 0.53 6.28 19.69
CA ALA C 419 1.95 6.20 19.95
C ALA C 419 2.17 5.08 20.93
N GLN C 420 3.32 4.46 20.80
CA GLN C 420 3.75 3.45 21.74
C GLN C 420 5.26 3.33 21.75
N LEU C 421 5.76 2.70 22.80
CA LEU C 421 7.19 2.54 23.01
C LEU C 421 7.57 1.07 22.88
N ARG C 422 8.51 0.80 21.97
CA ARG C 422 9.05 -0.54 21.82
C ARG C 422 10.18 -0.74 22.83
N TYR C 423 9.89 -1.50 23.86
CA TYR C 423 10.76 -1.57 25.01
C TYR C 423 11.37 -2.94 25.20
N ILE C 424 12.70 -3.02 25.06
CA ILE C 424 13.42 -4.25 25.37
C ILE C 424 14.29 -4.14 26.61
N THR C 425 14.12 -5.09 27.53
CA THR C 425 14.76 -5.05 28.83
C THR C 425 15.40 -6.36 29.19
N THR C 426 16.61 -6.28 29.72
CA THR C 426 17.24 -7.45 30.33
C THR C 426 18.07 -6.98 31.50
N GLY C 427 17.94 -7.69 32.61
CA GLY C 427 18.73 -7.43 33.82
C GLY C 427 19.96 -8.30 33.87
N HIS C 428 21.02 -7.78 34.47
CA HIS C 428 22.30 -8.48 34.54
C HIS C 428 23.00 -8.33 35.88
N GLY C 429 23.98 -9.22 36.08
CA GLY C 429 24.62 -9.37 37.37
C GLY C 429 24.60 -10.84 37.74
N GLY C 430 25.65 -11.53 37.37
CA GLY C 430 25.69 -12.99 37.44
C GLY C 430 26.01 -13.56 38.79
N TRP C 431 25.18 -13.26 39.78
CA TRP C 431 25.30 -13.91 41.09
C TRP C 431 23.97 -13.80 41.80
N GLY C 432 23.80 -14.59 42.85
CA GLY C 432 22.52 -14.74 43.57
C GLY C 432 21.78 -13.47 43.95
N ALA C 433 22.51 -12.45 44.39
CA ALA C 433 21.91 -11.14 44.72
C ALA C 433 21.97 -10.14 43.56
N GLY C 434 22.56 -10.55 42.43
CA GLY C 434 22.64 -9.71 41.24
C GLY C 434 21.32 -9.63 40.50
N ASP C 435 21.19 -8.62 39.65
CA ASP C 435 19.93 -8.37 38.91
C ASP C 435 19.65 -9.33 37.73
N GLU C 436 20.55 -10.26 37.47
CA GLU C 436 20.29 -11.30 36.50
C GLU C 436 19.30 -12.30 37.05
N PHE C 437 19.36 -12.56 38.35
CA PHE C 437 18.47 -13.54 39.01
C PHE C 437 17.55 -12.94 40.05
N VAL C 438 17.35 -11.63 40.00
CA VAL C 438 16.48 -10.95 40.97
C VAL C 438 15.47 -10.05 40.25
N PRO C 439 14.17 -10.21 40.54
CA PRO C 439 13.18 -9.38 39.85
C PRO C 439 13.21 -7.94 40.28
N LYS C 440 13.17 -7.04 39.32
CA LYS C 440 13.13 -5.62 39.61
C LYS C 440 12.07 -4.93 38.74
N GLU C 441 11.26 -4.07 39.37
CA GLU C 441 10.19 -3.38 38.66
C GLU C 441 10.76 -2.26 37.81
N ASN C 442 10.55 -2.39 36.50
CA ASN C 442 10.87 -1.35 35.52
C ASN C 442 9.71 -0.36 35.43
N SER C 443 10.01 0.92 35.52
CA SER C 443 8.98 1.94 35.48
C SER C 443 9.26 2.90 34.36
N ILE C 444 8.28 3.05 33.47
CA ILE C 444 8.39 3.98 32.36
C ILE C 444 7.47 5.16 32.60
N TYR C 445 8.04 6.35 32.56
CA TYR C 445 7.28 7.59 32.73
C TYR C 445 7.23 8.33 31.41
N LEU C 446 6.11 9.01 31.20
CA LEU C 446 5.92 9.83 30.02
C LEU C 446 5.43 11.21 30.46
N ASP C 447 6.21 12.23 30.13
CA ASP C 447 5.93 13.59 30.50
C ASP C 447 5.66 13.66 32.00
N GLY C 448 6.46 12.94 32.79
CA GLY C 448 6.38 13.01 34.24
C GLY C 448 5.40 12.05 34.88
N LYS C 449 4.30 11.75 34.20
CA LYS C 449 3.30 10.79 34.71
C LYS C 449 3.76 9.35 34.47
N LEU C 450 3.46 8.47 35.43
CA LEU C 450 3.81 7.06 35.31
C LEU C 450 3.00 6.44 34.20
N ALA C 451 3.65 5.96 33.14
CA ALA C 451 2.93 5.38 31.98
C ALA C 451 2.69 3.88 32.08
N HIS C 452 3.73 3.19 32.53
CA HIS C 452 3.70 1.73 32.61
C HIS C 452 4.75 1.25 33.60
N ALA C 453 4.38 0.25 34.39
CA ALA C 453 5.28 -0.36 35.35
C ALA C 453 5.07 -1.87 35.36
N PHE C 454 6.16 -2.59 35.16
CA PHE C 454 6.12 -4.04 35.21
C PHE C 454 7.45 -4.62 35.62
N THR C 455 7.41 -5.85 36.10
CA THR C 455 8.62 -6.51 36.56
C THR C 455 8.99 -7.66 35.58
N PRO C 456 10.01 -7.44 34.72
CA PRO C 456 10.33 -8.38 33.65
C PRO C 456 11.04 -9.60 34.21
N TRP C 457 10.46 -10.78 33.97
CA TRP C 457 10.95 -12.00 34.57
C TRP C 457 10.49 -13.23 33.79
N ARG C 458 11.46 -13.96 33.28
CA ARG C 458 11.22 -15.20 32.53
C ARG C 458 11.45 -16.38 33.41
N THR C 459 10.60 -17.37 33.23
CA THR C 459 10.41 -18.42 34.20
C THR C 459 10.33 -19.77 33.47
N ASP C 460 10.89 -19.82 32.26
CA ASP C 460 10.76 -21.00 31.37
C ASP C 460 12.08 -21.42 30.74
N CYS C 461 13.19 -21.03 31.36
CA CYS C 461 14.50 -21.20 30.77
C CYS C 461 14.90 -22.67 30.72
N GLY C 462 14.33 -23.43 31.64
CA GLY C 462 14.58 -24.85 31.70
C GLY C 462 14.12 -25.63 30.47
N SER C 463 13.27 -25.01 29.64
CA SER C 463 12.76 -25.65 28.42
C SER C 463 13.80 -25.74 27.31
N TYR C 464 14.87 -24.96 27.44
CA TYR C 464 15.90 -24.86 26.40
C TYR C 464 17.22 -25.54 26.80
N ARG C 465 17.12 -26.56 27.62
CA ARG C 465 18.28 -27.24 28.18
C ARG C 465 19.14 -27.84 27.08
N LEU C 466 18.50 -28.43 26.08
CA LEU C 466 19.23 -29.19 25.05
C LEU C 466 19.97 -28.26 24.10
N PHE C 467 19.68 -26.97 24.19
CA PHE C 467 20.50 -26.00 23.48
C PHE C 467 21.79 -25.64 24.24
N ASN C 468 21.84 -25.94 25.53
CA ASN C 468 23.00 -25.59 26.35
C ASN C 468 23.74 -26.79 26.89
N PRO C 469 24.69 -27.29 26.12
CA PRO C 469 25.52 -28.41 26.56
C PRO C 469 26.53 -28.04 27.64
N ALA C 470 27.07 -26.84 27.57
CA ALA C 470 28.12 -26.43 28.51
C ALA C 470 27.60 -25.61 29.68
N SER C 471 26.35 -25.83 30.02
CA SER C 471 25.78 -25.15 31.15
C SER C 471 26.28 -25.80 32.43
N GLY C 472 26.72 -24.95 33.35
CA GLY C 472 27.25 -25.43 34.60
C GLY C 472 26.18 -26.09 35.45
N ASN C 473 26.47 -27.28 35.95
CA ASN C 473 25.55 -27.96 36.83
C ASN C 473 25.87 -27.76 38.29
N PHE C 474 24.88 -27.33 39.06
CA PHE C 474 25.07 -27.00 40.48
C PHE C 474 24.76 -28.19 41.37
N GLU C 475 25.14 -28.05 42.64
CA GLU C 475 24.98 -29.11 43.64
C GLU C 475 23.51 -29.40 43.95
N ASP C 476 22.65 -28.42 43.72
CA ASP C 476 21.22 -28.57 43.98
C ASP C 476 20.45 -29.29 42.84
N GLY C 477 21.14 -29.75 41.81
CA GLY C 477 20.51 -30.53 40.73
C GLY C 477 20.12 -29.71 39.51
N LEU C 478 20.04 -28.39 39.69
CA LEU C 478 19.72 -27.46 38.59
C LEU C 478 20.91 -27.13 37.73
N SER C 479 20.65 -26.83 36.46
CA SER C 479 21.69 -26.33 35.56
C SER C 479 21.54 -24.84 35.37
N SER C 480 22.64 -24.16 35.04
CA SER C 480 22.67 -22.70 34.93
C SER C 480 21.63 -22.17 33.94
N SER C 481 21.47 -22.89 32.84
CA SER C 481 20.49 -22.53 31.82
C SER C 481 19.04 -22.72 32.25
N ASP C 482 18.80 -23.43 33.35
CA ASP C 482 17.41 -23.65 33.83
C ASP C 482 16.88 -22.50 34.69
N LEU C 483 17.79 -21.69 35.21
CA LEU C 483 17.43 -20.72 36.23
C LEU C 483 16.58 -19.61 35.67
N SER C 484 15.57 -19.20 36.43
CA SER C 484 14.74 -18.07 36.07
C SER C 484 15.57 -16.80 36.15
N ARG C 485 15.37 -15.92 35.17
CA ARG C 485 16.17 -14.71 35.03
C ARG C 485 15.32 -13.47 34.72
N SER C 486 15.96 -12.31 34.81
CA SER C 486 15.33 -11.03 34.52
C SER C 486 15.14 -10.81 33.03
N ASN C 487 14.16 -11.52 32.49
CA ASN C 487 13.61 -11.32 31.13
C ASN C 487 14.42 -11.88 29.96
N TRP C 488 15.26 -12.88 30.25
CA TRP C 488 16.00 -13.59 29.22
C TRP C 488 16.41 -14.97 29.62
N CYS C 489 16.47 -15.87 28.63
CA CYS C 489 17.01 -17.21 28.83
C CYS C 489 18.09 -17.46 27.80
N PRO C 490 19.07 -18.28 28.14
CA PRO C 490 20.09 -18.68 27.20
C PRO C 490 19.55 -19.48 26.03
N GLY C 491 19.88 -18.99 24.84
CA GLY C 491 19.43 -19.60 23.59
C GLY C 491 18.10 -19.10 23.07
N THR C 492 17.66 -17.93 23.55
CA THR C 492 16.36 -17.37 23.13
C THR C 492 16.37 -15.87 22.97
N ILE C 493 15.42 -15.39 22.17
CA ILE C 493 15.17 -13.98 21.99
C ILE C 493 14.46 -13.45 23.22
N THR C 494 14.65 -12.17 23.53
CA THR C 494 13.75 -11.49 24.48
C THR C 494 12.83 -10.56 23.70
N ASN C 495 11.53 -10.75 23.90
CA ASN C 495 10.55 -9.98 23.16
C ASN C 495 10.45 -8.54 23.63
N PRO C 496 10.38 -7.61 22.70
CA PRO C 496 10.03 -6.30 23.11
C PRO C 496 8.62 -6.26 23.68
N VAL C 497 8.41 -5.35 24.61
CA VAL C 497 7.10 -5.01 25.10
C VAL C 497 6.68 -3.74 24.38
N TYR C 498 5.45 -3.73 23.88
CA TYR C 498 4.90 -2.57 23.24
C TYR C 498 4.00 -1.81 24.20
N ILE C 499 4.56 -0.78 24.80
CA ILE C 499 3.89 0.04 25.80
C ILE C 499 3.08 1.14 25.14
N ASN C 500 1.76 1.12 25.36
CA ASN C 500 0.88 2.16 24.79
C ASN C 500 1.07 3.46 25.50
N LEU C 501 1.25 4.53 24.71
CA LEU C 501 1.40 5.89 25.24
C LEU C 501 0.24 6.79 24.85
N GLY C 502 -0.73 6.26 24.08
CA GLY C 502 -1.87 7.03 23.65
C GLY C 502 -1.45 8.01 22.57
N ASN C 503 -2.17 9.12 22.42
CA ASN C 503 -1.84 10.12 21.40
C ASN C 503 -0.95 11.18 21.95
N LEU C 504 0.03 11.59 21.16
CA LEU C 504 0.98 12.64 21.57
C LEU C 504 0.93 13.85 20.66
N ASN C 505 0.84 15.03 21.26
CA ASN C 505 0.85 16.26 20.49
C ASN C 505 2.24 16.60 20.06
N ALA C 506 2.33 17.49 19.10
CA ALA C 506 3.62 17.96 18.63
C ALA C 506 4.24 18.78 19.74
N GLY C 507 5.56 18.85 19.75
CA GLY C 507 6.27 19.66 20.73
C GLY C 507 7.12 18.85 21.66
N LYS C 508 7.43 19.44 22.80
CA LYS C 508 8.34 18.83 23.76
C LYS C 508 7.66 17.69 24.49
N HIS C 509 8.38 16.58 24.59
CA HIS C 509 7.95 15.43 25.35
C HIS C 509 9.16 14.78 26.02
N THR C 510 9.00 14.42 27.30
CA THR C 510 10.05 13.75 28.05
C THR C 510 9.61 12.35 28.42
N ILE C 511 10.59 11.45 28.35
CA ILE C 511 10.38 10.05 28.70
C ILE C 511 11.53 9.51 29.56
N GLN C 512 11.16 8.74 30.57
CA GLN C 512 12.05 8.39 31.65
C GLN C 512 11.86 6.94 32.00
N VAL C 513 12.96 6.30 32.37
CA VAL C 513 12.97 4.90 32.79
C VAL C 513 13.67 4.77 34.13
N LYS C 514 12.95 4.25 35.12
CA LYS C 514 13.51 4.09 36.45
C LYS C 514 13.51 2.63 36.82
N ILE C 515 14.63 2.18 37.38
CA ILE C 515 14.79 0.78 37.83
C ILE C 515 15.58 0.74 39.14
N PRO C 516 15.08 0.00 40.15
CA PRO C 516 15.80 -0.18 41.41
C PRO C 516 16.95 -1.14 41.24
N GLN C 517 18.06 -0.59 40.78
CA GLN C 517 19.24 -1.38 40.47
C GLN C 517 19.87 -1.91 41.75
N GLY C 518 20.35 -3.14 41.72
CA GLY C 518 20.97 -3.79 42.85
C GLY C 518 22.41 -3.32 43.07
N ALA C 519 22.86 -3.30 44.32
CA ALA C 519 24.19 -2.78 44.64
C ALA C 519 25.26 -3.77 44.19
N PRO C 520 26.49 -3.26 43.95
CA PRO C 520 27.55 -4.18 43.55
C PRO C 520 28.03 -4.96 44.77
N GLU C 521 28.42 -6.21 44.57
CA GLU C 521 28.92 -7.04 45.67
C GLU C 521 30.42 -6.92 45.80
N GLY C 522 31.14 -7.45 44.82
CA GLY C 522 32.60 -7.39 44.81
C GLY C 522 33.05 -6.35 43.82
N SER C 523 33.74 -6.81 42.78
CA SER C 523 33.91 -6.03 41.56
C SER C 523 32.71 -6.28 40.63
N SER C 524 31.83 -7.19 41.02
CA SER C 524 30.61 -7.48 40.26
C SER C 524 29.55 -6.41 40.41
N GLN C 525 29.02 -5.95 39.28
CA GLN C 525 27.96 -4.94 39.22
C GLN C 525 26.71 -5.45 38.52
N SER C 526 25.56 -4.95 38.96
CA SER C 526 24.30 -5.17 38.28
C SER C 526 24.08 -4.05 37.28
N PHE C 527 23.71 -4.40 36.06
CA PHE C 527 23.47 -3.42 34.99
C PHE C 527 22.26 -3.84 34.16
N TRP C 528 21.64 -2.86 33.51
CA TRP C 528 20.39 -3.11 32.75
C TRP C 528 20.46 -2.64 31.30
N ASN C 529 20.60 -3.62 30.42
CA ASN C 529 20.52 -3.40 28.98
C ASN C 529 19.09 -3.11 28.59
N VAL C 530 18.87 -1.90 28.12
CA VAL C 530 17.54 -1.38 27.91
C VAL C 530 17.48 -0.50 26.68
N SER C 531 16.52 -0.77 25.80
CA SER C 531 16.34 0.07 24.61
C SER C 531 14.89 0.48 24.44
N GLY C 532 14.70 1.62 23.78
CA GLY C 532 13.39 2.22 23.57
C GLY C 532 13.28 2.91 22.23
N VAL C 533 12.20 2.60 21.52
CA VAL C 533 11.96 3.15 20.20
C VAL C 533 10.52 3.62 20.14
N LEU C 534 10.33 4.85 19.70
CA LEU C 534 9.00 5.46 19.65
C LEU C 534 8.30 5.16 18.31
N LEU C 535 7.12 4.57 18.40
CA LEU C 535 6.31 4.27 17.22
C LEU C 535 5.02 5.08 17.23
N GLY C 536 4.44 5.28 16.06
CA GLY C 536 3.15 5.98 15.94
C GLY C 536 2.71 6.28 14.51
N GLN C 537 1.64 7.06 14.38
CA GLN C 537 1.10 7.48 13.07
C GLN C 537 1.07 8.99 12.98
N GLU C 538 1.88 9.56 12.10
CA GLU C 538 1.93 11.01 11.97
C GLU C 538 0.64 11.60 11.42
N HIS C 539 0.39 12.87 11.77
CA HIS C 539 -0.91 13.55 11.60
C HIS C 539 -1.83 12.89 10.58
N ALA D 1 54.84 -53.72 50.26
CA ALA D 1 54.15 -52.48 49.79
C ALA D 1 53.90 -51.54 50.97
N GLN D 2 54.81 -50.59 51.16
CA GLN D 2 54.58 -49.54 52.14
C GLN D 2 53.42 -48.67 51.66
N THR D 3 52.42 -48.48 52.53
CA THR D 3 51.28 -47.58 52.27
C THR D 3 51.60 -46.20 52.85
N TYR D 4 51.34 -45.16 52.06
CA TYR D 4 51.60 -43.76 52.47
C TYR D 4 50.32 -42.95 52.46
N GLU D 5 50.28 -41.90 53.30
CA GLU D 5 49.12 -40.99 53.41
C GLU D 5 49.51 -39.54 53.21
N ILE D 6 48.98 -38.96 52.14
CA ILE D 6 49.31 -37.59 51.74
C ILE D 6 48.10 -36.70 51.98
N THR D 7 48.30 -35.65 52.76
CA THR D 7 47.29 -34.61 52.96
C THR D 7 47.64 -33.39 52.14
N TYR D 8 46.62 -32.79 51.53
CA TYR D 8 46.79 -31.62 50.66
C TYR D 8 46.10 -30.39 51.24
N GLN D 9 46.40 -29.26 50.62
CA GLN D 9 45.92 -27.96 51.06
C GLN D 9 45.61 -27.10 49.84
N ASN D 10 44.47 -26.42 49.86
CA ASN D 10 44.03 -25.58 48.75
C ASN D 10 44.30 -24.07 48.96
N SER D 11 45.04 -23.48 48.03
CA SER D 11 45.31 -22.04 48.04
C SER D 11 44.76 -21.39 46.78
N PHE D 12 44.46 -20.10 46.87
CA PHE D 12 44.01 -19.32 45.71
C PHE D 12 44.69 -17.95 45.70
N GLU D 13 45.82 -17.91 44.98
CA GLU D 13 46.65 -16.69 44.86
C GLU D 13 47.25 -16.29 46.20
N GLY D 14 47.58 -17.29 47.02
CA GLY D 14 48.08 -17.04 48.39
C GLY D 14 47.03 -17.28 49.45
N LYS D 15 45.78 -16.95 49.17
CA LYS D 15 44.67 -17.13 50.13
C LYS D 15 44.42 -18.62 50.43
N ILE D 16 44.91 -19.06 51.58
CA ILE D 16 44.67 -20.41 52.09
C ILE D 16 43.26 -20.45 52.70
N ASN D 17 42.40 -21.32 52.19
CA ASN D 17 41.02 -21.38 52.69
C ASN D 17 40.94 -21.80 54.16
N PRO D 18 40.10 -21.15 54.95
CA PRO D 18 40.14 -21.41 56.39
C PRO D 18 39.62 -22.81 56.77
N ASN D 19 38.32 -23.02 56.55
CA ASN D 19 37.63 -24.24 56.96
C ASN D 19 37.48 -25.12 55.75
N GLN D 20 38.60 -25.45 55.13
CA GLN D 20 38.58 -26.30 53.95
C GLN D 20 38.55 -27.79 54.32
N ASN D 21 37.97 -28.58 53.41
CA ASN D 21 37.94 -30.03 53.54
C ASN D 21 39.15 -30.67 52.84
N HIS D 22 40.20 -30.89 53.62
CA HIS D 22 41.51 -31.29 53.08
C HIS D 22 41.41 -32.59 52.26
N ILE D 23 41.95 -32.55 51.06
CA ILE D 23 42.00 -33.73 50.20
C ILE D 23 43.05 -34.67 50.75
N ILE D 24 42.76 -35.97 50.73
CA ILE D 24 43.66 -37.00 51.25
C ILE D 24 43.86 -38.10 50.21
N SER D 25 45.10 -38.55 50.09
CA SER D 25 45.46 -39.58 49.11
C SER D 25 46.28 -40.66 49.78
N ILE D 26 45.63 -41.78 50.06
CA ILE D 26 46.31 -42.98 50.57
C ILE D 26 46.80 -43.80 49.39
N THR D 27 47.98 -44.38 49.49
CA THR D 27 48.60 -45.01 48.33
C THR D 27 49.68 -46.04 48.66
N ASN D 28 49.79 -47.07 47.83
CA ASN D 28 50.95 -47.99 47.80
C ASN D 28 51.18 -48.49 46.38
N SER D 29 52.17 -49.35 46.19
CA SER D 29 52.49 -49.89 44.86
C SER D 29 51.33 -50.64 44.17
N ASP D 30 50.38 -51.12 44.96
CA ASP D 30 49.27 -51.91 44.41
C ASP D 30 48.05 -51.05 44.09
N LYS D 31 47.51 -50.41 45.12
CA LYS D 31 46.29 -49.59 44.97
C LYS D 31 46.56 -48.18 45.43
N THR D 32 45.65 -47.29 45.10
CA THR D 32 45.67 -45.92 45.66
C THR D 32 44.23 -45.46 45.83
N LEU D 33 44.01 -44.65 46.85
CA LEU D 33 42.68 -44.20 47.23
C LEU D 33 42.65 -42.68 47.30
N LEU D 34 41.67 -42.06 46.63
CA LEU D 34 41.50 -40.60 46.66
C LEU D 34 40.18 -40.22 47.31
N PHE D 35 40.25 -39.34 48.29
CA PHE D 35 39.08 -38.89 49.06
C PHE D 35 39.45 -37.66 49.93
N ASN D 36 38.77 -37.45 51.05
CA ASN D 36 39.06 -36.28 51.93
C ASN D 36 38.64 -36.48 53.39
N GLU D 37 38.94 -35.49 54.21
CA GLU D 37 38.73 -35.55 55.66
C GLU D 37 37.33 -35.99 56.07
N LYS D 38 36.32 -35.31 55.53
CA LYS D 38 34.94 -35.58 55.93
C LYS D 38 34.51 -36.99 55.50
N ILE D 39 34.95 -37.41 54.34
CA ILE D 39 34.69 -38.76 53.86
C ILE D 39 35.39 -39.79 54.76
N LYS D 40 36.61 -39.47 55.19
CA LYS D 40 37.37 -40.36 56.07
C LYS D 40 36.68 -40.50 57.42
N ASN D 41 36.25 -39.39 57.99
CA ASN D 41 35.61 -39.37 59.33
C ASN D 41 34.08 -39.47 59.31
N LYS D 42 33.55 -39.90 58.15
CA LYS D 42 32.13 -40.16 57.95
C LYS D 42 31.26 -38.93 58.24
N LYS D 43 31.77 -37.75 57.89
CA LYS D 43 31.06 -36.50 58.09
C LYS D 43 30.55 -35.92 56.78
N ALA D 44 30.72 -36.65 55.69
CA ALA D 44 30.42 -36.13 54.35
C ALA D 44 28.93 -36.18 54.06
N ASP D 45 28.43 -35.12 53.42
CA ASP D 45 27.03 -35.05 52.99
C ASP D 45 26.82 -35.75 51.65
N PHE D 46 25.73 -36.49 51.52
CA PHE D 46 25.45 -37.18 50.26
C PHE D 46 24.99 -36.19 49.21
N PRO D 47 25.31 -36.46 47.96
CA PRO D 47 26.17 -37.55 47.48
C PRO D 47 27.65 -37.12 47.47
N PHE D 48 28.56 -38.10 47.45
CA PHE D 48 30.01 -37.84 47.38
C PHE D 48 30.76 -38.97 46.73
N GLU D 49 31.82 -38.62 46.00
CA GLU D 49 32.58 -39.57 45.21
C GLU D 49 33.93 -39.91 45.81
N VAL D 50 34.40 -41.10 45.48
CA VAL D 50 35.68 -41.62 45.95
C VAL D 50 36.33 -42.40 44.81
N ASN D 51 37.61 -42.14 44.58
CA ASN D 51 38.32 -42.81 43.49
C ASN D 51 39.36 -43.80 43.99
N GLU D 52 39.52 -44.88 43.24
CA GLU D 52 40.54 -45.89 43.53
C GLU D 52 41.17 -46.34 42.23
N ILE D 53 42.47 -46.45 42.24
CA ILE D 53 43.21 -46.82 41.05
C ILE D 53 43.91 -48.13 41.37
N ASN D 54 43.65 -49.14 40.57
CA ASN D 54 44.38 -50.39 40.67
C ASN D 54 45.63 -50.37 39.77
N ARG D 55 46.81 -50.33 40.39
CA ARG D 55 48.06 -50.09 39.64
C ARG D 55 48.48 -51.28 38.79
N LYS D 56 47.98 -52.46 39.12
CA LYS D 56 48.24 -53.65 38.31
C LYS D 56 47.76 -53.49 36.83
N ASN D 57 46.76 -52.65 36.62
CA ASN D 57 46.19 -52.43 35.29
C ASN D 57 45.63 -51.04 35.03
N ASN D 58 46.00 -50.09 35.88
CA ASN D 58 45.55 -48.69 35.76
C ASN D 58 44.04 -48.52 35.59
N GLU D 59 43.29 -49.37 36.28
CA GLU D 59 41.85 -49.32 36.25
C GLU D 59 41.38 -48.31 37.26
N VAL D 60 40.86 -47.20 36.76
CA VAL D 60 40.36 -46.12 37.61
C VAL D 60 38.90 -46.42 37.94
N SER D 61 38.62 -46.65 39.22
CA SER D 61 37.27 -46.96 39.67
C SER D 61 36.73 -45.80 40.48
N GLN D 62 35.64 -45.20 40.01
CA GLN D 62 34.96 -44.15 40.77
C GLN D 62 33.76 -44.75 41.53
N PHE D 63 33.69 -44.45 42.82
CA PHE D 63 32.61 -44.90 43.70
C PHE D 63 31.77 -43.72 44.16
N ALA D 64 30.47 -43.76 43.87
CA ALA D 64 29.56 -42.71 44.28
C ALA D 64 28.67 -43.16 45.43
N PHE D 65 28.68 -42.39 46.50
CA PHE D 65 27.88 -42.67 47.70
C PHE D 65 26.63 -41.84 47.62
N LEU D 66 25.52 -42.50 47.29
CA LEU D 66 24.25 -41.81 47.04
C LEU D 66 23.45 -41.58 48.32
N ASN D 67 23.47 -42.58 49.19
CA ASN D 67 22.72 -42.51 50.43
C ASN D 67 23.28 -43.54 51.40
N ASN D 68 22.62 -43.67 52.55
CA ASN D 68 23.13 -44.54 53.62
C ASN D 68 23.28 -46.03 53.30
N ASN D 69 22.53 -46.48 52.30
CA ASN D 69 22.51 -47.89 51.94
C ASN D 69 23.24 -48.18 50.65
N GLU D 70 22.86 -47.46 49.60
CA GLU D 70 23.33 -47.77 48.26
C GLU D 70 24.57 -46.94 47.80
N ILE D 71 25.52 -47.65 47.21
CA ILE D 71 26.71 -47.09 46.52
C ILE D 71 26.73 -47.63 45.10
N VAL D 72 27.27 -46.83 44.17
CA VAL D 72 27.46 -47.26 42.77
C VAL D 72 28.84 -46.91 42.23
N LYS D 73 29.35 -47.74 41.33
CA LYS D 73 30.67 -47.52 40.79
C LYS D 73 30.78 -47.73 39.29
N THR D 74 31.81 -47.14 38.71
CA THR D 74 32.12 -47.31 37.31
C THR D 74 33.63 -47.32 37.14
N SER D 75 34.10 -48.20 36.27
CA SER D 75 35.52 -48.40 36.09
C SER D 75 35.94 -48.04 34.66
N ASP D 76 37.21 -47.68 34.49
CA ASP D 76 37.80 -47.37 33.17
C ASP D 76 39.32 -47.49 33.22
N ASN D 77 39.91 -48.28 32.34
CA ASN D 77 41.37 -48.48 32.31
C ASN D 77 42.08 -47.72 31.19
N THR D 78 41.43 -46.69 30.66
CA THR D 78 41.94 -45.91 29.52
C THR D 78 42.11 -44.42 29.84
N ILE D 79 41.88 -44.05 31.10
CA ILE D 79 41.93 -42.64 31.48
C ILE D 79 43.36 -42.10 31.53
N LEU D 80 44.23 -42.83 32.22
CA LEU D 80 45.60 -42.37 32.44
C LEU D 80 46.45 -42.34 31.17
N ALA D 81 46.15 -43.24 30.24
CA ALA D 81 46.85 -43.25 28.94
C ALA D 81 46.51 -41.99 28.11
N LYS D 82 45.25 -41.56 28.18
CA LYS D 82 44.76 -40.43 27.39
C LYS D 82 45.24 -39.09 27.89
N GLN D 83 45.82 -39.05 29.08
CA GLN D 83 46.40 -37.81 29.62
C GLN D 83 47.70 -37.44 28.95
N GLU D 84 47.70 -36.37 28.18
CA GLU D 84 48.89 -35.92 27.47
C GLU D 84 49.64 -34.86 28.26
N PHE D 85 50.88 -35.16 28.64
CA PHE D 85 51.69 -34.22 29.41
C PHE D 85 52.96 -33.81 28.67
N LYS D 86 53.19 -32.50 28.60
CA LYS D 86 54.46 -31.97 28.05
C LYS D 86 55.46 -31.84 29.21
N PRO D 87 56.69 -32.34 29.04
CA PRO D 87 57.66 -32.27 30.12
C PRO D 87 58.41 -30.93 30.14
N THR D 88 58.98 -30.59 31.30
CA THR D 88 59.83 -29.40 31.46
C THR D 88 61.07 -29.70 32.29
N SER D 89 62.02 -28.77 32.25
CA SER D 89 63.30 -28.95 32.94
C SER D 89 63.24 -28.56 34.38
N GLU D 90 62.12 -27.98 34.80
CA GLU D 90 62.01 -27.47 36.14
C GLU D 90 61.85 -28.58 37.17
N THR D 91 62.61 -28.44 38.26
CA THR D 91 62.59 -29.40 39.37
C THR D 91 62.73 -28.65 40.72
N GLY D 92 62.64 -29.40 41.81
CA GLY D 92 62.75 -28.82 43.15
C GLY D 92 62.50 -29.84 44.26
N LYS D 93 62.09 -29.33 45.42
CA LYS D 93 61.76 -30.16 46.57
C LYS D 93 60.43 -29.73 47.16
N ILE D 94 59.64 -30.72 47.53
CA ILE D 94 58.39 -30.48 48.25
C ILE D 94 58.41 -31.49 49.42
N LEU D 95 58.38 -30.98 50.64
CA LEU D 95 58.50 -31.80 51.85
C LEU D 95 59.68 -32.78 51.84
N GLY D 96 60.80 -32.30 51.30
CA GLY D 96 62.01 -33.10 51.23
C GLY D 96 62.15 -33.90 49.95
N TYR D 97 61.04 -34.38 49.40
CA TYR D 97 61.10 -35.28 48.22
C TYR D 97 61.38 -34.48 46.95
N ASN D 98 62.15 -35.09 46.06
CA ASN D 98 62.49 -34.47 44.78
C ASN D 98 61.35 -34.55 43.80
N VAL D 99 61.10 -33.44 43.13
CA VAL D 99 59.98 -33.34 42.22
C VAL D 99 60.36 -32.78 40.85
N LYS D 100 59.49 -33.06 39.89
CA LYS D 100 59.66 -32.63 38.50
C LYS D 100 58.34 -32.02 38.02
N LYS D 101 58.41 -30.88 37.36
CA LYS D 101 57.21 -30.26 36.80
C LYS D 101 56.85 -30.85 35.43
N ALA D 102 55.55 -31.01 35.21
CA ALA D 102 55.02 -31.39 33.89
C ALA D 102 53.74 -30.58 33.62
N VAL D 103 53.48 -30.28 32.36
CA VAL D 103 52.39 -29.38 31.99
C VAL D 103 51.37 -30.04 31.07
N THR D 104 50.13 -29.59 31.16
CA THR D 104 49.06 -30.06 30.30
C THR D 104 47.97 -28.99 30.15
N SER D 105 47.00 -29.24 29.26
CA SER D 105 45.84 -28.34 29.13
C SER D 105 44.56 -29.13 29.11
N VAL D 106 43.69 -28.82 30.06
CA VAL D 106 42.36 -29.42 30.15
C VAL D 106 41.30 -28.37 29.79
N ASN D 107 40.68 -28.54 28.64
CA ASN D 107 39.79 -27.54 28.07
C ASN D 107 40.20 -26.08 28.32
N SER D 108 41.29 -25.68 27.65
CA SER D 108 41.80 -24.31 27.68
C SER D 108 42.31 -23.85 29.05
N ASN D 109 42.59 -24.80 29.93
CA ASN D 109 43.23 -24.48 31.23
C ASN D 109 44.66 -25.02 31.26
N THR D 110 45.59 -24.23 31.81
CA THR D 110 46.98 -24.68 31.95
C THR D 110 47.19 -25.27 33.35
N ILE D 111 47.48 -26.56 33.39
CA ILE D 111 47.71 -27.26 34.65
C ILE D 111 49.18 -27.67 34.75
N GLU D 112 49.85 -27.19 35.80
CA GLU D 112 51.21 -27.63 36.14
C GLU D 112 51.13 -28.70 37.22
N VAL D 113 51.91 -29.76 37.03
CA VAL D 113 51.88 -30.92 37.91
C VAL D 113 53.28 -31.21 38.40
N TRP D 114 53.49 -31.09 39.70
CA TRP D 114 54.77 -31.44 40.30
C TRP D 114 54.66 -32.79 40.94
N TYR D 115 55.49 -33.73 40.48
CA TYR D 115 55.45 -35.13 40.95
C TYR D 115 56.83 -35.66 41.36
N THR D 116 56.82 -36.63 42.27
CA THR D 116 58.03 -37.29 42.73
C THR D 116 57.99 -38.79 42.44
N ASN D 117 59.14 -39.35 42.09
CA ASN D 117 59.26 -40.79 41.85
C ASN D 117 60.08 -41.45 42.94
N ASP D 118 60.32 -40.73 44.03
CA ASP D 118 61.30 -41.13 45.03
C ASP D 118 60.85 -42.38 45.77
N LEU D 119 59.60 -42.35 46.20
CA LEU D 119 59.00 -43.43 47.00
C LEU D 119 58.48 -44.62 46.19
N LYS D 120 58.62 -44.53 44.88
CA LYS D 120 58.21 -45.62 43.98
C LYS D 120 56.75 -46.03 44.26
N VAL D 121 55.94 -45.02 44.54
CA VAL D 121 54.49 -45.18 44.55
C VAL D 121 53.90 -44.02 43.78
N LYS D 122 52.63 -44.14 43.41
CA LYS D 122 51.96 -43.07 42.66
C LYS D 122 50.71 -42.59 43.37
N GLY D 123 50.30 -41.36 43.07
CA GLY D 123 49.21 -40.72 43.79
C GLY D 123 49.04 -39.27 43.39
N GLY D 124 48.17 -38.57 44.12
CA GLY D 124 47.89 -37.17 43.83
C GLY D 124 46.57 -36.69 44.41
N PRO D 125 46.34 -35.37 44.35
CA PRO D 125 45.09 -34.78 44.77
C PRO D 125 43.95 -34.89 43.74
N SER D 126 44.27 -35.23 42.51
CA SER D 126 43.24 -35.42 41.49
C SER D 126 43.67 -36.50 40.52
N ILE D 127 42.75 -36.86 39.64
CA ILE D 127 43.04 -37.83 38.59
C ILE D 127 44.25 -37.39 37.72
N LEU D 128 44.41 -36.08 37.53
CA LEU D 128 45.51 -35.55 36.73
C LEU D 128 46.86 -35.95 37.28
N GLY D 129 47.69 -36.49 36.40
CA GLY D 129 49.09 -36.80 36.69
C GLY D 129 49.35 -38.01 37.57
N GLN D 130 48.34 -38.85 37.70
CA GLN D 130 48.43 -40.05 38.54
C GLN D 130 49.46 -41.03 37.99
N ASP D 131 49.61 -41.09 36.67
CA ASP D 131 50.53 -42.06 36.07
C ASP D 131 51.98 -41.58 36.08
N LEU D 132 52.18 -40.28 36.20
CA LEU D 132 53.56 -39.68 36.28
C LEU D 132 54.32 -40.11 37.49
N GLY D 133 53.66 -40.02 38.64
CA GLY D 133 54.25 -40.44 39.91
C GLY D 133 53.37 -40.01 41.06
N LEU D 134 53.98 -39.62 42.17
CA LEU D 134 53.22 -39.07 43.31
C LEU D 134 53.16 -37.54 43.21
N VAL D 135 51.99 -37.04 42.86
CA VAL D 135 51.80 -35.61 42.65
C VAL D 135 51.67 -34.95 44.02
N LEU D 136 52.60 -34.04 44.31
CA LEU D 136 52.61 -33.30 45.56
C LEU D 136 52.08 -31.87 45.44
N LYS D 137 51.99 -31.37 44.20
CA LYS D 137 51.50 -29.99 43.96
C LYS D 137 50.97 -29.78 42.53
N THR D 138 49.75 -29.25 42.44
CA THR D 138 49.17 -28.86 41.14
C THR D 138 48.77 -27.38 41.14
N VAL D 139 48.97 -26.75 39.99
CA VAL D 139 48.71 -25.32 39.81
C VAL D 139 47.85 -25.11 38.58
N ARG D 140 46.58 -24.79 38.81
CA ARG D 140 45.64 -24.51 37.73
C ARG D 140 45.60 -23.01 37.40
N ASN D 141 45.98 -22.69 36.17
CA ASN D 141 45.96 -21.30 35.65
C ASN D 141 46.82 -20.31 36.41
N GLY D 142 47.83 -20.84 37.11
CA GLY D 142 48.76 -20.02 37.87
C GLY D 142 48.19 -19.39 39.11
N SER D 143 46.92 -19.63 39.41
CA SER D 143 46.26 -19.05 40.59
C SER D 143 45.88 -20.08 41.62
N SER D 144 45.13 -21.09 41.20
CA SER D 144 44.67 -22.15 42.11
C SER D 144 45.74 -23.21 42.36
N VAL D 145 46.09 -23.38 43.63
CA VAL D 145 47.16 -24.29 44.05
C VAL D 145 46.59 -25.36 44.97
N VAL D 146 47.13 -26.57 44.84
CA VAL D 146 46.80 -27.66 45.74
C VAL D 146 48.10 -28.34 46.10
N GLU D 147 48.67 -27.91 47.21
CA GLU D 147 49.97 -28.38 47.65
C GLU D 147 49.82 -29.35 48.80
N ALA D 148 50.71 -30.33 48.82
CA ALA D 148 50.75 -31.32 49.90
C ALA D 148 51.33 -30.72 51.18
N THR D 149 50.70 -31.01 52.31
CA THR D 149 51.19 -30.54 53.62
C THR D 149 52.05 -31.59 54.34
N SER D 150 51.56 -32.83 54.38
CA SER D 150 52.29 -33.91 55.05
C SER D 150 52.24 -35.22 54.27
N VAL D 151 53.21 -36.09 54.52
CA VAL D 151 53.32 -37.40 53.88
C VAL D 151 53.75 -38.43 54.93
N LYS D 152 52.78 -39.02 55.61
CA LYS D 152 53.05 -40.00 56.68
C LYS D 152 53.00 -41.45 56.19
N LYS D 153 53.75 -42.32 56.84
CA LYS D 153 53.67 -43.76 56.59
C LYS D 153 52.58 -44.35 57.45
N ILE D 154 51.74 -45.19 56.87
CA ILE D 154 50.66 -45.83 57.64
C ILE D 154 50.67 -47.34 57.49
N LYS D 155 49.88 -47.99 58.32
CA LYS D 155 49.92 -49.45 58.43
C LYS D 155 49.48 -50.13 57.14
N ALA D 156 48.27 -49.83 56.69
CA ALA D 156 47.75 -50.48 55.49
C ALA D 156 46.60 -49.70 54.89
N LEU D 157 46.42 -49.86 53.59
CA LEU D 157 45.26 -49.27 52.88
C LEU D 157 44.06 -50.18 53.09
N ASP D 158 43.13 -49.74 53.92
CA ASP D 158 41.95 -50.52 54.22
C ASP D 158 40.72 -49.67 54.02
N ASP D 159 39.93 -50.05 53.04
CA ASP D 159 38.73 -49.30 52.68
C ASP D 159 37.48 -50.09 53.03
N GLN D 160 37.64 -51.16 53.78
CA GLN D 160 36.50 -52.00 54.15
C GLN D 160 35.52 -51.20 55.02
N SER D 161 36.05 -50.51 56.04
CA SER D 161 35.24 -49.72 56.99
C SER D 161 34.56 -48.55 56.30
N LEU D 162 35.08 -48.14 55.15
CA LEU D 162 34.47 -47.08 54.36
C LEU D 162 33.19 -47.51 53.67
N PHE D 163 33.14 -48.77 53.25
CA PHE D 163 31.98 -49.33 52.58
C PHE D 163 31.08 -50.10 53.54
N ASN D 164 31.59 -50.31 54.75
CA ASN D 164 30.85 -51.05 55.78
C ASN D 164 29.38 -50.63 55.86
N GLY D 165 28.48 -51.59 55.65
CA GLY D 165 27.05 -51.33 55.73
C GLY D 165 26.46 -50.68 54.48
N LYS D 166 27.00 -51.06 53.32
CA LYS D 166 26.59 -50.48 52.06
C LYS D 166 26.73 -51.40 50.85
N ASN D 167 25.76 -51.26 49.94
CA ASN D 167 25.58 -52.15 48.82
C ASN D 167 26.08 -51.62 47.48
N ILE D 168 27.21 -52.16 47.00
CA ILE D 168 27.82 -51.68 45.75
C ILE D 168 27.15 -52.28 44.53
N THR D 169 26.88 -51.42 43.54
CA THR D 169 26.28 -51.81 42.28
C THR D 169 27.10 -51.19 41.14
N GLU D 170 27.64 -52.05 40.27
CA GLU D 170 28.46 -51.55 39.16
C GLU D 170 27.56 -50.97 38.05
N LYS D 171 27.85 -49.74 37.64
CA LYS D 171 27.14 -49.09 36.54
C LYS D 171 28.09 -48.60 35.47
N ASP D 172 27.52 -48.26 34.32
CA ASP D 172 28.29 -47.68 33.23
C ASP D 172 28.46 -46.19 33.50
N ALA D 173 29.39 -45.60 32.76
CA ALA D 173 29.75 -44.21 32.98
C ALA D 173 28.56 -43.25 32.92
N LEU D 174 27.73 -43.36 31.90
CA LEU D 174 26.64 -42.39 31.69
C LEU D 174 25.64 -42.47 32.80
N THR D 175 25.24 -43.69 33.15
CA THR D 175 24.31 -43.93 34.26
C THR D 175 24.93 -43.49 35.61
N TYR D 176 26.21 -43.79 35.82
CA TYR D 176 26.91 -43.34 37.03
C TYR D 176 26.70 -41.82 37.24
N LYS D 177 27.02 -41.02 36.23
CA LYS D 177 26.87 -39.56 36.33
C LYS D 177 25.39 -39.16 36.59
N ASP D 178 24.50 -39.81 35.85
CA ASP D 178 23.07 -39.51 35.91
C ASP D 178 22.52 -39.79 37.30
N MET D 179 22.88 -40.93 37.86
CA MET D 179 22.34 -41.27 39.19
C MET D 179 22.85 -40.38 40.32
N ILE D 180 24.06 -39.85 40.16
CA ILE D 180 24.58 -38.85 41.09
C ILE D 180 23.70 -37.60 40.98
N TRP D 181 23.42 -37.19 39.76
CA TRP D 181 22.56 -36.02 39.52
C TRP D 181 21.16 -36.17 40.16
N LYS D 182 20.50 -37.28 39.85
CA LYS D 182 19.15 -37.54 40.38
C LYS D 182 19.08 -37.68 41.91
N SER D 183 20.19 -38.03 42.54
CA SER D 183 20.28 -38.09 44.00
C SER D 183 20.40 -36.70 44.69
N ARG D 184 20.77 -35.68 43.95
CA ARG D 184 20.91 -34.32 44.52
C ARG D 184 19.56 -33.64 44.79
N PHE D 185 18.52 -34.12 44.14
CA PHE D 185 17.20 -33.53 44.28
C PHE D 185 16.07 -34.57 44.29
N ILE D 186 14.88 -34.12 44.63
CA ILE D 186 13.70 -34.97 44.68
C ILE D 186 12.92 -34.88 43.37
N THR D 187 12.56 -36.03 42.85
CA THR D 187 11.80 -36.10 41.59
C THR D 187 10.47 -36.83 41.83
N ILE D 188 9.39 -36.29 41.28
CA ILE D 188 8.07 -36.82 41.53
C ILE D 188 7.40 -37.21 40.23
N PRO D 189 7.48 -38.50 39.89
CA PRO D 189 6.87 -38.90 38.63
C PRO D 189 5.40 -38.67 38.68
N VAL D 190 4.80 -38.30 37.56
CA VAL D 190 3.36 -38.07 37.47
C VAL D 190 2.79 -38.89 36.33
N PHE D 191 3.27 -38.61 35.12
CA PHE D 191 2.90 -39.36 33.93
C PHE D 191 4.11 -39.80 33.13
N GLU D 192 3.96 -40.93 32.45
CA GLU D 192 5.01 -41.43 31.58
C GLU D 192 4.39 -42.07 30.34
N ASN D 193 4.64 -41.44 29.19
CA ASN D 193 4.14 -41.90 27.87
C ASN D 193 2.62 -42.08 27.76
N GLU D 194 1.91 -41.29 28.55
CA GLU D 194 0.44 -41.33 28.58
C GLU D 194 -0.10 -40.59 27.40
N THR D 195 -1.05 -41.21 26.71
CA THR D 195 -1.62 -40.59 25.52
C THR D 195 -2.80 -39.73 25.97
N ILE D 196 -2.91 -38.53 25.37
CA ILE D 196 -4.09 -37.66 25.51
C ILE D 196 -4.85 -37.65 24.21
N ASN D 197 -6.15 -37.94 24.29
CA ASN D 197 -7.00 -38.30 23.14
C ASN D 197 -8.27 -37.54 23.00
N PHE D 198 -8.97 -37.89 21.93
CA PHE D 198 -10.40 -37.65 21.81
C PHE D 198 -11.06 -38.93 21.27
N SER D 199 -11.56 -39.75 22.19
CA SER D 199 -12.12 -41.05 21.85
C SER D 199 -13.28 -41.44 22.76
N ASP D 200 -14.23 -42.18 22.20
CA ASP D 200 -15.35 -42.73 22.98
C ASP D 200 -14.87 -43.89 23.87
N ALA D 201 -13.78 -44.52 23.45
CA ALA D 201 -13.12 -45.56 24.27
C ALA D 201 -12.31 -44.97 25.45
N SER D 202 -12.62 -43.73 25.87
CA SER D 202 -11.95 -43.09 27.02
C SER D 202 -12.46 -43.69 28.31
N LYS D 203 -11.59 -44.39 29.02
CA LYS D 203 -11.92 -44.98 30.32
C LYS D 203 -10.79 -44.67 31.27
N SER D 204 -11.16 -44.27 32.48
CA SER D 204 -10.17 -44.23 33.55
C SER D 204 -9.81 -45.64 33.96
N ASP D 205 -8.71 -45.74 34.69
CA ASP D 205 -8.30 -46.99 35.32
C ASP D 205 -7.93 -46.78 36.79
N GLN D 206 -7.44 -47.83 37.43
CA GLN D 206 -7.16 -47.75 38.88
C GLN D 206 -6.14 -46.66 39.23
N VAL D 207 -5.16 -46.42 38.36
CA VAL D 207 -4.11 -45.43 38.64
C VAL D 207 -4.49 -44.02 38.16
N ILE D 208 -4.91 -43.93 36.91
CA ILE D 208 -5.15 -42.64 36.24
C ILE D 208 -6.60 -42.44 35.88
N GLN D 209 -7.10 -41.23 36.11
CA GLN D 209 -8.47 -40.88 35.76
C GLN D 209 -8.48 -39.99 34.52
N ARG D 210 -9.37 -40.32 33.59
CA ARG D 210 -9.46 -39.60 32.32
C ARG D 210 -10.85 -39.01 32.13
N PHE D 211 -10.90 -37.78 31.66
CA PHE D 211 -12.18 -37.08 31.45
C PHE D 211 -12.17 -36.40 30.09
N GLY D 212 -13.31 -35.88 29.69
CA GLY D 212 -13.46 -35.21 28.38
C GLY D 212 -13.07 -36.05 27.18
N ASN D 213 -13.42 -37.32 27.19
CA ASN D 213 -13.08 -38.25 26.11
C ASN D 213 -11.58 -38.42 25.94
N GLY D 214 -10.89 -38.48 27.07
CA GLY D 214 -9.42 -38.70 27.09
C GLY D 214 -8.61 -37.44 26.90
N THR D 215 -9.31 -36.33 26.72
CA THR D 215 -8.68 -35.03 26.52
C THR D 215 -8.05 -34.46 27.82
N ILE D 216 -8.52 -34.96 28.96
CA ILE D 216 -8.03 -34.60 30.28
C ILE D 216 -7.51 -35.84 31.01
N ILE D 217 -6.32 -35.70 31.60
CA ILE D 217 -5.68 -36.75 32.42
C ILE D 217 -5.58 -36.26 33.86
N LEU D 218 -5.65 -37.17 34.82
CA LEU D 218 -5.66 -36.81 36.26
C LEU D 218 -5.13 -37.89 37.20
N LYS D 219 -4.45 -37.44 38.26
CA LYS D 219 -3.81 -38.33 39.24
C LYS D 219 -3.76 -37.70 40.61
N LYS D 220 -3.83 -38.54 41.63
CA LYS D 220 -3.60 -38.12 43.01
C LYS D 220 -2.16 -38.46 43.31
N VAL D 221 -1.35 -37.47 43.67
CA VAL D 221 0.04 -37.74 44.07
C VAL D 221 0.38 -37.07 45.40
N LYS D 222 1.27 -37.69 46.17
CA LYS D 222 1.68 -37.12 47.45
C LYS D 222 2.97 -36.34 47.29
N ILE D 223 2.95 -35.13 47.82
CA ILE D 223 4.12 -34.27 47.81
C ILE D 223 4.62 -34.09 49.25
N PRO D 224 5.95 -34.21 49.46
CA PRO D 224 6.47 -34.08 50.82
C PRO D 224 6.42 -32.64 51.28
N GLU D 225 6.65 -32.43 52.57
CA GLU D 225 6.69 -31.08 53.10
C GLU D 225 7.93 -30.44 52.52
N ILE D 226 7.71 -29.45 51.67
CA ILE D 226 8.82 -28.74 51.04
C ILE D 226 9.00 -27.41 51.77
N LYS D 227 10.21 -27.16 52.26
CA LYS D 227 10.42 -26.03 53.16
C LYS D 227 10.74 -24.71 52.42
N GLN D 228 10.49 -23.59 53.08
CA GLN D 228 10.70 -22.26 52.50
C GLN D 228 12.18 -22.15 52.13
N GLY D 229 12.46 -21.86 50.87
CA GLY D 229 13.83 -21.72 50.38
C GLY D 229 14.12 -22.63 49.21
N ASN D 230 13.44 -23.77 49.16
CA ASN D 230 13.63 -24.72 48.08
C ASN D 230 12.91 -24.23 46.85
N THR D 231 13.40 -24.63 45.68
CA THR D 231 12.77 -24.28 44.39
C THR D 231 11.96 -25.45 43.83
N ILE D 232 10.98 -25.14 43.00
CA ILE D 232 10.14 -26.18 42.39
C ILE D 232 9.97 -25.97 40.89
N PHE D 233 10.06 -27.06 40.13
CA PHE D 233 9.87 -27.02 38.68
C PHE D 233 8.90 -28.09 38.19
N VAL D 234 8.38 -27.87 36.98
CA VAL D 234 7.44 -28.79 36.32
C VAL D 234 7.89 -29.09 34.91
N GLU D 235 8.45 -30.27 34.71
CA GLU D 235 8.91 -30.66 33.40
C GLU D 235 7.87 -31.51 32.69
N LEU D 236 7.61 -31.15 31.45
CA LEU D 236 6.63 -31.87 30.64
C LEU D 236 7.21 -32.06 29.25
N LYS D 237 7.19 -33.30 28.78
CA LYS D 237 7.61 -33.63 27.42
C LYS D 237 6.38 -34.00 26.62
N GLN D 238 6.36 -33.55 25.37
CA GLN D 238 5.19 -33.72 24.53
C GLN D 238 5.56 -34.10 23.11
N LYS D 239 4.69 -34.91 22.50
CA LYS D 239 4.93 -35.44 21.17
C LYS D 239 3.58 -35.86 20.56
N SER D 240 3.44 -35.68 19.26
CA SER D 240 2.17 -36.02 18.59
C SER D 240 2.08 -37.50 18.22
N ASN D 241 0.86 -38.01 18.30
CA ASN D 241 0.54 -39.41 18.00
C ASN D 241 -0.49 -39.49 16.91
N GLY D 242 -0.62 -38.41 16.15
CA GLY D 242 -1.58 -38.35 15.05
C GLY D 242 -2.13 -36.96 14.82
N ASP D 243 -2.37 -36.23 15.90
CA ASP D 243 -2.88 -34.86 15.80
C ASP D 243 -1.84 -33.90 15.23
N ALA D 244 -2.24 -33.16 14.20
CA ALA D 244 -1.34 -32.28 13.47
C ALA D 244 -1.50 -30.83 13.85
N TYR D 245 -2.28 -30.59 14.88
CA TYR D 245 -2.74 -29.26 15.13
C TYR D 245 -2.09 -28.58 16.32
N ASP D 246 -2.40 -27.30 16.36
CA ASP D 246 -1.75 -26.31 17.14
C ASP D 246 -2.50 -26.12 18.47
N ARG D 247 -2.47 -27.13 19.33
CA ARG D 247 -3.41 -27.22 20.46
C ARG D 247 -2.96 -26.48 21.70
N THR D 248 -3.94 -26.07 22.51
CA THR D 248 -3.63 -25.33 23.72
C THR D 248 -3.61 -26.34 24.86
N GLY D 249 -2.44 -26.47 25.44
CA GLY D 249 -2.23 -27.39 26.54
C GLY D 249 -2.23 -26.68 27.88
N ASP D 250 -2.27 -27.47 28.95
CA ASP D 250 -2.32 -26.90 30.29
C ASP D 250 -2.13 -27.94 31.38
N VAL D 251 -1.08 -27.77 32.17
CA VAL D 251 -0.79 -28.62 33.32
C VAL D 251 -1.36 -27.91 34.52
N PHE D 252 -2.21 -28.61 35.26
CA PHE D 252 -3.04 -27.94 36.25
C PHE D 252 -3.14 -28.70 37.55
N ILE D 253 -3.71 -28.03 38.52
CA ILE D 253 -3.82 -28.52 39.90
C ILE D 253 -5.17 -28.13 40.46
N ILE D 254 -5.83 -29.05 41.13
CA ILE D 254 -7.14 -28.74 41.71
C ILE D 254 -6.99 -28.50 43.21
N PRO D 255 -7.35 -27.29 43.68
CA PRO D 255 -7.36 -26.99 45.11
C PRO D 255 -8.72 -27.28 45.74
N GLN D 256 -8.71 -28.22 46.67
CA GLN D 256 -9.94 -28.67 47.32
C GLN D 256 -10.05 -28.06 48.71
N GLU D 257 -9.67 -26.80 48.80
CA GLU D 257 -9.59 -26.11 50.09
C GLU D 257 -10.98 -25.78 50.56
N ARG D 258 -11.86 -25.49 49.60
CA ARG D 258 -13.26 -25.14 49.88
C ARG D 258 -14.23 -26.23 49.45
N ALA D 259 -15.49 -25.98 49.76
CA ALA D 259 -16.60 -26.94 49.63
C ALA D 259 -16.68 -27.52 48.25
N ILE D 260 -16.71 -26.65 47.26
CA ILE D 260 -16.67 -27.09 45.87
C ILE D 260 -15.25 -26.93 45.29
N SER D 261 -14.93 -27.80 44.35
CA SER D 261 -13.67 -27.74 43.60
C SER D 261 -13.93 -28.09 42.14
N TYR D 262 -12.91 -27.88 41.32
CA TYR D 262 -12.99 -28.18 39.89
C TYR D 262 -13.23 -29.68 39.65
N TYR D 263 -12.70 -30.49 40.56
CA TYR D 263 -12.89 -31.95 40.55
C TYR D 263 -14.36 -32.32 40.64
N THR D 264 -15.11 -31.51 41.36
CA THR D 264 -16.55 -31.67 41.43
C THR D 264 -17.14 -31.53 40.03
N GLY D 265 -16.61 -30.58 39.30
CA GLY D 265 -17.00 -30.36 37.90
C GLY D 265 -16.70 -31.56 37.02
N LEU D 266 -15.50 -32.10 37.13
CA LEU D 266 -15.07 -33.25 36.32
C LEU D 266 -15.96 -34.46 36.56
N THR D 267 -16.27 -34.71 37.84
CA THR D 267 -17.00 -35.91 38.26
C THR D 267 -18.51 -35.78 38.02
N GLN D 268 -19.09 -34.69 38.50
CA GLN D 268 -20.54 -34.50 38.48
C GLN D 268 -21.06 -33.61 37.35
N GLY D 269 -20.18 -33.16 36.48
CA GLY D 269 -20.56 -32.29 35.36
C GLY D 269 -20.41 -30.82 35.69
N VAL D 270 -20.43 -30.00 34.64
CA VAL D 270 -20.28 -28.54 34.81
C VAL D 270 -21.50 -27.85 35.48
N LYS D 271 -22.58 -28.60 35.62
CA LYS D 271 -23.76 -28.11 36.32
C LYS D 271 -23.40 -27.76 37.76
N SER D 272 -22.58 -28.60 38.38
CA SER D 272 -22.26 -28.43 39.81
C SER D 272 -21.35 -27.24 40.10
N LEU D 273 -20.71 -26.71 39.05
CA LEU D 273 -19.87 -25.53 39.19
C LEU D 273 -20.69 -24.24 39.22
N PRO D 274 -20.20 -23.21 39.98
CA PRO D 274 -20.89 -21.92 40.05
C PRO D 274 -20.94 -21.19 38.73
N VAL D 275 -22.11 -20.65 38.41
CA VAL D 275 -22.33 -19.96 37.17
C VAL D 275 -21.87 -18.53 37.31
N TYR D 276 -20.99 -18.10 36.43
CA TYR D 276 -20.61 -16.70 36.34
C TYR D 276 -21.35 -16.02 35.20
N GLN D 277 -21.95 -14.87 35.48
CA GLN D 277 -22.67 -14.09 34.47
C GLN D 277 -22.21 -12.64 34.42
N ASN D 278 -22.20 -12.09 33.22
CA ASN D 278 -21.53 -10.85 32.91
C ASN D 278 -22.49 -9.76 32.46
N GLY D 279 -23.71 -10.14 32.12
CA GLY D 279 -24.69 -9.23 31.53
C GLY D 279 -24.62 -9.25 30.01
N ASN D 280 -23.56 -9.85 29.49
CA ASN D 280 -23.39 -10.01 28.05
C ASN D 280 -24.36 -11.00 27.39
N GLY D 281 -25.16 -11.69 28.20
CA GLY D 281 -26.19 -12.60 27.68
C GLY D 281 -25.83 -14.06 27.87
N LYS D 282 -24.56 -14.40 27.67
CA LYS D 282 -24.09 -15.78 27.86
C LYS D 282 -23.88 -16.09 29.36
N SER D 283 -23.53 -17.34 29.66
CA SER D 283 -23.09 -17.71 31.01
C SER D 283 -21.92 -18.70 30.97
N TYR D 284 -21.10 -18.66 32.02
CA TYR D 284 -19.84 -19.43 32.09
C TYR D 284 -19.70 -20.18 33.41
N GLN D 285 -18.94 -21.27 33.40
CA GLN D 285 -18.90 -22.20 34.54
C GLN D 285 -17.53 -22.34 35.17
N GLY D 286 -17.49 -22.25 36.51
CA GLY D 286 -16.26 -22.50 37.30
C GLY D 286 -15.12 -21.50 37.10
N VAL D 287 -15.49 -20.33 36.62
CA VAL D 287 -14.54 -19.31 36.16
C VAL D 287 -13.98 -18.49 37.31
N ALA D 288 -14.87 -18.06 38.20
CA ALA D 288 -14.50 -17.16 39.30
C ALA D 288 -14.56 -17.86 40.64
N LEU D 289 -13.90 -17.25 41.59
CA LEU D 289 -13.98 -17.66 42.99
C LEU D 289 -15.33 -17.27 43.61
N THR D 290 -15.83 -18.12 44.49
CA THR D 290 -17.03 -17.79 45.32
C THR D 290 -16.67 -18.06 46.80
N PRO D 291 -17.54 -17.66 47.73
CA PRO D 291 -17.30 -17.96 49.14
C PRO D 291 -16.95 -19.41 49.48
N ASP D 292 -17.48 -20.36 48.71
CA ASP D 292 -17.16 -21.78 48.93
C ASP D 292 -16.87 -22.53 47.64
N TYR D 293 -16.05 -21.91 46.79
CA TYR D 293 -15.50 -22.56 45.57
C TYR D 293 -14.17 -21.91 45.14
N LEU D 294 -13.25 -22.75 44.66
CA LEU D 294 -11.98 -22.28 44.08
C LEU D 294 -11.71 -22.79 42.66
N PRO D 295 -11.35 -21.89 41.74
CA PRO D 295 -11.01 -22.33 40.39
C PRO D 295 -9.63 -22.97 40.39
N PHE D 296 -9.37 -23.81 39.40
CA PHE D 296 -8.15 -24.58 39.40
C PHE D 296 -6.97 -23.70 39.08
N ILE D 297 -5.81 -24.13 39.54
CA ILE D 297 -4.55 -23.41 39.31
C ILE D 297 -3.79 -24.04 38.15
N GLU D 298 -3.33 -23.20 37.23
CA GLU D 298 -2.52 -23.65 36.09
C GLU D 298 -1.04 -23.63 36.45
N LEU D 299 -0.42 -24.80 36.58
CA LEU D 299 1.02 -24.86 36.83
C LEU D 299 1.78 -24.32 35.63
N MET D 300 1.31 -24.66 34.44
CA MET D 300 2.04 -24.34 33.23
C MET D 300 1.10 -24.37 32.05
N ARG D 301 0.88 -23.23 31.43
CA ARG D 301 0.11 -23.19 30.19
C ARG D 301 1.07 -23.25 29.04
N PHE D 302 0.85 -24.21 28.16
CA PHE D 302 1.75 -24.43 27.04
C PHE D 302 0.96 -24.66 25.77
N PHE D 303 1.68 -24.75 24.66
CA PHE D 303 1.06 -24.97 23.36
C PHE D 303 1.83 -25.96 22.51
N THR D 304 1.11 -26.92 21.95
CA THR D 304 1.75 -27.96 21.16
C THR D 304 2.06 -27.38 19.81
N PRO D 305 3.19 -27.81 19.25
CA PRO D 305 3.41 -27.51 17.86
C PRO D 305 2.54 -28.34 16.92
N PHE D 306 2.68 -28.03 15.63
CA PHE D 306 1.95 -28.73 14.59
C PHE D 306 2.51 -30.12 14.36
N GLY D 307 2.01 -31.07 15.15
CA GLY D 307 2.21 -32.51 14.90
C GLY D 307 3.65 -33.01 14.92
N ILE D 308 4.35 -32.67 15.99
CA ILE D 308 5.77 -33.03 16.10
C ILE D 308 5.91 -34.53 16.35
N GLY D 309 6.90 -35.11 15.68
CA GLY D 309 7.22 -36.53 15.80
C GLY D 309 6.46 -37.33 14.75
N HIS D 310 5.14 -37.36 14.90
CA HIS D 310 4.30 -38.13 14.01
C HIS D 310 4.47 -37.73 12.55
N PHE D 311 4.51 -36.44 12.27
CA PHE D 311 4.59 -35.96 10.89
C PHE D 311 6.00 -35.65 10.36
N ASN D 312 7.04 -36.12 11.04
CA ASN D 312 8.42 -35.78 10.65
C ASN D 312 8.84 -36.46 9.36
N GLU D 313 8.53 -37.74 9.25
CA GLU D 313 8.86 -38.51 8.05
C GLU D 313 7.86 -38.22 6.93
N LYS D 314 6.63 -37.88 7.30
CA LYS D 314 5.58 -37.58 6.31
C LYS D 314 5.74 -36.24 5.59
N ILE D 315 6.11 -35.21 6.34
CA ILE D 315 6.34 -33.87 5.76
C ILE D 315 7.82 -33.49 5.66
N GLN D 316 8.32 -33.44 4.43
CA GLN D 316 9.75 -33.24 4.18
C GLN D 316 10.01 -31.98 3.42
N LEU D 317 10.67 -31.04 4.09
CA LEU D 317 11.05 -29.77 3.49
C LEU D 317 12.55 -29.65 3.51
N LYS D 318 13.09 -29.16 2.40
CA LYS D 318 14.53 -29.13 2.20
C LYS D 318 15.20 -28.26 3.25
N GLY D 319 16.25 -28.80 3.86
CA GLY D 319 17.03 -28.07 4.89
C GLY D 319 16.31 -27.86 6.21
N LYS D 320 15.41 -28.77 6.56
CA LYS D 320 14.64 -28.70 7.80
C LYS D 320 14.58 -30.05 8.50
N ASN D 321 15.48 -30.28 9.44
CA ASN D 321 15.45 -31.46 10.31
C ASN D 321 14.55 -31.22 11.50
N TRP D 322 13.38 -31.85 11.51
CA TRP D 322 12.41 -31.63 12.59
C TRP D 322 12.93 -32.24 13.88
N HIS D 323 12.54 -31.66 15.00
CA HIS D 323 12.85 -32.23 16.30
C HIS D 323 11.89 -33.36 16.60
N ASN D 324 12.24 -34.23 17.53
CA ASN D 324 11.43 -35.42 17.83
C ASN D 324 10.33 -35.23 18.86
N ASN D 325 10.54 -34.31 19.80
CA ASN D 325 9.54 -33.98 20.81
C ASN D 325 9.78 -32.61 21.39
N THR D 326 8.78 -32.11 22.10
CA THR D 326 8.81 -30.76 22.63
C THR D 326 8.96 -30.73 24.14
N PRO D 327 10.01 -30.06 24.64
CA PRO D 327 10.17 -29.95 26.08
C PRO D 327 9.56 -28.68 26.62
N TYR D 328 9.06 -28.77 27.85
CA TYR D 328 8.58 -27.61 28.60
C TYR D 328 8.91 -27.73 30.09
N ARG D 329 9.61 -26.76 30.69
CA ARG D 329 9.57 -26.60 32.18
C ARG D 329 9.51 -25.18 32.68
N GLN D 330 8.72 -25.04 33.74
CA GLN D 330 8.45 -23.76 34.36
C GLN D 330 8.81 -23.82 35.83
N ASP D 331 9.42 -22.75 36.31
CA ASP D 331 9.74 -22.55 37.73
C ASP D 331 8.47 -22.15 38.44
N ILE D 332 8.02 -22.97 39.37
CA ILE D 332 6.77 -22.71 40.11
C ILE D 332 6.99 -22.65 41.61
N THR D 333 8.15 -22.13 42.00
CA THR D 333 8.48 -21.94 43.42
C THR D 333 7.43 -21.12 44.17
N GLU D 334 6.84 -20.16 43.46
CA GLU D 334 5.83 -19.26 44.04
C GLU D 334 4.58 -19.99 44.50
N LEU D 335 4.40 -21.22 44.02
CA LEU D 335 3.22 -22.05 44.37
C LEU D 335 3.49 -23.03 45.51
N ARG D 336 4.56 -22.79 46.25
CA ARG D 336 4.97 -23.69 47.32
C ARG D 336 3.82 -23.99 48.29
N PRO D 337 3.14 -22.95 48.81
CA PRO D 337 2.15 -23.20 49.87
C PRO D 337 1.03 -24.13 49.44
N GLN D 338 0.59 -24.07 48.20
CA GLN D 338 -0.46 -25.00 47.74
C GLN D 338 0.04 -26.43 47.56
N LEU D 339 1.34 -26.60 47.36
CA LEU D 339 1.91 -27.92 47.08
C LEU D 339 2.46 -28.63 48.32
N SER D 340 3.17 -27.88 49.16
CA SER D 340 3.94 -28.46 50.27
C SER D 340 3.09 -29.34 51.17
N GLY D 341 3.57 -30.55 51.40
CA GLY D 341 2.97 -31.49 52.36
C GLY D 341 1.54 -31.84 52.06
N LYS D 342 1.23 -31.91 50.76
CA LYS D 342 -0.15 -32.04 50.33
C LYS D 342 -0.35 -33.21 49.38
N GLU D 343 -1.50 -33.85 49.51
CA GLU D 343 -1.86 -34.96 48.64
C GLU D 343 -2.70 -34.39 47.50
N ILE D 344 -2.05 -33.61 46.65
CA ILE D 344 -2.75 -32.83 45.63
C ILE D 344 -3.11 -33.60 44.36
N LEU D 345 -4.19 -33.18 43.71
CA LEU D 345 -4.62 -33.72 42.42
C LEU D 345 -3.97 -32.97 41.24
N ILE D 346 -3.06 -33.64 40.54
CA ILE D 346 -2.42 -33.07 39.36
C ILE D 346 -3.00 -33.68 38.10
N GLY D 347 -3.08 -32.85 37.07
CA GLY D 347 -3.60 -33.27 35.78
C GLY D 347 -3.00 -32.54 34.61
N ALA D 348 -3.34 -33.04 33.42
CA ALA D 348 -2.86 -32.50 32.17
C ALA D 348 -4.02 -32.44 31.18
N PHE D 349 -4.09 -31.36 30.42
CA PHE D 349 -5.13 -31.18 29.43
C PHE D 349 -4.52 -30.80 28.09
N ILE D 350 -5.04 -31.38 27.02
CA ILE D 350 -4.74 -30.87 25.69
C ILE D 350 -5.99 -30.88 24.84
N GLY D 351 -6.50 -29.68 24.54
CA GLY D 351 -7.68 -29.51 23.68
C GLY D 351 -7.49 -30.16 22.33
N ASN D 352 -8.26 -31.22 22.06
CA ASN D 352 -7.94 -32.17 21.03
C ASN D 352 -9.16 -32.79 20.39
N TYR D 353 -9.07 -33.09 19.09
CA TYR D 353 -10.14 -33.76 18.34
C TYR D 353 -9.62 -34.93 17.51
N ASP D 354 -8.73 -35.72 18.08
CA ASP D 354 -8.03 -36.78 17.34
C ASP D 354 -8.02 -38.07 18.14
N LYS D 355 -8.06 -39.19 17.43
CA LYS D 355 -8.10 -40.50 18.09
C LYS D 355 -6.71 -40.87 18.55
N GLY D 356 -5.72 -40.60 17.69
CA GLY D 356 -4.31 -40.81 18.03
C GLY D 356 -3.83 -39.79 19.05
N GLY D 357 -4.00 -38.53 18.71
CA GLY D 357 -3.76 -37.44 19.65
C GLY D 357 -2.30 -37.12 19.96
N HIS D 358 -2.02 -36.96 21.25
CA HIS D 358 -0.68 -36.62 21.72
C HIS D 358 -0.22 -37.59 22.78
N GLN D 359 1.05 -37.47 23.13
CA GLN D 359 1.65 -38.30 24.15
C GLN D 359 2.51 -37.47 25.09
N ILE D 360 2.36 -37.73 26.37
CA ILE D 360 2.87 -36.85 27.41
C ILE D 360 3.73 -37.57 28.44
N SER D 361 4.70 -36.84 28.98
CA SER D 361 5.48 -37.32 30.15
C SER D 361 5.72 -36.18 31.13
N LEU D 362 5.09 -36.27 32.30
CA LEU D 362 5.12 -35.19 33.30
C LEU D 362 5.87 -35.54 34.57
N GLU D 363 6.68 -34.60 35.02
CA GLU D 363 7.43 -34.71 36.28
C GLU D 363 7.42 -33.41 37.03
N LEU D 364 7.43 -33.52 38.35
CA LEU D 364 7.77 -32.40 39.22
C LEU D 364 9.16 -32.60 39.80
N SER D 365 9.83 -31.52 40.15
CA SER D 365 11.14 -31.64 40.79
C SER D 365 11.32 -30.57 41.84
N ILE D 366 11.77 -31.00 43.02
CA ILE D 366 12.03 -30.11 44.15
C ILE D 366 13.51 -30.11 44.44
N HIS D 367 14.08 -28.94 44.59
CA HIS D 367 15.53 -28.82 44.74
C HIS D 367 15.93 -28.08 46.01
N PRO D 368 16.99 -28.56 46.69
CA PRO D 368 17.39 -28.04 47.99
C PRO D 368 18.18 -26.73 47.90
N ASP D 369 17.45 -25.64 47.71
CA ASP D 369 18.03 -24.31 47.66
C ASP D 369 17.68 -23.57 48.92
N GLN D 370 18.25 -22.37 49.04
CA GLN D 370 17.88 -21.44 50.12
C GLN D 370 17.57 -20.08 49.53
N GLN D 371 16.84 -20.04 48.42
CA GLN D 371 16.54 -18.78 47.72
C GLN D 371 15.66 -17.92 48.58
N LYS D 372 15.85 -16.60 48.47
CA LYS D 372 15.07 -15.67 49.28
C LYS D 372 14.62 -14.49 48.44
N ILE D 373 14.16 -14.83 47.25
CA ILE D 373 13.68 -13.89 46.28
C ILE D 373 12.16 -14.03 46.20
N VAL D 374 11.71 -15.24 45.96
CA VAL D 374 10.30 -15.58 45.98
C VAL D 374 9.94 -15.95 47.41
N ASN D 375 9.32 -15.00 48.11
CA ASN D 375 9.09 -15.14 49.56
C ASN D 375 7.64 -15.07 49.95
N ASN D 376 6.79 -15.48 49.02
CA ASN D 376 5.36 -15.47 49.26
C ASN D 376 4.98 -16.65 50.16
N ASN D 377 4.07 -16.35 51.07
CA ASN D 377 3.56 -17.27 52.08
C ASN D 377 2.16 -17.84 51.78
N PHE D 378 1.46 -17.17 50.88
CA PHE D 378 0.03 -17.32 50.71
C PHE D 378 -0.27 -17.46 49.22
N VAL D 379 -1.22 -18.32 48.90
CA VAL D 379 -1.64 -18.51 47.54
C VAL D 379 -3.16 -18.65 47.45
N LEU D 380 -3.80 -17.90 46.58
CA LEU D 380 -5.27 -17.94 46.45
C LEU D 380 -5.67 -17.84 44.99
N PRO D 381 -6.21 -18.91 44.41
CA PRO D 381 -6.67 -18.83 43.02
C PRO D 381 -7.92 -18.01 42.92
N VAL D 382 -7.87 -16.93 42.17
CA VAL D 382 -8.97 -15.98 42.13
C VAL D 382 -9.91 -16.26 40.97
N PHE D 383 -9.35 -16.38 39.77
CA PHE D 383 -10.15 -16.70 38.57
C PHE D 383 -9.38 -17.58 37.61
N ASN D 384 -10.10 -18.14 36.65
CA ASN D 384 -9.53 -19.00 35.62
C ASN D 384 -10.54 -19.27 34.52
N THR D 385 -10.44 -18.52 33.42
CA THR D 385 -11.40 -18.60 32.33
C THR D 385 -11.13 -19.73 31.37
N THR D 386 -9.94 -20.34 31.45
CA THR D 386 -9.57 -21.36 30.45
C THR D 386 -10.44 -22.58 30.68
N ASN D 387 -11.10 -23.01 29.60
CA ASN D 387 -12.00 -24.15 29.69
C ASN D 387 -11.28 -25.45 29.39
N VAL D 388 -10.73 -26.04 30.43
CA VAL D 388 -10.13 -27.37 30.34
C VAL D 388 -11.22 -28.39 29.95
N MET D 389 -12.43 -28.16 30.44
CA MET D 389 -13.58 -29.00 30.10
C MET D 389 -14.23 -28.56 28.77
N GLU D 390 -13.39 -28.38 27.77
CA GLU D 390 -13.82 -27.93 26.46
C GLU D 390 -14.67 -29.02 25.85
N MET D 391 -14.19 -30.27 25.95
CA MET D 391 -14.92 -31.42 25.42
C MET D 391 -15.76 -32.07 26.50
N ALA D 392 -16.28 -31.27 27.42
CA ALA D 392 -17.11 -31.78 28.51
C ALA D 392 -18.42 -31.03 28.61
N GLY D 393 -18.37 -29.72 28.39
CA GLY D 393 -19.57 -28.90 28.43
C GLY D 393 -19.29 -27.46 28.79
N GLN D 394 -18.05 -27.21 29.22
CA GLN D 394 -17.62 -25.87 29.63
C GLN D 394 -17.50 -25.00 28.41
N ASP D 395 -18.11 -23.82 28.46
CA ASP D 395 -18.08 -22.89 27.35
C ASP D 395 -16.73 -22.17 27.24
N TYR D 396 -16.47 -21.63 26.05
CA TYR D 396 -15.24 -20.88 25.78
C TYR D 396 -15.33 -19.52 26.41
N PRO D 397 -14.19 -18.95 26.83
CA PRO D 397 -14.20 -17.68 27.52
C PRO D 397 -14.42 -16.49 26.57
N THR D 398 -15.69 -16.23 26.31
CA THR D 398 -16.11 -15.12 25.44
C THR D 398 -16.74 -14.01 26.26
N MET D 399 -16.40 -13.97 27.55
CA MET D 399 -17.05 -13.04 28.49
C MET D 399 -16.61 -11.59 28.29
N PHE D 400 -15.39 -11.40 27.79
CA PHE D 400 -14.77 -10.06 27.65
C PHE D 400 -15.40 -9.21 26.57
N ASN D 401 -16.29 -9.88 25.84
CA ASN D 401 -17.31 -9.27 25.01
C ASN D 401 -17.94 -8.05 25.67
N SER D 402 -18.31 -8.21 26.93
CA SER D 402 -18.84 -7.12 27.75
C SER D 402 -17.75 -6.34 28.48
N ASP D 403 -18.14 -5.16 28.97
CA ASP D 403 -17.20 -4.26 29.65
C ASP D 403 -16.82 -4.73 31.05
N LYS D 404 -17.76 -5.34 31.77
CA LYS D 404 -17.48 -5.84 33.12
C LYS D 404 -16.37 -6.90 33.10
N GLY D 405 -16.32 -7.70 32.06
CA GLY D 405 -15.29 -8.73 31.92
C GLY D 405 -15.38 -9.78 33.02
N VAL D 406 -14.24 -10.01 33.69
CA VAL D 406 -14.17 -10.96 34.80
C VAL D 406 -13.98 -10.22 36.10
N GLU D 407 -15.08 -10.01 36.81
CA GLU D 407 -15.04 -9.35 38.10
C GLU D 407 -15.21 -10.38 39.20
N VAL D 408 -14.31 -10.33 40.19
CA VAL D 408 -14.31 -11.30 41.28
C VAL D 408 -14.19 -10.62 42.63
N GLU D 409 -15.24 -10.78 43.43
CA GLU D 409 -15.21 -10.35 44.82
C GLU D 409 -14.61 -11.48 45.65
N PHE D 410 -13.55 -11.18 46.38
CA PHE D 410 -13.00 -12.13 47.36
C PHE D 410 -12.73 -11.45 48.68
N ILE D 411 -12.53 -12.24 49.71
CA ILE D 411 -12.38 -11.71 51.07
C ILE D 411 -11.14 -12.28 51.79
N LEU D 412 -10.22 -11.40 52.18
CA LEU D 412 -9.00 -11.81 52.91
C LEU D 412 -9.24 -11.76 54.41
N THR D 413 -8.97 -12.87 55.08
CA THR D 413 -9.15 -12.94 56.53
C THR D 413 -8.01 -12.27 57.29
N LYS D 414 -6.82 -12.24 56.69
CA LYS D 414 -5.62 -11.63 57.31
C LYS D 414 -4.99 -10.65 56.35
N ASP D 415 -4.19 -9.71 56.87
CA ASP D 415 -3.52 -8.70 56.03
C ASP D 415 -2.45 -9.34 55.17
N LEU D 416 -2.16 -8.71 54.03
CA LEU D 416 -1.29 -9.31 53.01
C LEU D 416 -0.20 -8.37 52.46
N LYS D 417 1.06 -8.73 52.69
CA LYS D 417 2.20 -7.89 52.28
C LYS D 417 2.76 -8.30 50.91
N ASN D 418 3.24 -7.31 50.16
CA ASN D 418 3.82 -7.50 48.82
C ASN D 418 2.95 -8.38 47.95
N ALA D 419 1.67 -8.08 47.95
CA ALA D 419 0.73 -8.90 47.19
C ALA D 419 1.00 -8.69 45.74
N GLN D 420 0.71 -9.73 44.97
CA GLN D 420 0.80 -9.66 43.53
C GLN D 420 -0.08 -10.72 42.89
N LEU D 421 -0.35 -10.51 41.61
CA LEU D 421 -1.23 -11.37 40.87
C LEU D 421 -0.43 -12.12 39.83
N ARG D 422 -0.50 -13.44 39.90
CA ARG D 422 0.10 -14.29 38.87
C ARG D 422 -0.86 -14.44 37.65
N TYR D 423 -0.54 -13.74 36.57
CA TYR D 423 -1.47 -13.53 35.47
C TYR D 423 -1.01 -14.18 34.18
N ILE D 424 -1.77 -15.19 33.74
CA ILE D 424 -1.50 -15.84 32.45
C ILE D 424 -2.59 -15.54 31.43
N THR D 425 -2.17 -15.07 30.27
CA THR D 425 -3.08 -14.60 29.23
C THR D 425 -2.72 -15.13 27.86
N THR D 426 -3.72 -15.58 27.14
CA THR D 426 -3.55 -15.92 25.74
C THR D 426 -4.82 -15.59 25.01
N GLY D 427 -4.65 -14.92 23.87
CA GLY D 427 -5.77 -14.55 23.00
C GLY D 427 -5.99 -15.58 21.91
N HIS D 428 -7.25 -15.72 21.49
CA HIS D 428 -7.61 -16.75 20.52
C HIS D 428 -8.63 -16.28 19.51
N GLY D 429 -8.75 -17.06 18.45
CA GLY D 429 -9.55 -16.68 17.30
C GLY D 429 -8.70 -16.82 16.07
N GLY D 430 -8.76 -18.00 15.46
CA GLY D 430 -7.83 -18.37 14.39
C GLY D 430 -8.16 -17.83 13.02
N TRP D 431 -8.17 -16.50 12.89
CA TRP D 431 -8.25 -15.85 11.58
C TRP D 431 -7.71 -14.44 11.69
N GLY D 432 -7.42 -13.82 10.54
CA GLY D 432 -6.77 -12.51 10.47
C GLY D 432 -7.32 -11.41 11.38
N ALA D 433 -8.63 -11.34 11.52
CA ALA D 433 -9.26 -10.33 12.40
C ALA D 433 -9.58 -10.90 13.77
N GLY D 434 -9.27 -12.17 13.98
CA GLY D 434 -9.43 -12.79 15.30
C GLY D 434 -8.36 -12.38 16.32
N ASP D 435 -8.67 -12.58 17.60
CA ASP D 435 -7.77 -12.15 18.69
C ASP D 435 -6.52 -13.04 18.90
N GLU D 436 -6.39 -14.09 18.09
CA GLU D 436 -5.15 -14.85 18.10
C GLU D 436 -4.03 -14.08 17.44
N PHE D 437 -4.36 -13.31 16.41
CA PHE D 437 -3.37 -12.52 15.64
C PHE D 437 -3.58 -11.02 15.71
N VAL D 438 -4.33 -10.56 16.68
CA VAL D 438 -4.54 -9.12 16.88
C VAL D 438 -4.23 -8.69 18.33
N PRO D 439 -3.36 -7.66 18.52
CA PRO D 439 -3.05 -7.21 19.87
C PRO D 439 -4.22 -6.54 20.57
N LYS D 440 -4.47 -6.93 21.81
CA LYS D 440 -5.52 -6.30 22.61
C LYS D 440 -5.02 -6.00 24.03
N GLU D 441 -5.28 -4.79 24.50
CA GLU D 441 -4.80 -4.35 25.80
C GLU D 441 -5.61 -5.01 26.90
N ASN D 442 -4.91 -5.78 27.72
CA ASN D 442 -5.48 -6.38 28.93
C ASN D 442 -5.38 -5.36 30.04
N SER D 443 -6.48 -5.13 30.76
CA SER D 443 -6.49 -4.20 31.87
C SER D 443 -6.92 -4.90 33.15
N ILE D 444 -6.07 -4.82 34.17
CA ILE D 444 -6.35 -5.40 35.48
C ILE D 444 -6.66 -4.28 36.47
N TYR D 445 -7.82 -4.36 37.10
CA TYR D 445 -8.23 -3.39 38.11
C TYR D 445 -8.22 -4.05 39.48
N LEU D 446 -7.90 -3.25 40.48
CA LEU D 446 -7.93 -3.70 41.85
C LEU D 446 -8.71 -2.70 42.68
N ASP D 447 -9.77 -3.18 43.30
CA ASP D 447 -10.67 -2.35 44.10
C ASP D 447 -11.09 -1.14 43.31
N GLY D 448 -11.38 -1.32 42.03
CA GLY D 448 -11.89 -0.24 41.19
C GLY D 448 -10.84 0.60 40.48
N LYS D 449 -9.68 0.76 41.10
CA LYS D 449 -8.60 1.51 40.47
C LYS D 449 -7.84 0.64 39.46
N LEU D 450 -7.40 1.24 38.36
CA LEU D 450 -6.62 0.53 37.33
C LEU D 450 -5.26 0.16 37.90
N ALA D 451 -4.96 -1.13 38.04
CA ALA D 451 -3.70 -1.58 38.66
C ALA D 451 -2.58 -1.74 37.63
N HIS D 452 -2.93 -2.33 36.50
CA HIS D 452 -1.94 -2.66 35.47
C HIS D 452 -2.62 -2.83 34.14
N ALA D 453 -1.99 -2.32 33.10
CA ALA D 453 -2.51 -2.44 31.75
C ALA D 453 -1.37 -2.73 30.80
N PHE D 454 -1.48 -3.81 30.05
CA PHE D 454 -0.48 -4.15 29.05
C PHE D 454 -1.09 -4.92 27.90
N THR D 455 -0.39 -4.91 26.78
CA THR D 455 -0.88 -5.60 25.59
C THR D 455 0.02 -6.82 25.31
N PRO D 456 -0.47 -8.04 25.65
CA PRO D 456 0.33 -9.25 25.53
C PRO D 456 0.50 -9.67 24.08
N TRP D 457 1.75 -9.76 23.65
CA TRP D 457 2.04 -10.03 22.25
C TRP D 457 3.45 -10.60 22.07
N ARG D 458 3.51 -11.79 21.49
CA ARG D 458 4.77 -12.48 21.21
C ARG D 458 5.11 -12.37 19.76
N THR D 459 6.39 -12.22 19.51
CA THR D 459 6.87 -11.73 18.25
C THR D 459 8.09 -12.55 17.82
N ASP D 460 8.21 -13.77 18.34
CA ASP D 460 9.40 -14.61 18.14
C ASP D 460 9.06 -16.05 17.79
N CYS D 461 7.87 -16.26 17.25
CA CYS D 461 7.35 -17.61 17.04
C CYS D 461 8.12 -18.32 15.93
N GLY D 462 8.67 -17.51 15.04
CA GLY D 462 9.45 -18.05 13.93
C GLY D 462 10.71 -18.81 14.35
N SER D 463 11.13 -18.62 15.59
CA SER D 463 12.33 -19.27 16.13
C SER D 463 12.10 -20.75 16.38
N TYR D 464 10.85 -21.16 16.42
CA TYR D 464 10.48 -22.55 16.77
C TYR D 464 9.95 -23.38 15.58
N ARG D 465 10.45 -23.05 14.40
CA ARG D 465 9.96 -23.65 13.17
C ARG D 465 10.19 -25.15 13.14
N LEU D 466 11.35 -25.58 13.60
CA LEU D 466 11.75 -27.00 13.47
C LEU D 466 10.99 -27.86 14.44
N PHE D 467 10.28 -27.24 15.37
CA PHE D 467 9.35 -28.01 16.20
C PHE D 467 8.03 -28.28 15.48
N ASN D 468 7.74 -27.52 14.42
CA ASN D 468 6.45 -27.60 13.77
C ASN D 468 6.56 -28.08 12.33
N PRO D 469 6.54 -29.40 12.15
CA PRO D 469 6.60 -29.98 10.81
C PRO D 469 5.31 -29.81 10.03
N ALA D 470 4.18 -29.89 10.71
CA ALA D 470 2.88 -29.85 10.02
C ALA D 470 2.24 -28.45 10.01
N SER D 471 3.08 -27.44 10.06
CA SER D 471 2.59 -26.06 10.01
C SER D 471 2.23 -25.69 8.58
N GLY D 472 1.05 -25.10 8.41
CA GLY D 472 0.56 -24.72 7.09
C GLY D 472 1.39 -23.62 6.47
N ASN D 473 1.84 -23.83 5.24
CA ASN D 473 2.64 -22.82 4.54
C ASN D 473 1.81 -21.98 3.61
N PHE D 474 1.91 -20.66 3.77
CA PHE D 474 1.08 -19.71 3.02
C PHE D 474 1.79 -19.23 1.78
N GLU D 475 1.01 -18.58 0.92
CA GLU D 475 1.50 -18.08 -0.37
C GLU D 475 2.52 -16.95 -0.24
N ASP D 476 2.48 -16.26 0.89
CA ASP D 476 3.42 -15.15 1.16
C ASP D 476 4.79 -15.60 1.68
N GLY D 477 5.03 -16.92 1.79
CA GLY D 477 6.35 -17.44 2.20
C GLY D 477 6.48 -17.76 3.69
N LEU D 478 5.56 -17.23 4.49
CA LEU D 478 5.49 -17.53 5.93
C LEU D 478 4.79 -18.85 6.24
N SER D 479 5.18 -19.47 7.35
CA SER D 479 4.47 -20.65 7.86
C SER D 479 3.62 -20.22 9.03
N SER D 480 2.58 -21.00 9.30
CA SER D 480 1.62 -20.69 10.38
C SER D 480 2.33 -20.50 11.75
N SER D 481 3.31 -21.35 12.02
CA SER D 481 4.04 -21.30 13.29
C SER D 481 4.94 -20.08 13.43
N ASP D 482 5.20 -19.37 12.34
CA ASP D 482 6.06 -18.19 12.38
C ASP D 482 5.32 -16.92 12.81
N LEU D 483 4.00 -16.95 12.70
CA LEU D 483 3.20 -15.73 12.84
C LEU D 483 3.21 -15.23 14.27
N SER D 484 3.29 -13.91 14.43
CA SER D 484 3.20 -13.28 15.75
C SER D 484 1.77 -13.42 16.28
N ARG D 485 1.66 -13.70 17.57
CA ARG D 485 0.36 -13.99 18.20
C ARG D 485 0.19 -13.31 19.53
N SER D 486 -1.04 -13.37 20.03
CA SER D 486 -1.40 -12.79 21.32
C SER D 486 -0.88 -13.65 22.47
N ASN D 487 0.43 -13.52 22.69
CA ASN D 487 1.13 -13.99 23.90
C ASN D 487 1.43 -15.48 23.97
N TRP D 488 1.44 -16.12 22.79
CA TRP D 488 1.81 -17.53 22.72
C TRP D 488 2.36 -17.92 21.36
N CYS D 489 3.28 -18.88 21.35
CA CYS D 489 3.75 -19.49 20.10
C CYS D 489 3.60 -21.00 20.19
N PRO D 490 3.40 -21.67 19.04
CA PRO D 490 3.35 -23.12 18.98
C PRO D 490 4.64 -23.79 19.37
N GLY D 491 4.54 -24.68 20.36
CA GLY D 491 5.70 -25.39 20.92
C GLY D 491 6.39 -24.70 22.08
N THR D 492 5.73 -23.75 22.73
CA THR D 492 6.33 -23.01 23.84
C THR D 492 5.37 -22.69 24.98
N ILE D 493 5.96 -22.47 26.16
CA ILE D 493 5.21 -22.03 27.33
C ILE D 493 4.86 -20.56 27.16
N THR D 494 3.76 -20.11 27.77
CA THR D 494 3.53 -18.66 27.97
C THR D 494 3.76 -18.31 29.45
N ASN D 495 4.64 -17.36 29.67
CA ASN D 495 5.04 -16.98 31.02
C ASN D 495 3.96 -16.21 31.73
N PRO D 496 3.74 -16.52 33.01
CA PRO D 496 2.89 -15.67 33.77
C PRO D 496 3.56 -14.32 33.96
N VAL D 497 2.74 -13.30 34.05
CA VAL D 497 3.17 -11.99 34.42
C VAL D 497 2.86 -11.85 35.90
N TYR D 498 3.81 -11.35 36.67
CA TYR D 498 3.60 -11.09 38.08
C TYR D 498 3.32 -9.62 38.35
N ILE D 499 2.04 -9.31 38.44
CA ILE D 499 1.57 -7.94 38.60
C ILE D 499 1.60 -7.53 40.07
N ASN D 500 2.37 -6.50 40.40
CA ASN D 500 2.43 -5.99 41.78
C ASN D 500 1.15 -5.27 42.16
N LEU D 501 0.60 -5.63 43.31
CA LEU D 501 -0.60 -4.98 43.84
C LEU D 501 -0.33 -4.21 45.12
N GLY D 502 0.91 -4.23 45.59
CA GLY D 502 1.26 -3.55 46.83
C GLY D 502 0.70 -4.30 48.02
N ASN D 503 0.46 -3.60 49.13
CA ASN D 503 -0.06 -4.27 50.33
C ASN D 503 -1.56 -4.22 50.37
N LEU D 504 -2.19 -5.32 50.78
CA LEU D 504 -3.65 -5.41 50.89
C LEU D 504 -4.14 -5.67 52.31
N ASN D 505 -5.09 -4.88 52.76
CA ASN D 505 -5.67 -5.06 54.08
C ASN D 505 -6.64 -6.21 54.08
N ALA D 506 -6.95 -6.72 55.27
CA ALA D 506 -7.92 -7.79 55.40
C ALA D 506 -9.28 -7.23 55.02
N GLY D 507 -10.17 -8.11 54.60
CA GLY D 507 -11.54 -7.71 54.29
C GLY D 507 -11.89 -7.90 52.83
N LYS D 508 -12.93 -7.20 52.38
CA LYS D 508 -13.40 -7.32 51.00
C LYS D 508 -12.47 -6.61 50.03
N HIS D 509 -12.17 -7.30 48.95
CA HIS D 509 -11.37 -6.77 47.87
C HIS D 509 -11.92 -7.29 46.55
N THR D 510 -12.01 -6.41 45.57
CA THR D 510 -12.49 -6.78 44.25
C THR D 510 -11.40 -6.61 43.24
N ILE D 511 -11.38 -7.57 42.32
CA ILE D 511 -10.43 -7.58 41.21
C ILE D 511 -11.12 -7.90 39.88
N GLN D 512 -10.73 -7.17 38.87
CA GLN D 512 -11.44 -7.15 37.62
C GLN D 512 -10.45 -7.20 36.48
N VAL D 513 -10.86 -7.87 35.40
CA VAL D 513 -10.07 -7.96 34.18
C VAL D 513 -10.92 -7.53 32.99
N LYS D 514 -10.48 -6.52 32.27
CA LYS D 514 -11.20 -6.04 31.11
C LYS D 514 -10.33 -6.21 29.85
N ILE D 515 -10.94 -6.72 28.78
CA ILE D 515 -10.27 -6.89 27.49
C ILE D 515 -11.22 -6.53 26.33
N PRO D 516 -10.75 -5.72 25.35
CA PRO D 516 -11.55 -5.38 24.18
C PRO D 516 -11.60 -6.53 23.20
N GLN D 517 -12.52 -7.44 23.47
CA GLN D 517 -12.62 -8.67 22.72
C GLN D 517 -13.12 -8.36 21.33
N GLY D 518 -12.57 -9.06 20.34
CA GLY D 518 -12.96 -8.87 18.94
C GLY D 518 -14.28 -9.56 18.60
N ALA D 519 -15.02 -9.00 17.65
CA ALA D 519 -16.33 -9.56 17.29
C ALA D 519 -16.18 -10.87 16.51
N PRO D 520 -17.20 -11.74 16.59
CA PRO D 520 -17.13 -12.98 15.80
C PRO D 520 -17.35 -12.70 14.33
N GLU D 521 -16.70 -13.48 13.46
CA GLU D 521 -16.85 -13.30 12.02
C GLU D 521 -17.93 -14.22 11.48
N GLY D 522 -17.68 -15.53 11.52
CA GLY D 522 -18.63 -16.51 11.02
C GLY D 522 -19.26 -17.18 12.22
N SER D 523 -19.02 -18.48 12.32
CA SER D 523 -19.21 -19.21 13.57
C SER D 523 -17.94 -19.13 14.44
N SER D 524 -16.90 -18.51 13.88
CA SER D 524 -15.64 -18.27 14.60
C SER D 524 -15.76 -17.13 15.60
N GLN D 525 -15.34 -17.41 16.83
CA GLN D 525 -15.34 -16.43 17.91
C GLN D 525 -13.92 -16.19 18.46
N SER D 526 -13.69 -14.96 18.90
CA SER D 526 -12.50 -14.64 19.68
C SER D 526 -12.77 -14.86 21.18
N PHE D 527 -11.84 -15.54 21.85
CA PHE D 527 -11.97 -15.83 23.28
C PHE D 527 -10.61 -15.71 23.97
N TRP D 528 -10.64 -15.48 25.28
CA TRP D 528 -9.41 -15.21 26.04
C TRP D 528 -9.26 -16.12 27.25
N ASN D 529 -8.37 -17.09 27.09
CA ASN D 529 -7.95 -17.93 28.19
C ASN D 529 -7.07 -17.14 29.15
N VAL D 530 -7.57 -16.99 30.35
CA VAL D 530 -7.00 -16.08 31.33
C VAL D 530 -7.11 -16.63 32.74
N SER D 531 -5.99 -16.66 33.46
CA SER D 531 -6.00 -17.15 34.84
C SER D 531 -5.27 -16.19 35.75
N GLY D 532 -5.68 -16.21 37.02
CA GLY D 532 -5.18 -15.29 38.02
C GLY D 532 -5.08 -15.97 39.37
N VAL D 533 -3.92 -15.80 40.00
CA VAL D 533 -3.66 -16.38 41.32
C VAL D 533 -3.03 -15.34 42.21
N LEU D 534 -3.60 -15.18 43.40
CA LEU D 534 -3.15 -14.13 44.33
C LEU D 534 -2.04 -14.64 45.22
N LEU D 535 -0.92 -13.94 45.20
CA LEU D 535 0.23 -14.26 46.04
C LEU D 535 0.50 -13.16 47.06
N GLY D 536 1.17 -13.52 48.14
CA GLY D 536 1.57 -12.53 49.16
C GLY D 536 2.14 -13.14 50.43
N GLN D 537 2.34 -12.29 51.43
CA GLN D 537 2.89 -12.72 52.74
C GLN D 537 1.94 -12.36 53.83
N GLU D 538 1.39 -13.38 54.48
CA GLU D 538 0.48 -13.16 55.58
C GLU D 538 1.32 -12.87 56.83
#